data_3RWT
#
_entry.id   3RWT
#
_cell.length_a   71.457
_cell.length_b   71.441
_cell.length_c   367.727
_cell.angle_alpha   90.000
_cell.angle_beta   90.000
_cell.angle_gamma   90.000
#
_symmetry.space_group_name_H-M   'P 21 21 21'
#
loop_
_entity.id
_entity.type
_entity.pdbx_description
1 polymer 'Fluorescent protein FP480,Fluorescent protein FP480'
2 non-polymer 'MAGNESIUM ION'
3 water water
#
_entity_poly.entity_id   1
_entity_poly.type   'polypeptide(L)'
_entity_poly.pdbx_seq_one_letter_code
;EFLEGRSDMALKLVGGGHLICNLKTTYRSKKPAKNLKMPGVYYVDRRLERIKEADKETYVEQHEVAVARYCDLPSKLGHK
GGTGGSMSELITENMHMKLYMEGTVNNHHFKCTSEGEGKPYEGTQTMRIKVVEGGPLPFAFDILATSF(NRQ)SKTFINH
TQGIPDFFKQSFPEGFTWERVTTYEDGGVLTATQDTSLQDGCLIYNVKIRGVNFPSNGPVMQKKTLGWEASTEMLYPAD
;
_entity_poly.pdbx_strand_id   F,A,B,C,D,E,G,H
#
# COMPACT_ATOMS: atom_id res chain seq x y z
N GLU A 1 15.54 16.27 -25.41
CA GLU A 1 15.58 17.26 -24.32
C GLU A 1 15.32 16.57 -22.96
N PHE A 2 16.25 16.77 -22.02
CA PHE A 2 16.17 16.14 -20.69
C PHE A 2 16.73 17.03 -19.57
N LEU A 3 16.68 16.51 -18.34
CA LEU A 3 17.17 17.18 -17.14
C LEU A 3 18.44 16.58 -16.58
N GLU A 4 19.39 17.43 -16.21
CA GLU A 4 20.55 17.01 -15.44
C GLU A 4 20.41 17.57 -14.00
N GLY A 5 20.86 16.81 -13.00
CA GLY A 5 20.89 17.30 -11.63
C GLY A 5 22.29 17.30 -11.01
N ARG A 6 22.52 18.11 -9.98
CA ARG A 6 23.78 18.07 -9.24
C ARG A 6 23.48 18.27 -7.77
N SER A 7 23.99 17.38 -6.94
CA SER A 7 23.99 17.52 -5.47
C SER A 7 25.32 17.23 -4.75
N ASP A 8 25.54 17.87 -3.60
CA ASP A 8 26.52 17.37 -2.62
C ASP A 8 25.83 16.96 -1.31
N MET A 9 25.90 15.68 -0.98
CA MET A 9 25.33 15.13 0.23
C MET A 9 26.41 14.92 1.31
N ALA A 10 26.03 14.92 2.59
CA ALA A 10 26.99 14.61 3.64
C ALA A 10 26.59 13.35 4.40
N LEU A 11 27.52 12.42 4.57
CA LEU A 11 27.26 11.18 5.27
C LEU A 11 27.70 11.34 6.72
N LYS A 12 26.85 10.92 7.67
CA LYS A 12 27.19 11.02 9.07
C LYS A 12 28.12 9.85 9.47
N LEU A 13 29.20 10.18 10.18
CA LEU A 13 30.13 9.14 10.62
C LEU A 13 30.13 8.86 12.11
N VAL A 14 30.26 7.58 12.44
CA VAL A 14 30.52 7.16 13.81
C VAL A 14 31.67 7.99 14.32
N GLY A 15 31.39 8.78 15.35
CA GLY A 15 32.38 9.61 16.01
C GLY A 15 32.29 11.06 15.62
N GLY A 16 31.19 11.40 14.96
CA GLY A 16 31.02 12.72 14.42
C GLY A 16 31.73 12.87 13.11
N GLY A 17 31.49 13.99 12.45
CA GLY A 17 32.12 14.25 11.17
C GLY A 17 31.31 13.72 10.00
N HIS A 18 31.83 13.97 8.81
CA HIS A 18 31.13 13.63 7.57
C HIS A 18 32.07 13.26 6.47
N LEU A 19 31.56 12.44 5.55
CA LEU A 19 32.21 12.17 4.27
C LEU A 19 31.31 12.70 3.16
N ILE A 20 31.86 13.62 2.38
CA ILE A 20 31.11 14.22 1.30
C ILE A 20 31.19 13.43 0.03
N CYS A 21 30.11 13.47 -0.72
CA CYS A 21 30.15 12.94 -2.08
C CYS A 21 29.39 13.82 -3.08
N ASN A 22 29.64 13.63 -4.37
CA ASN A 22 29.07 14.48 -5.41
C ASN A 22 28.15 13.64 -6.29
N LEU A 23 26.95 14.17 -6.56
CA LEU A 23 25.96 13.50 -7.42
C LEU A 23 25.71 14.15 -8.75
N LYS A 24 26.10 13.46 -9.82
CA LYS A 24 25.78 13.90 -11.17
C LYS A 24 24.66 13.01 -11.76
N THR A 25 23.45 13.54 -11.93
CA THR A 25 22.35 12.72 -12.47
C THR A 25 21.77 13.23 -13.79
N THR A 26 21.45 12.33 -14.70
CA THR A 26 20.77 12.73 -15.93
C THR A 26 19.40 12.06 -15.96
N TYR A 27 18.34 12.87 -16.07
CA TYR A 27 16.95 12.37 -16.10
C TYR A 27 16.38 12.44 -17.49
N ARG A 28 15.97 11.29 -18.03
CA ARG A 28 15.52 11.20 -19.41
C ARG A 28 14.08 10.84 -19.51
N SER A 29 13.35 11.48 -20.40
CA SER A 29 11.94 11.14 -20.53
C SER A 29 11.72 10.13 -21.63
N LYS A 30 10.71 9.31 -21.47
CA LYS A 30 10.35 8.41 -22.52
C LYS A 30 9.21 9.00 -23.34
N LYS A 31 8.48 9.94 -22.74
CA LYS A 31 7.54 10.70 -23.52
C LYS A 31 8.29 11.67 -24.46
N PRO A 32 7.77 11.81 -25.68
CA PRO A 32 8.28 12.70 -26.76
C PRO A 32 8.33 14.20 -26.35
N ALA A 33 9.38 14.88 -26.81
CA ALA A 33 9.67 16.31 -26.50
C ALA A 33 8.55 17.36 -26.69
N LYS A 34 7.81 17.31 -27.80
CA LYS A 34 6.80 18.33 -28.07
C LYS A 34 5.74 18.37 -26.96
N ASN A 35 5.49 17.22 -26.33
CA ASN A 35 4.43 17.10 -25.33
C ASN A 35 4.86 17.35 -23.88
N LEU A 36 6.14 17.70 -23.67
CA LEU A 36 6.62 18.01 -22.32
C LEU A 36 6.71 19.51 -22.11
N LYS A 37 6.33 19.96 -20.92
CA LYS A 37 6.49 21.36 -20.51
C LYS A 37 7.75 21.49 -19.60
N MET A 38 8.92 21.71 -20.22
CA MET A 38 10.21 21.81 -19.53
C MET A 38 10.29 22.85 -18.42
N PRO A 39 10.85 22.48 -17.26
CA PRO A 39 11.10 23.50 -16.24
C PRO A 39 12.27 24.40 -16.63
N GLY A 40 12.54 25.42 -15.83
CA GLY A 40 13.78 26.18 -15.90
C GLY A 40 14.67 25.71 -14.79
N VAL A 41 15.78 26.41 -14.54
CA VAL A 41 16.59 26.04 -13.38
C VAL A 41 15.83 26.05 -12.07
N TYR A 42 16.05 25.00 -11.29
CA TYR A 42 15.48 24.91 -9.97
C TYR A 42 16.15 24.00 -8.98
N TYR A 43 15.62 24.02 -7.77
CA TYR A 43 16.22 23.30 -6.64
C TYR A 43 15.29 22.37 -5.91
N VAL A 44 15.81 21.28 -5.39
CA VAL A 44 15.00 20.37 -4.56
C VAL A 44 15.66 20.18 -3.20
N ASP A 45 14.93 20.46 -2.13
CA ASP A 45 15.45 20.24 -0.79
C ASP A 45 14.87 18.92 -0.38
N ARG A 46 15.73 18.00 -0.01
CA ARG A 46 15.31 16.72 0.48
C ARG A 46 15.71 16.53 1.91
N ARG A 47 15.05 15.61 2.60
CA ARG A 47 15.63 15.06 3.82
C ARG A 47 15.34 13.57 3.80
N LEU A 48 16.37 12.73 3.71
CA LEU A 48 16.19 11.26 3.64
C LEU A 48 16.66 10.61 4.94
N GLU A 49 15.76 9.88 5.58
CA GLU A 49 15.99 9.39 6.92
C GLU A 49 15.65 7.92 7.05
N ARG A 50 16.54 7.18 7.70
CA ARG A 50 16.29 5.78 7.94
C ARG A 50 15.33 5.62 9.12
N ILE A 51 14.09 5.20 8.85
CA ILE A 51 13.12 4.93 9.93
C ILE A 51 13.52 3.72 10.79
N LYS A 52 13.45 2.52 10.21
CA LYS A 52 13.67 1.26 10.93
C LYS A 52 14.83 0.48 10.29
N GLU A 53 15.51 -0.34 11.08
CA GLU A 53 16.53 -1.24 10.53
C GLU A 53 16.58 -2.50 11.41
N ALA A 54 16.60 -3.66 10.76
CA ALA A 54 16.65 -4.95 11.44
C ALA A 54 17.58 -5.92 10.71
N ASP A 55 18.05 -6.94 11.42
CA ASP A 55 18.86 -8.00 10.81
C ASP A 55 20.13 -7.55 10.13
N LYS A 56 20.99 -6.81 10.82
CA LYS A 56 22.26 -6.38 10.24
C LYS A 56 22.04 -5.67 8.92
N GLU A 57 20.99 -4.86 8.84
CA GLU A 57 20.74 -4.10 7.62
C GLU A 57 20.09 -4.86 6.44
N THR A 58 19.49 -6.02 6.66
CA THR A 58 18.88 -6.75 5.56
C THR A 58 17.40 -6.32 5.39
N TYR A 59 16.93 -5.51 6.33
CA TYR A 59 15.64 -4.81 6.23
C TYR A 59 15.79 -3.31 6.61
N VAL A 60 15.34 -2.42 5.73
CA VAL A 60 15.43 -0.98 5.94
C VAL A 60 14.13 -0.35 5.48
N GLU A 61 13.61 0.56 6.28
CA GLU A 61 12.39 1.24 5.89
C GLU A 61 12.80 2.73 5.80
N GLN A 62 12.58 3.33 4.63
CA GLN A 62 13.04 4.69 4.34
C GLN A 62 11.95 5.68 4.17
N HIS A 63 12.14 6.86 4.73
CA HIS A 63 11.26 7.97 4.46
C HIS A 63 11.98 9.10 3.73
N GLU A 64 11.29 9.73 2.79
CA GLU A 64 11.80 10.89 2.06
C GLU A 64 10.73 11.95 1.93
N VAL A 65 11.15 13.19 2.16
CA VAL A 65 10.31 14.34 1.87
C VAL A 65 11.04 15.24 0.87
N ALA A 66 10.50 15.43 -0.33
CA ALA A 66 11.14 16.30 -1.32
C ALA A 66 10.28 17.52 -1.67
N VAL A 67 10.86 18.72 -1.55
CA VAL A 67 10.14 19.92 -1.96
C VAL A 67 10.99 20.83 -2.87
N ALA A 68 10.52 20.96 -4.11
CA ALA A 68 11.12 21.81 -5.13
C ALA A 68 10.72 23.27 -5.09
N ARG A 69 11.61 24.14 -5.54
CA ARG A 69 11.42 25.58 -5.49
C ARG A 69 12.24 26.30 -6.58
N TYR A 70 12.02 27.58 -6.75
CA TYR A 70 12.97 28.39 -7.48
C TYR A 70 13.70 29.22 -6.45
N CYS A 71 14.42 30.23 -6.89
CA CYS A 71 15.11 30.99 -5.89
C CYS A 71 14.22 32.05 -5.32
N ASP A 72 13.64 31.77 -4.14
CA ASP A 72 12.79 32.75 -3.46
C ASP A 72 13.40 34.17 -3.48
N LEU A 73 14.73 34.24 -3.39
CA LEU A 73 15.44 35.52 -3.28
C LEU A 73 15.23 36.47 -4.45
N PRO A 74 15.15 37.79 -4.15
CA PRO A 74 14.92 38.88 -5.10
C PRO A 74 16.11 39.02 -6.01
N SER A 75 15.90 39.37 -7.27
CA SER A 75 17.01 39.52 -8.17
C SER A 75 17.15 40.95 -8.74
N LYS A 76 18.36 41.52 -8.62
CA LYS A 76 18.64 42.87 -9.15
C LYS A 76 18.47 42.87 -10.68
N LEU A 77 18.12 41.72 -11.25
CA LEU A 77 17.88 41.62 -12.69
C LEU A 77 16.51 41.09 -13.07
N GLY A 78 16.32 40.83 -14.36
CA GLY A 78 15.02 40.44 -14.86
C GLY A 78 14.63 38.97 -14.70
N HIS A 79 15.44 38.16 -14.01
CA HIS A 79 15.14 36.72 -13.95
C HIS A 79 14.13 36.26 -12.89
N LYS A 80 12.89 36.12 -13.31
CA LYS A 80 11.84 35.59 -12.49
C LYS A 80 11.58 34.40 -13.38
N GLY A 81 11.66 33.17 -12.87
CA GLY A 81 11.31 32.06 -13.74
C GLY A 81 10.21 32.69 -14.56
N GLY A 82 9.08 32.94 -13.92
CA GLY A 82 8.75 32.21 -12.72
C GLY A 82 8.11 31.07 -13.48
N THR A 83 7.15 31.45 -14.32
CA THR A 83 6.47 30.50 -15.17
C THR A 83 5.81 29.47 -14.29
N GLY A 84 6.07 28.22 -14.59
CA GLY A 84 5.53 27.14 -13.81
C GLY A 84 4.19 26.73 -14.34
N GLY A 85 3.62 25.73 -13.67
CA GLY A 85 2.32 25.17 -14.00
C GLY A 85 2.42 23.88 -14.78
N SER A 86 2.15 22.77 -14.10
CA SER A 86 2.08 21.48 -14.77
C SER A 86 1.01 20.66 -14.08
N MET A 87 0.30 19.85 -14.88
CA MET A 87 -0.76 18.94 -14.41
C MET A 87 -0.60 17.54 -14.93
N SER A 88 -0.77 16.55 -14.06
CA SER A 88 -0.46 15.17 -14.42
C SER A 88 -1.54 14.23 -13.89
N GLU A 89 -2.53 13.98 -14.74
CA GLU A 89 -3.72 13.21 -14.37
C GLU A 89 -3.49 11.78 -13.88
N LEU A 90 -2.65 11.03 -14.60
CA LEU A 90 -2.40 9.60 -14.32
C LEU A 90 -1.87 9.29 -12.92
N ILE A 91 -1.12 10.25 -12.36
CA ILE A 91 -0.62 10.18 -10.98
C ILE A 91 -1.62 10.73 -9.98
N THR A 92 -2.28 9.82 -9.27
CA THR A 92 -3.14 10.11 -8.12
C THR A 92 -2.39 10.65 -6.88
N GLU A 93 -3.09 10.97 -5.81
CA GLU A 93 -2.43 11.49 -4.60
C GLU A 93 -2.10 10.45 -3.57
N ASN A 94 -2.41 9.23 -3.91
CA ASN A 94 -1.89 8.09 -3.21
C ASN A 94 -1.38 7.08 -4.21
N MET A 95 -0.07 6.90 -4.26
CA MET A 95 0.52 6.02 -5.24
C MET A 95 1.28 4.89 -4.57
N HIS A 96 1.28 3.72 -5.20
CA HIS A 96 1.99 2.54 -4.70
C HIS A 96 3.20 2.23 -5.60
N MET A 97 4.24 1.65 -5.02
CA MET A 97 5.46 1.38 -5.79
C MET A 97 6.13 0.08 -5.38
N LYS A 98 6.67 -0.61 -6.38
CA LYS A 98 7.37 -1.88 -6.23
C LYS A 98 8.68 -1.72 -6.98
N LEU A 99 9.75 -2.24 -6.38
CA LEU A 99 11.08 -2.05 -6.94
C LEU A 99 11.92 -3.33 -6.90
N TYR A 100 12.70 -3.48 -7.97
CA TYR A 100 13.69 -4.53 -8.06
C TYR A 100 15.04 -3.85 -8.31
N MET A 101 16.05 -4.29 -7.56
CA MET A 101 17.42 -3.77 -7.64
C MET A 101 18.44 -4.89 -7.71
N GLU A 102 19.49 -4.68 -8.51
CA GLU A 102 20.56 -5.64 -8.70
C GLU A 102 21.87 -4.93 -9.02
N GLY A 103 22.97 -5.38 -8.42
CA GLY A 103 24.29 -4.81 -8.68
C GLY A 103 25.47 -5.29 -7.82
N THR A 104 26.62 -4.65 -8.02
CA THR A 104 27.88 -5.05 -7.41
C THR A 104 28.50 -3.86 -6.72
N VAL A 105 29.09 -4.07 -5.56
CA VAL A 105 29.81 -3.01 -4.87
C VAL A 105 31.12 -3.60 -4.41
N ASN A 106 32.22 -3.20 -5.02
CA ASN A 106 33.52 -3.76 -4.66
C ASN A 106 33.58 -5.28 -4.79
N ASN A 107 33.20 -5.80 -5.95
CA ASN A 107 33.25 -7.24 -6.27
C ASN A 107 32.18 -8.09 -5.53
N HIS A 108 31.38 -7.43 -4.68
CA HIS A 108 30.34 -8.14 -3.95
C HIS A 108 28.97 -7.95 -4.60
N HIS A 109 28.34 -9.06 -5.00
CA HIS A 109 27.06 -9.05 -5.70
C HIS A 109 25.87 -9.13 -4.74
N PHE A 110 24.71 -8.57 -5.14
CA PHE A 110 23.49 -8.54 -4.30
C PHE A 110 22.21 -8.16 -5.06
N LYS A 111 21.06 -8.53 -4.50
CA LYS A 111 19.75 -8.16 -5.06
C LYS A 111 18.83 -7.62 -3.96
N CYS A 112 17.98 -6.64 -4.31
CA CYS A 112 17.07 -6.02 -3.34
C CYS A 112 15.68 -5.87 -3.92
N THR A 113 14.66 -6.06 -3.10
CA THR A 113 13.29 -5.70 -3.52
C THR A 113 12.77 -4.76 -2.47
N SER A 114 11.80 -3.95 -2.85
CA SER A 114 11.17 -3.05 -1.89
C SER A 114 9.79 -2.72 -2.41
N GLU A 115 8.90 -2.35 -1.51
CA GLU A 115 7.59 -1.88 -1.93
C GLU A 115 7.27 -0.69 -1.03
N GLY A 116 6.54 0.28 -1.54
CA GLY A 116 6.23 1.44 -0.71
C GLY A 116 5.09 2.27 -1.24
N GLU A 117 4.73 3.25 -0.43
CA GLU A 117 3.66 4.16 -0.79
C GLU A 117 3.91 5.58 -0.30
N GLY A 118 3.41 6.54 -1.07
CA GLY A 118 3.52 7.93 -0.69
C GLY A 118 2.60 8.87 -1.45
N LYS A 119 2.72 10.15 -1.10
CA LYS A 119 1.86 11.17 -1.67
C LYS A 119 2.68 12.11 -2.56
N PRO A 120 2.67 11.83 -3.87
CA PRO A 120 3.52 12.46 -4.90
C PRO A 120 3.49 13.99 -4.82
N TYR A 121 2.29 14.56 -4.73
CA TYR A 121 2.07 16.01 -4.73
C TYR A 121 2.44 16.70 -3.39
N GLU A 122 2.41 15.93 -2.31
CA GLU A 122 2.82 16.42 -1.00
C GLU A 122 4.35 16.30 -0.81
N GLY A 123 4.97 15.48 -1.66
CA GLY A 123 6.41 15.26 -1.62
C GLY A 123 6.99 14.26 -0.65
N THR A 124 6.14 13.37 -0.15
CA THR A 124 6.56 12.38 0.83
C THR A 124 6.47 10.94 0.30
N GLN A 125 7.23 10.02 0.87
CA GLN A 125 7.13 8.64 0.44
C GLN A 125 7.80 7.75 1.46
N THR A 126 7.41 6.47 1.44
CA THR A 126 8.09 5.46 2.24
C THR A 126 8.40 4.22 1.45
N MET A 127 9.51 3.61 1.85
CA MET A 127 10.05 2.44 1.20
C MET A 127 10.41 1.42 2.24
N ARG A 128 9.86 0.24 2.08
CA ARG A 128 10.19 -0.89 2.94
C ARG A 128 11.09 -1.81 2.12
N ILE A 129 12.34 -2.01 2.51
CA ILE A 129 13.33 -2.58 1.59
C ILE A 129 13.90 -3.89 2.14
N LYS A 130 13.96 -4.92 1.29
CA LYS A 130 14.42 -6.23 1.71
C LYS A 130 15.66 -6.53 0.89
N VAL A 131 16.75 -6.91 1.55
CA VAL A 131 17.93 -7.50 0.90
C VAL A 131 17.74 -8.99 0.67
N VAL A 132 17.51 -9.37 -0.58
CA VAL A 132 17.12 -10.75 -0.90
C VAL A 132 18.24 -11.72 -1.30
N GLU A 133 19.45 -11.21 -1.50
CA GLU A 133 20.57 -12.05 -1.93
C GLU A 133 21.85 -11.35 -1.51
N GLY A 134 22.75 -12.08 -0.86
CA GLY A 134 24.06 -11.56 -0.56
C GLY A 134 24.01 -10.68 0.69
N GLY A 135 23.02 -10.94 1.55
CA GLY A 135 23.02 -10.36 2.88
C GLY A 135 23.68 -11.32 3.86
N PRO A 136 24.31 -10.78 4.92
CA PRO A 136 24.40 -9.36 5.24
C PRO A 136 25.44 -8.67 4.36
N LEU A 137 25.13 -7.47 3.87
CA LEU A 137 26.10 -6.69 3.11
C LEU A 137 27.33 -6.27 3.91
N PRO A 138 28.51 -6.37 3.30
CA PRO A 138 29.73 -6.00 4.01
C PRO A 138 29.99 -4.50 3.89
N PHE A 139 29.05 -3.76 3.26
CA PHE A 139 29.13 -2.30 3.11
C PHE A 139 27.92 -1.54 3.70
N ALA A 140 28.17 -0.31 4.13
CA ALA A 140 27.15 0.59 4.70
C ALA A 140 25.94 0.74 3.75
N PHE A 141 24.74 0.42 4.24
CA PHE A 141 23.55 0.44 3.38
C PHE A 141 23.39 1.85 2.77
N ASP A 142 23.71 2.86 3.57
CA ASP A 142 23.66 4.27 3.16
C ASP A 142 23.94 4.56 1.69
N ILE A 143 25.00 3.97 1.14
CA ILE A 143 25.44 4.27 -0.22
C ILE A 143 24.41 3.84 -1.28
N LEU A 144 23.35 3.19 -0.80
CA LEU A 144 22.26 2.69 -1.64
C LEU A 144 21.00 3.58 -1.45
N ALA A 145 20.98 4.35 -0.38
CA ALA A 145 19.83 5.14 -0.02
C ALA A 145 19.17 5.89 -1.17
N THR A 146 19.99 6.66 -1.89
CA THR A 146 19.56 7.40 -3.06
C THR A 146 19.16 6.61 -4.29
N SER A 147 18.91 5.31 -4.19
CA SER A 147 18.68 4.58 -5.44
C SER A 147 17.32 3.94 -5.46
N PHE A 148 16.63 3.99 -4.33
CA PHE A 148 15.31 3.45 -4.24
C PHE A 148 14.33 4.55 -4.74
N SER A 150 13.27 8.13 -6.21
CA SER A 150 11.86 8.05 -6.52
C SER A 150 11.38 9.41 -6.91
N LYS A 151 11.62 9.79 -8.15
CA LYS A 151 11.43 11.17 -8.59
C LYS A 151 9.97 11.66 -8.71
N THR A 152 9.03 10.73 -8.79
CA THR A 152 7.63 11.08 -8.90
C THR A 152 7.10 11.78 -7.64
N PHE A 153 7.67 11.47 -6.49
CA PHE A 153 7.20 12.06 -5.23
C PHE A 153 7.93 13.31 -4.79
N ILE A 154 8.16 14.21 -5.73
CA ILE A 154 8.64 15.53 -5.44
C ILE A 154 7.49 16.51 -5.54
N ASN A 155 7.20 17.14 -4.41
CA ASN A 155 6.23 18.22 -4.34
C ASN A 155 6.69 19.43 -5.13
N HIS A 156 6.26 19.54 -6.38
CA HIS A 156 6.55 20.77 -7.11
C HIS A 156 5.50 21.84 -6.77
N THR A 157 5.88 22.74 -5.85
CA THR A 157 5.10 23.91 -5.49
C THR A 157 5.62 25.01 -6.36
N GLN A 158 5.20 26.22 -6.08
CA GLN A 158 5.65 27.39 -6.80
C GLN A 158 5.36 27.28 -8.29
N GLY A 159 4.78 26.17 -8.68
CA GLY A 159 4.34 26.00 -10.05
C GLY A 159 5.37 25.45 -11.02
N ILE A 160 6.50 24.97 -10.52
CA ILE A 160 7.50 24.42 -11.40
C ILE A 160 6.88 23.29 -12.17
N PRO A 161 7.08 23.28 -13.47
CA PRO A 161 6.58 22.23 -14.35
C PRO A 161 7.23 20.95 -13.90
N ASP A 162 6.39 19.96 -13.61
CA ASP A 162 6.84 18.67 -13.12
C ASP A 162 7.22 17.69 -14.22
N PHE A 163 8.53 17.61 -14.45
CA PHE A 163 9.12 16.84 -15.53
C PHE A 163 8.95 15.33 -15.36
N PHE A 164 8.74 14.88 -14.12
CA PHE A 164 8.67 13.45 -13.83
C PHE A 164 7.28 12.95 -13.95
N LYS A 165 6.36 13.77 -13.45
CA LYS A 165 4.96 13.43 -13.52
C LYS A 165 4.42 13.60 -14.93
N GLN A 166 4.95 14.57 -15.66
CA GLN A 166 4.55 14.76 -17.04
C GLN A 166 4.87 13.53 -17.91
N SER A 167 6.01 12.88 -17.67
CA SER A 167 6.44 11.73 -18.48
C SER A 167 5.39 10.61 -18.66
N PHE A 168 4.56 10.38 -17.65
CA PHE A 168 3.60 9.29 -17.73
C PHE A 168 2.55 9.43 -18.82
N PRO A 169 2.21 8.30 -19.49
CA PRO A 169 2.55 6.92 -19.10
C PRO A 169 3.91 6.36 -19.53
N GLU A 170 4.48 6.88 -20.61
CA GLU A 170 5.75 6.38 -21.13
C GLU A 170 6.73 6.04 -20.01
N GLY A 171 6.92 6.96 -19.07
CA GLY A 171 7.86 6.74 -18.00
C GLY A 171 9.11 7.57 -18.18
N PHE A 172 10.09 7.38 -17.30
CA PHE A 172 11.37 8.06 -17.41
C PHE A 172 12.45 7.15 -16.89
N THR A 173 13.68 7.36 -17.36
CA THR A 173 14.85 6.71 -16.77
C THR A 173 15.69 7.75 -16.04
N TRP A 174 16.54 7.27 -15.14
CA TRP A 174 17.66 8.08 -14.70
C TRP A 174 19.00 7.34 -14.63
N GLU A 175 20.07 8.09 -14.58
CA GLU A 175 21.38 7.51 -14.48
C GLU A 175 22.31 8.50 -13.80
N ARG A 176 23.02 7.98 -12.80
CA ARG A 176 23.71 8.79 -11.82
C ARG A 176 25.10 8.24 -11.46
N VAL A 177 26.02 9.16 -11.19
CA VAL A 177 27.34 8.83 -10.72
C VAL A 177 27.66 9.55 -9.42
N THR A 178 27.68 8.80 -8.34
CA THR A 178 27.99 9.35 -7.03
C THR A 178 29.47 9.20 -6.70
N THR A 179 30.13 10.30 -6.34
CA THR A 179 31.58 10.28 -6.19
C THR A 179 32.05 10.73 -4.79
N TYR A 180 32.33 9.76 -3.91
CA TYR A 180 32.86 10.05 -2.59
C TYR A 180 34.28 10.60 -2.65
N GLU A 181 34.63 11.45 -1.67
CA GLU A 181 35.95 12.12 -1.64
C GLU A 181 37.05 11.24 -1.07
N ASP A 182 36.67 10.06 -0.58
CA ASP A 182 37.66 9.14 -0.02
C ASP A 182 38.04 8.17 -1.13
N GLY A 183 37.21 8.15 -2.18
CA GLY A 183 37.60 7.50 -3.41
C GLY A 183 36.52 6.71 -4.10
N GLY A 184 35.53 6.27 -3.32
CA GLY A 184 34.47 5.43 -3.84
C GLY A 184 33.70 6.06 -4.97
N VAL A 185 33.08 5.21 -5.79
CA VAL A 185 32.32 5.67 -6.92
C VAL A 185 31.21 4.68 -7.11
N LEU A 186 29.99 5.18 -7.24
CA LEU A 186 28.86 4.30 -7.40
C LEU A 186 27.96 4.85 -8.48
N THR A 187 27.88 4.15 -9.61
CA THR A 187 26.95 4.56 -10.62
C THR A 187 25.73 3.68 -10.50
N ALA A 188 24.58 4.20 -10.96
CA ALA A 188 23.30 3.51 -10.92
C ALA A 188 22.42 3.95 -12.07
N THR A 189 21.84 2.97 -12.74
CA THR A 189 20.89 3.23 -13.82
C THR A 189 19.56 2.70 -13.33
N GLN A 190 18.46 3.32 -13.76
CA GLN A 190 17.16 3.05 -13.19
C GLN A 190 16.06 3.25 -14.25
N ASP A 191 15.03 2.41 -14.18
CA ASP A 191 13.87 2.50 -15.05
C ASP A 191 12.63 2.62 -14.22
N THR A 192 11.90 3.70 -14.49
CA THR A 192 10.60 3.95 -13.92
C THR A 192 9.54 3.65 -14.97
N SER A 193 8.35 3.27 -14.52
CA SER A 193 7.27 2.93 -15.44
C SER A 193 5.96 2.85 -14.67
N LEU A 194 4.86 2.86 -15.40
CA LEU A 194 3.54 2.82 -14.78
C LEU A 194 2.76 1.64 -15.38
N GLN A 195 2.31 0.70 -14.55
CA GLN A 195 1.59 -0.49 -15.00
C GLN A 195 0.42 -0.76 -14.05
N ASP A 196 -0.81 -0.54 -14.50
CA ASP A 196 -1.97 -0.87 -13.66
C ASP A 196 -2.05 -0.02 -12.41
N GLY A 197 -1.60 1.23 -12.50
CA GLY A 197 -1.68 2.15 -11.38
C GLY A 197 -0.62 1.98 -10.30
N CYS A 198 0.35 1.11 -10.57
CA CYS A 198 1.52 0.96 -9.70
C CYS A 198 2.81 1.49 -10.39
N LEU A 199 3.66 2.19 -9.64
CA LEU A 199 4.95 2.66 -10.16
C LEU A 199 5.98 1.52 -10.05
N ILE A 200 6.60 1.15 -11.15
CA ILE A 200 7.52 0.00 -11.16
C ILE A 200 8.94 0.47 -11.36
N TYR A 201 9.78 0.23 -10.35
CA TYR A 201 11.18 0.66 -10.44
C TYR A 201 12.12 -0.50 -10.77
N ASN A 202 13.05 -0.28 -11.69
CA ASN A 202 14.09 -1.28 -11.98
C ASN A 202 15.47 -0.61 -11.90
N VAL A 203 16.23 -0.93 -10.85
CA VAL A 203 17.56 -0.33 -10.65
C VAL A 203 18.70 -1.28 -10.89
N LYS A 204 19.87 -0.73 -11.16
CA LYS A 204 21.10 -1.52 -11.26
C LYS A 204 22.21 -0.65 -10.70
N ILE A 205 23.02 -1.28 -9.85
CA ILE A 205 24.10 -0.61 -9.14
C ILE A 205 25.41 -1.17 -9.59
N ARG A 206 26.42 -0.31 -9.65
CA ARG A 206 27.81 -0.76 -9.79
C ARG A 206 28.83 0.18 -9.13
N GLY A 207 29.19 -0.12 -7.88
CA GLY A 207 30.08 0.74 -7.12
C GLY A 207 31.43 0.05 -7.02
N VAL A 208 32.49 0.86 -7.07
CA VAL A 208 33.85 0.37 -7.09
C VAL A 208 34.85 1.27 -6.34
N ASN A 209 36.03 0.71 -6.05
CA ASN A 209 37.16 1.46 -5.53
C ASN A 209 36.84 2.20 -4.20
N PHE A 210 35.84 1.71 -3.48
CA PHE A 210 35.60 2.09 -2.07
C PHE A 210 36.70 1.58 -1.15
N PRO A 211 37.40 2.50 -0.45
CA PRO A 211 38.51 2.14 0.45
C PRO A 211 38.15 1.04 1.45
N SER A 212 39.03 0.03 1.54
CA SER A 212 38.79 -1.13 2.39
C SER A 212 38.86 -0.80 3.86
N ASN A 213 39.72 0.15 4.20
CA ASN A 213 39.91 0.58 5.59
C ASN A 213 39.22 1.93 5.82
N GLY A 214 38.10 2.16 5.13
CA GLY A 214 37.32 3.38 5.25
C GLY A 214 35.91 3.17 5.80
N PRO A 215 35.19 4.26 6.11
CA PRO A 215 33.87 4.21 6.74
C PRO A 215 32.81 3.32 6.10
N VAL A 216 32.71 3.39 4.77
CA VAL A 216 31.65 2.66 4.06
C VAL A 216 31.75 1.14 4.16
N MET A 217 32.99 0.64 4.09
CA MET A 217 33.26 -0.80 4.07
C MET A 217 33.30 -1.34 5.50
N GLN A 218 33.72 -0.50 6.44
CA GLN A 218 33.75 -0.87 7.84
C GLN A 218 32.38 -0.65 8.54
N LYS A 219 31.43 -0.02 7.83
CA LYS A 219 30.05 0.16 8.32
C LYS A 219 29.91 1.20 9.43
N LYS A 220 30.92 2.06 9.56
CA LYS A 220 30.89 3.19 10.50
C LYS A 220 30.05 4.41 10.04
N THR A 221 28.88 4.18 9.44
CA THR A 221 28.03 5.30 9.04
C THR A 221 26.69 5.43 9.76
N LEU A 222 26.13 6.65 9.73
CA LEU A 222 24.90 6.94 10.48
C LEU A 222 23.95 7.87 9.72
N GLY A 223 23.41 7.41 8.59
CA GLY A 223 22.52 8.21 7.76
C GLY A 223 23.08 9.48 7.10
N TRP A 224 22.29 10.04 6.19
CA TRP A 224 22.60 11.31 5.50
C TRP A 224 22.08 12.54 6.20
N GLU A 225 22.71 13.68 5.93
CA GLU A 225 22.13 14.97 6.29
C GLU A 225 21.10 15.34 5.19
N ALA A 226 20.27 16.35 5.43
CA ALA A 226 19.35 16.77 4.37
C ALA A 226 20.18 17.37 3.25
N SER A 227 19.59 17.59 2.08
CA SER A 227 20.42 18.04 0.98
C SER A 227 19.75 18.89 -0.06
N THR A 228 20.54 19.55 -0.89
CA THR A 228 19.95 20.28 -1.99
C THR A 228 20.53 19.78 -3.32
N GLU A 229 19.65 19.36 -4.22
CA GLU A 229 19.97 19.05 -5.61
C GLU A 229 19.61 20.23 -6.51
N MET A 230 20.54 20.61 -7.39
CA MET A 230 20.25 21.61 -8.40
C MET A 230 19.86 21.05 -9.78
N LEU A 231 18.61 21.17 -10.18
CA LEU A 231 18.14 20.64 -11.46
C LEU A 231 18.09 21.65 -12.63
N TYR A 232 18.56 21.23 -13.79
CA TYR A 232 18.65 22.10 -14.97
C TYR A 232 18.50 21.32 -16.28
N PRO A 233 17.80 21.91 -17.25
CA PRO A 233 17.48 21.32 -18.56
C PRO A 233 18.70 21.38 -19.49
N ALA A 234 18.91 20.39 -20.37
CA ALA A 234 19.92 20.53 -21.45
C ALA A 234 19.56 19.77 -22.73
N ASP A 235 19.87 20.44 -23.86
CA ASP A 235 19.72 19.94 -25.25
C ASP A 235 18.47 20.53 -25.94
N GLU B 1 44.64 -8.99 0.33
CA GLU B 1 45.78 -8.48 -0.43
C GLU B 1 45.47 -8.51 -1.95
N PHE B 2 45.60 -7.34 -2.58
CA PHE B 2 45.34 -7.18 -4.01
C PHE B 2 46.29 -6.16 -4.66
N LEU B 3 46.14 -5.98 -5.97
CA LEU B 3 46.90 -5.00 -6.76
C LEU B 3 45.90 -3.92 -7.17
N GLU B 4 46.31 -2.66 -7.04
CA GLU B 4 45.56 -1.55 -7.62
C GLU B 4 46.38 -1.00 -8.78
N GLY B 5 45.72 -0.57 -9.85
CA GLY B 5 46.42 0.06 -10.94
C GLY B 5 45.96 1.48 -11.21
N ARG B 6 46.82 2.26 -11.84
CA ARG B 6 46.46 3.59 -12.26
C ARG B 6 47.04 3.88 -13.62
N SER B 7 46.22 4.33 -14.54
CA SER B 7 46.67 4.84 -15.84
C SER B 7 46.07 6.17 -16.29
N ASP B 8 46.81 6.94 -17.09
CA ASP B 8 46.15 7.95 -17.91
C ASP B 8 46.31 7.63 -19.38
N MET B 9 45.20 7.35 -20.03
CA MET B 9 45.22 7.02 -21.46
C MET B 9 44.82 8.22 -22.32
N ALA B 10 45.28 8.24 -23.56
CA ALA B 10 44.83 9.30 -24.44
C ALA B 10 44.03 8.85 -25.65
N LEU B 11 42.88 9.48 -25.85
CA LEU B 11 42.06 9.14 -26.99
C LEU B 11 42.38 10.09 -28.14
N LYS B 12 42.59 9.54 -29.32
CA LYS B 12 42.86 10.35 -30.49
C LYS B 12 41.53 10.87 -31.04
N LEU B 13 41.50 12.16 -31.36
CA LEU B 13 40.29 12.74 -31.92
C LEU B 13 40.42 13.11 -33.38
N VAL B 14 39.35 12.86 -34.12
CA VAL B 14 39.18 13.37 -35.47
C VAL B 14 39.52 14.87 -35.54
N GLY B 15 40.56 15.23 -36.30
CA GLY B 15 40.95 16.61 -36.49
C GLY B 15 42.16 17.01 -35.66
N GLY B 16 42.85 16.00 -35.13
CA GLY B 16 43.96 16.18 -34.21
C GLY B 16 43.51 16.41 -32.77
N GLY B 17 44.45 16.40 -31.84
CA GLY B 17 44.12 16.61 -30.44
C GLY B 17 43.75 15.32 -29.73
N HIS B 18 43.48 15.43 -28.42
CA HIS B 18 43.22 14.26 -27.59
C HIS B 18 42.25 14.54 -26.47
N LEU B 19 41.58 13.49 -26.06
CA LEU B 19 40.82 13.50 -24.83
C LEU B 19 41.39 12.50 -23.86
N ILE B 20 41.79 13.01 -22.69
CA ILE B 20 42.38 12.23 -21.63
C ILE B 20 41.38 11.58 -20.75
N CYS B 21 41.72 10.38 -20.27
CA CYS B 21 40.93 9.80 -19.19
C CYS B 21 41.83 9.11 -18.17
N ASN B 22 41.28 8.86 -16.97
CA ASN B 22 42.04 8.32 -15.84
C ASN B 22 41.47 6.97 -15.46
N LEU B 23 42.33 5.97 -15.27
CA LEU B 23 41.93 4.62 -14.88
C LEU B 23 42.34 4.20 -13.48
N LYS B 24 41.37 4.03 -12.59
CA LYS B 24 41.61 3.46 -11.26
C LYS B 24 41.08 2.01 -11.30
N THR B 25 41.96 1.02 -11.26
CA THR B 25 41.55 -0.38 -11.32
C THR B 25 41.97 -1.09 -10.04
N THR B 26 41.12 -1.98 -9.54
CA THR B 26 41.47 -2.80 -8.39
C THR B 26 41.44 -4.27 -8.84
N TYR B 27 42.56 -4.97 -8.68
CA TYR B 27 42.66 -6.36 -9.11
C TYR B 27 42.61 -7.29 -7.91
N ARG B 28 41.61 -8.18 -7.91
CA ARG B 28 41.38 -9.05 -6.76
C ARG B 28 41.64 -10.48 -7.13
N SER B 29 42.29 -11.22 -6.23
CA SER B 29 42.56 -12.62 -6.51
C SER B 29 41.52 -13.53 -5.91
N LYS B 30 41.29 -14.68 -6.54
CA LYS B 30 40.38 -15.66 -5.99
C LYS B 30 41.19 -16.68 -5.22
N LYS B 31 42.47 -16.78 -5.57
CA LYS B 31 43.39 -17.58 -4.80
C LYS B 31 43.69 -16.94 -3.44
N PRO B 32 43.79 -17.77 -2.40
CA PRO B 32 44.10 -17.41 -1.01
C PRO B 32 45.45 -16.68 -0.86
N ALA B 33 45.45 -15.71 0.05
CA ALA B 33 46.61 -14.85 0.31
C ALA B 33 47.95 -15.54 0.57
N LYS B 34 47.96 -16.58 1.39
CA LYS B 34 49.23 -17.24 1.76
C LYS B 34 49.99 -17.80 0.55
N ASN B 35 49.28 -18.21 -0.49
CA ASN B 35 49.92 -18.87 -1.64
C ASN B 35 50.37 -17.99 -2.79
N LEU B 36 50.23 -16.67 -2.65
CA LEU B 36 50.69 -15.75 -3.68
C LEU B 36 52.04 -15.13 -3.34
N LYS B 37 52.86 -14.98 -4.37
CA LYS B 37 54.12 -14.26 -4.26
C LYS B 37 53.93 -12.83 -4.80
N MET B 38 53.50 -11.91 -3.94
CA MET B 38 53.22 -10.49 -4.26
C MET B 38 54.39 -9.71 -4.88
N PRO B 39 54.11 -8.94 -5.96
CA PRO B 39 55.13 -8.03 -6.50
C PRO B 39 55.37 -6.80 -5.62
N GLY B 40 56.35 -5.99 -6.03
CA GLY B 40 56.47 -4.65 -5.48
C GLY B 40 55.86 -3.76 -6.54
N VAL B 41 56.02 -2.45 -6.40
CA VAL B 41 55.58 -1.51 -7.42
C VAL B 41 56.16 -1.80 -8.80
N TYR B 42 55.32 -1.72 -9.83
CA TYR B 42 55.81 -1.87 -11.19
C TYR B 42 54.93 -1.27 -12.25
N TYR B 43 55.40 -1.32 -13.48
CA TYR B 43 54.73 -0.65 -14.56
C TYR B 43 54.47 -1.59 -15.71
N VAL B 44 53.39 -1.39 -16.43
CA VAL B 44 53.07 -2.14 -17.63
C VAL B 44 52.90 -1.17 -18.79
N ASP B 45 53.66 -1.39 -19.85
CA ASP B 45 53.57 -0.60 -21.06
C ASP B 45 52.68 -1.39 -22.02
N ARG B 46 51.61 -0.76 -22.50
CA ARG B 46 50.72 -1.34 -23.49
C ARG B 46 50.71 -0.61 -24.80
N ARG B 47 50.28 -1.28 -25.84
CA ARG B 47 49.86 -0.56 -27.02
C ARG B 47 48.65 -1.28 -27.49
N LEU B 48 47.51 -0.59 -27.46
CA LEU B 48 46.25 -1.19 -27.86
C LEU B 48 45.76 -0.60 -29.18
N GLU B 49 45.56 -1.45 -30.18
CA GLU B 49 45.31 -1.00 -31.54
C GLU B 49 44.14 -1.67 -32.24
N ARG B 50 43.33 -0.86 -32.91
CA ARG B 50 42.22 -1.42 -33.68
C ARG B 50 42.71 -1.96 -35.02
N ILE B 51 42.74 -3.28 -35.14
CA ILE B 51 43.13 -3.90 -36.39
C ILE B 51 42.11 -3.69 -37.50
N LYS B 52 40.96 -4.35 -37.37
CA LYS B 52 39.94 -4.32 -38.43
C LYS B 52 38.61 -3.77 -37.87
N GLU B 53 37.81 -3.16 -38.75
CA GLU B 53 36.49 -2.73 -38.35
C GLU B 53 35.47 -2.78 -39.51
N ALA B 54 34.30 -3.34 -39.21
CA ALA B 54 33.20 -3.48 -40.16
C ALA B 54 31.82 -3.19 -39.53
N ASP B 55 30.84 -2.88 -40.37
CA ASP B 55 29.44 -2.67 -39.95
C ASP B 55 29.17 -1.59 -38.89
N LYS B 56 29.63 -0.38 -39.14
CA LYS B 56 29.40 0.74 -38.24
C LYS B 56 29.85 0.40 -36.82
N GLU B 57 30.97 -0.32 -36.74
CA GLU B 57 31.56 -0.69 -35.47
C GLU B 57 30.88 -1.87 -34.72
N THR B 58 30.07 -2.69 -35.41
CA THR B 58 29.41 -3.82 -34.74
C THR B 58 30.31 -5.06 -34.82
N TYR B 59 31.41 -4.96 -35.57
CA TYR B 59 32.52 -5.93 -35.57
C TYR B 59 33.88 -5.23 -35.45
N VAL B 60 34.66 -5.63 -34.45
CA VAL B 60 35.96 -5.01 -34.24
C VAL B 60 36.99 -6.05 -33.83
N GLU B 61 38.17 -5.97 -34.41
CA GLU B 61 39.21 -6.88 -34.04
C GLU B 61 40.33 -6.01 -33.44
N GLN B 62 40.69 -6.36 -32.22
CA GLN B 62 41.64 -5.62 -31.40
C GLN B 62 42.89 -6.43 -31.16
N HIS B 63 44.04 -5.76 -31.25
CA HIS B 63 45.31 -6.36 -30.85
C HIS B 63 45.92 -5.60 -29.68
N GLU B 64 46.56 -6.34 -28.76
CA GLU B 64 47.25 -5.71 -27.64
C GLU B 64 48.62 -6.34 -27.36
N VAL B 65 49.60 -5.47 -27.11
CA VAL B 65 50.90 -5.92 -26.61
C VAL B 65 51.15 -5.26 -25.24
N ALA B 66 51.24 -6.09 -24.20
CA ALA B 66 51.47 -5.61 -22.84
C ALA B 66 52.80 -6.12 -22.28
N VAL B 67 53.67 -5.21 -21.81
CA VAL B 67 54.93 -5.58 -21.15
C VAL B 67 55.27 -4.91 -19.83
N ALA B 68 55.34 -5.72 -18.77
CA ALA B 68 55.69 -5.26 -17.44
C ALA B 68 57.17 -5.12 -17.14
N ARG B 69 57.49 -4.19 -16.23
CA ARG B 69 58.88 -3.89 -15.90
C ARG B 69 58.97 -3.29 -14.49
N TYR B 70 60.18 -3.15 -13.96
CA TYR B 70 60.43 -2.27 -12.82
C TYR B 70 61.21 -1.11 -13.34
N CYS B 71 61.39 -0.10 -12.51
CA CYS B 71 62.14 0.99 -12.99
C CYS B 71 63.55 0.46 -13.26
N ASP B 72 63.94 0.59 -14.53
CA ASP B 72 65.28 0.24 -15.05
C ASP B 72 66.32 1.18 -14.55
N LEU B 73 65.93 2.43 -14.35
CA LEU B 73 66.86 3.46 -13.97
C LEU B 73 67.59 3.24 -12.66
N PRO B 74 68.87 3.65 -12.63
CA PRO B 74 69.67 3.44 -11.42
C PRO B 74 69.12 4.30 -10.29
N SER B 75 69.16 3.80 -9.06
CA SER B 75 68.66 4.59 -7.96
C SER B 75 69.73 4.91 -6.94
N LYS B 76 69.87 6.19 -6.59
CA LYS B 76 70.86 6.62 -5.62
C LYS B 76 70.56 5.98 -4.25
N LEU B 77 69.36 5.39 -4.10
CA LEU B 77 68.99 4.69 -2.88
C LEU B 77 69.02 3.16 -3.08
N GLY B 78 68.55 2.40 -2.11
CA GLY B 78 68.65 0.96 -2.18
C GLY B 78 67.39 0.15 -2.53
N HIS B 79 66.63 0.54 -3.56
CA HIS B 79 65.35 -0.14 -3.87
C HIS B 79 65.56 -1.06 -5.08
N LYS B 80 66.65 -1.83 -5.05
CA LYS B 80 66.97 -2.80 -6.09
C LYS B 80 65.73 -3.59 -6.48
N GLY B 81 64.95 -4.02 -5.48
CA GLY B 81 63.68 -4.71 -5.68
C GLY B 81 62.90 -4.41 -6.96
N GLY B 82 63.26 -5.12 -8.03
CA GLY B 82 64.13 -6.28 -7.92
C GLY B 82 63.36 -7.48 -7.42
N THR B 83 63.98 -8.34 -6.60
CA THR B 83 63.23 -9.48 -6.06
C THR B 83 62.80 -10.24 -7.32
N GLY B 84 61.51 -10.54 -7.43
CA GLY B 84 61.00 -11.22 -8.61
C GLY B 84 61.04 -12.72 -8.65
N GLY B 85 60.55 -13.24 -9.76
CA GLY B 85 60.52 -14.68 -9.96
C GLY B 85 59.15 -15.25 -9.66
N SER B 86 58.43 -15.61 -10.72
CA SER B 86 57.14 -16.30 -10.61
C SER B 86 56.98 -17.29 -11.76
N MET B 87 56.35 -18.41 -11.45
CA MET B 87 56.04 -19.47 -12.43
C MET B 87 54.59 -19.93 -12.39
N SER B 88 53.94 -20.08 -13.55
CA SER B 88 52.51 -20.35 -13.57
C SER B 88 52.26 -21.42 -14.63
N GLU B 89 51.92 -22.62 -14.18
CA GLU B 89 51.93 -23.80 -15.04
C GLU B 89 50.62 -24.08 -15.79
N LEU B 90 49.51 -23.63 -15.23
CA LEU B 90 48.23 -23.86 -15.86
C LEU B 90 48.11 -23.07 -17.16
N ILE B 91 48.77 -21.93 -17.19
CA ILE B 91 48.84 -21.11 -18.39
C ILE B 91 49.96 -21.56 -19.31
N THR B 92 49.58 -22.23 -20.39
CA THR B 92 50.47 -22.58 -21.50
C THR B 92 50.96 -21.33 -22.25
N GLU B 93 51.80 -21.48 -23.27
CA GLU B 93 52.26 -20.31 -24.02
C GLU B 93 51.44 -20.07 -25.26
N ASN B 94 50.42 -20.91 -25.42
CA ASN B 94 49.36 -20.60 -26.35
C ASN B 94 47.98 -20.84 -25.72
N MET B 95 47.26 -19.76 -25.44
CA MET B 95 45.95 -19.83 -24.75
C MET B 95 44.80 -19.24 -25.57
N HIS B 96 43.61 -19.81 -25.41
CA HIS B 96 42.42 -19.32 -26.10
C HIS B 96 41.46 -18.68 -25.07
N MET B 97 40.70 -17.68 -25.51
CA MET B 97 39.77 -16.97 -24.62
CA MET B 97 39.74 -17.03 -24.61
C MET B 97 38.37 -16.76 -25.24
N LYS B 98 37.35 -16.75 -24.40
CA LYS B 98 35.97 -16.49 -24.81
C LYS B 98 35.37 -15.43 -23.87
N LEU B 99 34.63 -14.47 -24.41
CA LEU B 99 34.16 -13.39 -23.57
C LEU B 99 32.70 -13.03 -23.83
N TYR B 100 32.00 -12.70 -22.75
CA TYR B 100 30.66 -12.18 -22.82
C TYR B 100 30.58 -10.83 -22.10
N MET B 101 29.93 -9.86 -22.75
CA MET B 101 29.77 -8.54 -22.16
C MET B 101 28.36 -7.99 -22.20
N GLU B 102 27.99 -7.30 -21.14
CA GLU B 102 26.68 -6.71 -21.02
C GLU B 102 26.76 -5.45 -20.17
N GLY B 103 26.07 -4.41 -20.62
CA GLY B 103 26.01 -3.15 -19.89
C GLY B 103 25.34 -2.00 -20.62
N THR B 104 25.38 -0.83 -20.00
CA THR B 104 24.67 0.36 -20.46
C THR B 104 25.66 1.56 -20.56
N VAL B 105 25.50 2.40 -21.57
CA VAL B 105 26.28 3.63 -21.75
C VAL B 105 25.29 4.74 -22.07
N ASN B 106 25.09 5.64 -21.13
CA ASN B 106 24.14 6.71 -21.33
C ASN B 106 22.73 6.22 -21.70
N ASN B 107 22.19 5.30 -20.88
CA ASN B 107 20.82 4.75 -21.02
C ASN B 107 20.62 3.80 -22.21
N HIS B 108 21.66 3.59 -23.02
CA HIS B 108 21.57 2.70 -24.17
C HIS B 108 22.16 1.35 -23.81
N HIS B 109 21.33 0.30 -23.90
CA HIS B 109 21.74 -1.05 -23.51
C HIS B 109 22.34 -1.84 -24.69
N PHE B 110 23.23 -2.79 -24.41
CA PHE B 110 23.90 -3.58 -25.46
C PHE B 110 24.60 -4.85 -24.93
N LYS B 111 24.86 -5.81 -25.82
CA LYS B 111 25.60 -7.04 -25.51
C LYS B 111 26.68 -7.34 -26.55
N CYS B 112 27.78 -7.90 -26.08
CA CYS B 112 28.94 -8.24 -26.90
C CYS B 112 29.50 -9.62 -26.56
N THR B 113 29.95 -10.34 -27.60
CA THR B 113 30.75 -11.55 -27.41
C THR B 113 32.07 -11.42 -28.16
N SER B 114 33.09 -12.18 -27.74
CA SER B 114 34.35 -12.16 -28.46
C SER B 114 35.08 -13.48 -28.19
N GLU B 115 35.97 -13.85 -29.10
CA GLU B 115 36.83 -15.00 -28.93
C GLU B 115 38.17 -14.59 -29.47
N GLY B 116 39.25 -15.11 -28.87
CA GLY B 116 40.59 -14.74 -29.31
C GLY B 116 41.71 -15.64 -28.85
N GLU B 117 42.93 -15.36 -29.33
CA GLU B 117 44.09 -16.13 -28.92
C GLU B 117 45.32 -15.23 -28.81
N GLY B 118 46.22 -15.58 -27.90
CA GLY B 118 47.46 -14.84 -27.78
C GLY B 118 48.51 -15.57 -26.97
N LYS B 119 49.67 -14.95 -26.83
CA LYS B 119 50.77 -15.57 -26.14
C LYS B 119 51.12 -14.86 -24.82
N PRO B 120 50.60 -15.36 -23.69
CA PRO B 120 50.68 -14.69 -22.39
C PRO B 120 52.07 -14.23 -21.99
N TYR B 121 53.04 -15.11 -22.12
CA TYR B 121 54.38 -14.83 -21.67
C TYR B 121 55.09 -13.86 -22.61
N GLU B 122 54.63 -13.83 -23.86
CA GLU B 122 55.16 -12.90 -24.85
C GLU B 122 54.49 -11.55 -24.74
N GLY B 123 53.34 -11.49 -24.08
CA GLY B 123 52.61 -10.25 -23.94
C GLY B 123 51.72 -9.78 -25.09
N THR B 124 51.34 -10.69 -25.98
CA THR B 124 50.50 -10.35 -27.14
C THR B 124 49.14 -11.04 -27.09
N GLN B 125 48.14 -10.47 -27.77
CA GLN B 125 46.82 -11.11 -27.83
C GLN B 125 45.97 -10.47 -28.93
N THR B 126 44.96 -11.21 -29.39
CA THR B 126 43.97 -10.67 -30.29
C THR B 126 42.53 -11.01 -29.92
N MET B 127 41.61 -10.10 -30.24
CA MET B 127 40.21 -10.26 -29.89
C MET B 127 39.31 -9.94 -31.10
N ARG B 128 38.46 -10.90 -31.45
CA ARG B 128 37.45 -10.75 -32.50
C ARG B 128 36.08 -10.58 -31.86
N ILE B 129 35.51 -9.41 -32.07
CA ILE B 129 34.41 -8.95 -31.23
C ILE B 129 33.11 -8.69 -32.01
N LYS B 130 32.03 -9.20 -31.44
CA LYS B 130 30.75 -9.05 -32.08
C LYS B 130 29.85 -8.23 -31.15
N VAL B 131 29.26 -7.17 -31.69
CA VAL B 131 28.15 -6.46 -31.08
C VAL B 131 26.84 -7.17 -31.39
N VAL B 132 26.22 -7.88 -30.43
CA VAL B 132 25.07 -8.72 -30.79
C VAL B 132 23.70 -8.08 -30.58
N GLU B 133 23.58 -7.25 -29.55
CA GLU B 133 22.31 -6.61 -29.23
C GLU B 133 22.56 -5.10 -29.08
N GLY B 134 21.73 -4.28 -29.74
CA GLY B 134 21.79 -2.85 -29.54
C GLY B 134 22.88 -2.20 -30.36
N GLY B 135 23.25 -2.87 -31.45
CA GLY B 135 24.10 -2.29 -32.48
C GLY B 135 23.16 -1.69 -33.51
N PRO B 136 23.60 -0.62 -34.21
CA PRO B 136 24.91 0.03 -34.11
C PRO B 136 24.97 0.88 -32.86
N LEU B 137 26.09 0.83 -32.16
CA LEU B 137 26.28 1.68 -31.00
C LEU B 137 26.30 3.14 -31.37
N PRO B 138 25.61 3.95 -30.56
CA PRO B 138 25.52 5.38 -30.81
C PRO B 138 26.70 6.11 -30.18
N PHE B 139 27.61 5.35 -29.59
CA PHE B 139 28.81 5.90 -28.98
C PHE B 139 30.10 5.31 -29.56
N ALA B 140 31.19 6.07 -29.55
CA ALA B 140 32.49 5.61 -30.06
C ALA B 140 32.93 4.27 -29.42
N PHE B 141 33.17 3.25 -30.23
CA PHE B 141 33.49 1.91 -29.71
C PHE B 141 34.74 1.95 -28.80
N ASP B 142 35.71 2.77 -29.17
CA ASP B 142 36.93 2.93 -28.39
C ASP B 142 36.75 2.75 -26.85
N ILE B 143 35.70 3.35 -26.25
CA ILE B 143 35.51 3.37 -24.79
C ILE B 143 35.30 2.00 -24.10
N LEU B 144 35.20 0.96 -24.91
CA LEU B 144 34.98 -0.37 -24.41
C LEU B 144 36.28 -1.15 -24.50
N ALA B 145 37.21 -0.66 -25.32
CA ALA B 145 38.48 -1.33 -25.64
C ALA B 145 39.20 -1.89 -24.42
N THR B 146 39.40 -1.06 -23.41
CA THR B 146 40.02 -1.47 -22.16
C THR B 146 39.22 -2.44 -21.32
N SER B 147 38.18 -3.07 -21.87
CA SER B 147 37.30 -3.87 -21.01
C SER B 147 37.27 -5.31 -21.51
N PHE B 148 37.87 -5.51 -22.67
CA PHE B 148 37.96 -6.83 -23.29
C PHE B 148 39.22 -7.52 -22.69
N SER B 150 42.52 -8.00 -20.29
CA SER B 150 43.00 -9.37 -20.32
C SER B 150 44.36 -9.43 -19.60
N LYS B 151 44.34 -9.44 -18.28
CA LYS B 151 45.51 -9.26 -17.45
C LYS B 151 46.50 -10.43 -17.48
N THR B 152 46.02 -11.58 -17.91
CA THR B 152 46.83 -12.78 -18.02
C THR B 152 47.94 -12.65 -19.04
N PHE B 153 47.69 -11.86 -20.08
CA PHE B 153 48.69 -11.71 -21.15
C PHE B 153 49.61 -10.52 -20.93
N ILE B 154 50.07 -10.36 -19.69
CA ILE B 154 51.13 -9.42 -19.44
C ILE B 154 52.40 -10.18 -19.29
N ASN B 155 53.32 -9.88 -20.20
CA ASN B 155 54.68 -10.40 -20.16
C ASN B 155 55.47 -9.89 -18.96
N HIS B 156 55.48 -10.66 -17.89
CA HIS B 156 56.32 -10.33 -16.77
C HIS B 156 57.70 -10.94 -17.12
N THR B 157 58.61 -10.08 -17.61
CA THR B 157 59.96 -10.52 -17.89
C THR B 157 60.97 -10.36 -16.77
N GLN B 158 61.18 -9.16 -16.27
CA GLN B 158 62.11 -8.93 -15.16
C GLN B 158 61.85 -9.76 -13.90
N GLY B 159 61.45 -11.00 -14.07
CA GLY B 159 61.22 -11.87 -12.94
C GLY B 159 60.03 -11.41 -12.13
N ILE B 160 59.64 -10.15 -12.25
CA ILE B 160 58.52 -9.65 -11.48
C ILE B 160 57.46 -10.74 -11.37
N PRO B 161 56.96 -10.96 -10.15
CA PRO B 161 55.91 -11.94 -9.88
C PRO B 161 54.62 -11.60 -10.61
N ASP B 162 54.13 -12.55 -11.39
CA ASP B 162 52.93 -12.40 -12.20
C ASP B 162 51.68 -12.72 -11.37
N PHE B 163 51.06 -11.66 -10.85
CA PHE B 163 49.94 -11.82 -9.91
C PHE B 163 48.69 -12.43 -10.56
N PHE B 164 48.61 -12.30 -11.88
CA PHE B 164 47.42 -12.73 -12.62
C PHE B 164 47.60 -14.18 -13.06
N LYS B 165 48.79 -14.55 -13.50
CA LYS B 165 49.03 -15.91 -13.92
C LYS B 165 49.13 -16.86 -12.74
N GLN B 166 49.62 -16.37 -11.60
CA GLN B 166 49.66 -17.17 -10.36
C GLN B 166 48.26 -17.60 -9.86
N SER B 167 47.29 -16.68 -9.97
CA SER B 167 45.92 -16.86 -9.50
C SER B 167 45.19 -18.14 -9.91
N PHE B 168 45.46 -18.64 -11.11
CA PHE B 168 44.77 -19.85 -11.64
C PHE B 168 45.06 -21.14 -10.86
N PRO B 169 44.02 -21.99 -10.70
CA PRO B 169 42.71 -22.03 -11.38
C PRO B 169 41.60 -21.15 -10.77
N GLU B 170 41.68 -20.81 -9.49
CA GLU B 170 40.63 -20.00 -8.89
C GLU B 170 40.20 -18.86 -9.83
N GLY B 171 41.17 -18.12 -10.37
CA GLY B 171 40.86 -16.99 -11.23
C GLY B 171 41.08 -15.66 -10.55
N PHE B 172 40.72 -14.57 -11.23
CA PHE B 172 40.82 -13.24 -10.62
C PHE B 172 39.70 -12.36 -11.17
N THR B 173 39.32 -11.33 -10.42
CA THR B 173 38.42 -10.31 -10.92
C THR B 173 39.15 -9.01 -11.12
N TRP B 174 38.57 -8.12 -11.90
CA TRP B 174 38.97 -6.72 -11.83
C TRP B 174 37.76 -5.81 -11.81
N GLU B 175 37.97 -4.58 -11.36
CA GLU B 175 36.91 -3.58 -11.31
C GLU B 175 37.56 -2.23 -11.40
N ARG B 176 37.03 -1.44 -12.31
CA ARG B 176 37.70 -0.24 -12.78
C ARG B 176 36.75 0.92 -12.97
N VAL B 177 37.23 2.12 -12.70
CA VAL B 177 36.45 3.31 -12.96
C VAL B 177 37.23 4.28 -13.84
N THR B 178 36.81 4.41 -15.08
CA THR B 178 37.47 5.29 -16.04
C THR B 178 36.80 6.67 -16.08
N THR B 179 37.60 7.72 -15.92
CA THR B 179 37.10 9.05 -15.74
C THR B 179 37.64 9.97 -16.83
N TYR B 180 36.81 10.18 -17.84
CA TYR B 180 37.16 11.12 -18.90
C TYR B 180 37.15 12.55 -18.40
N GLU B 181 38.00 13.37 -18.99
CA GLU B 181 38.13 14.73 -18.52
C GLU B 181 37.04 15.66 -19.03
N ASP B 182 36.16 15.15 -19.91
CA ASP B 182 35.05 15.98 -20.43
C ASP B 182 33.77 15.70 -19.61
N GLY B 183 33.80 14.61 -18.85
CA GLY B 183 32.81 14.36 -17.84
C GLY B 183 32.34 12.94 -17.72
N GLY B 184 32.49 12.21 -18.81
CA GLY B 184 32.02 10.84 -18.85
C GLY B 184 32.69 10.01 -17.78
N VAL B 185 32.04 8.91 -17.39
CA VAL B 185 32.48 7.97 -16.37
C VAL B 185 31.97 6.62 -16.81
N LEU B 186 32.84 5.62 -16.79
CA LEU B 186 32.48 4.27 -17.21
C LEU B 186 33.09 3.31 -16.21
N THR B 187 32.27 2.65 -15.41
CA THR B 187 32.80 1.62 -14.51
C THR B 187 32.55 0.27 -15.15
N ALA B 188 33.40 -0.70 -14.79
CA ALA B 188 33.30 -2.05 -15.32
C ALA B 188 33.82 -3.08 -14.33
N THR B 189 33.05 -4.14 -14.13
CA THR B 189 33.43 -5.25 -13.27
C THR B 189 33.62 -6.50 -14.14
N GLN B 190 34.53 -7.38 -13.75
CA GLN B 190 34.94 -8.46 -14.62
C GLN B 190 35.37 -9.72 -13.87
N ASP B 191 35.07 -10.88 -14.44
CA ASP B 191 35.51 -12.17 -13.89
C ASP B 191 36.32 -12.97 -14.91
N THR B 192 37.53 -13.32 -14.48
CA THR B 192 38.42 -14.20 -15.21
C THR B 192 38.42 -15.57 -14.55
N SER B 193 38.16 -16.62 -15.30
CA SER B 193 38.12 -17.95 -14.70
C SER B 193 38.72 -18.91 -15.74
N LEU B 194 39.07 -20.13 -15.33
CA LEU B 194 39.69 -21.11 -16.23
C LEU B 194 38.90 -22.41 -16.25
N GLN B 195 38.41 -22.79 -17.43
CA GLN B 195 37.57 -23.99 -17.60
C GLN B 195 38.01 -24.76 -18.86
N ASP B 196 38.63 -25.92 -18.66
CA ASP B 196 39.04 -26.77 -19.77
C ASP B 196 40.11 -26.11 -20.63
N GLY B 197 40.97 -25.31 -20.01
CA GLY B 197 42.09 -24.68 -20.70
C GLY B 197 41.77 -23.46 -21.55
N CYS B 198 40.53 -23.02 -21.45
CA CYS B 198 40.08 -21.78 -22.07
C CYS B 198 39.84 -20.74 -20.99
N LEU B 199 40.27 -19.52 -21.28
CA LEU B 199 40.04 -18.36 -20.43
C LEU B 199 38.67 -17.74 -20.70
N ILE B 200 37.86 -17.60 -19.65
CA ILE B 200 36.49 -17.11 -19.80
C ILE B 200 36.32 -15.74 -19.17
N TYR B 201 35.99 -14.74 -19.98
CA TYR B 201 35.82 -13.40 -19.42
C TYR B 201 34.35 -13.09 -19.29
N ASN B 202 33.98 -12.55 -18.13
CA ASN B 202 32.63 -12.07 -17.96
C ASN B 202 32.65 -10.64 -17.43
N VAL B 203 32.29 -9.70 -18.31
CA VAL B 203 32.30 -8.28 -18.02
C VAL B 203 30.91 -7.68 -17.86
N LYS B 204 30.88 -6.53 -17.19
CA LYS B 204 29.68 -5.75 -17.07
C LYS B 204 30.04 -4.26 -17.11
N ILE B 205 29.54 -3.55 -18.12
CA ILE B 205 29.84 -2.14 -18.31
C ILE B 205 28.67 -1.34 -17.76
N ARG B 206 28.95 -0.18 -17.15
CA ARG B 206 27.90 0.77 -16.83
C ARG B 206 28.43 2.21 -16.86
N GLY B 207 28.28 2.87 -18.01
CA GLY B 207 28.82 4.19 -18.22
C GLY B 207 27.76 5.28 -18.23
N VAL B 208 28.10 6.45 -17.70
CA VAL B 208 27.15 7.55 -17.60
C VAL B 208 27.83 8.94 -17.80
N ASN B 209 27.01 9.94 -18.08
CA ASN B 209 27.43 11.36 -18.12
CA ASN B 209 27.42 11.35 -18.13
C ASN B 209 28.38 11.74 -19.27
N PHE B 210 28.47 10.89 -20.30
CA PHE B 210 29.22 11.29 -21.49
C PHE B 210 28.52 12.41 -22.19
N PRO B 211 29.20 13.55 -22.32
CA PRO B 211 28.57 14.70 -22.95
C PRO B 211 27.99 14.30 -24.31
N SER B 212 26.74 14.68 -24.55
CA SER B 212 26.04 14.28 -25.78
C SER B 212 26.58 14.96 -27.04
N ASN B 213 27.03 16.21 -26.92
CA ASN B 213 27.55 16.90 -28.09
C ASN B 213 29.09 16.94 -28.04
N GLY B 214 29.67 15.88 -27.48
CA GLY B 214 31.12 15.73 -27.36
C GLY B 214 31.59 14.54 -28.17
N PRO B 215 32.91 14.37 -28.31
CA PRO B 215 33.54 13.33 -29.14
C PRO B 215 33.03 11.93 -28.89
N VAL B 216 32.82 11.52 -27.63
CA VAL B 216 32.45 10.11 -27.44
C VAL B 216 31.11 9.67 -28.06
N MET B 217 30.11 10.56 -27.99
CA MET B 217 28.76 10.26 -28.47
C MET B 217 28.62 10.51 -29.96
N GLN B 218 29.38 11.49 -30.43
CA GLN B 218 29.40 11.81 -31.86
C GLN B 218 30.36 10.92 -32.66
N LYS B 219 31.14 10.09 -31.97
CA LYS B 219 32.00 9.12 -32.63
C LYS B 219 33.23 9.70 -33.32
N LYS B 220 33.59 10.93 -32.99
CA LYS B 220 34.82 11.52 -33.52
C LYS B 220 36.13 11.04 -32.89
N THR B 221 36.24 9.73 -32.64
CA THR B 221 37.50 9.22 -32.10
C THR B 221 38.24 8.28 -33.05
N LEU B 222 39.53 8.15 -32.81
CA LEU B 222 40.38 7.39 -33.70
C LEU B 222 41.44 6.58 -32.91
N GLY B 223 40.96 5.62 -32.12
CA GLY B 223 41.83 4.82 -31.29
C GLY B 223 42.60 5.50 -30.18
N TRP B 224 43.20 4.68 -29.32
CA TRP B 224 44.08 5.15 -28.26
C TRP B 224 45.55 5.25 -28.59
N GLU B 225 46.24 6.11 -27.84
CA GLU B 225 47.67 6.07 -27.82
C GLU B 225 48.09 4.97 -26.85
N ALA B 226 49.37 4.62 -26.88
CA ALA B 226 49.88 3.65 -25.94
C ALA B 226 49.86 4.24 -24.52
N SER B 227 50.06 3.42 -23.50
CA SER B 227 49.94 3.90 -22.15
C SER B 227 50.81 3.19 -21.12
N THR B 228 50.93 3.80 -19.96
CA THR B 228 51.63 3.13 -18.90
C THR B 228 50.71 3.03 -17.72
N GLU B 229 50.52 1.80 -17.24
CA GLU B 229 49.82 1.49 -15.99
C GLU B 229 50.84 1.29 -14.90
N MET B 230 50.63 1.93 -13.76
CA MET B 230 51.44 1.68 -12.58
C MET B 230 50.66 0.69 -11.68
N LEU B 231 51.29 -0.40 -11.22
CA LEU B 231 50.63 -1.42 -10.39
C LEU B 231 51.31 -1.56 -9.05
N TYR B 232 50.51 -1.61 -8.00
CA TYR B 232 50.95 -1.65 -6.60
C TYR B 232 50.01 -2.40 -5.67
N PRO B 233 50.58 -3.16 -4.73
CA PRO B 233 49.89 -4.01 -3.74
C PRO B 233 49.26 -3.18 -2.62
N ALA B 234 48.12 -3.65 -2.13
CA ALA B 234 47.52 -3.12 -0.89
C ALA B 234 46.70 -4.17 -0.12
N ASP B 235 46.43 -3.86 1.15
CA ASP B 235 45.59 -4.67 2.05
C ASP B 235 45.40 -6.12 1.58
N GLU C 1 38.89 23.47 15.12
CA GLU C 1 37.48 23.28 14.73
C GLU C 1 37.09 24.30 13.69
N PHE C 2 36.60 23.81 12.54
CA PHE C 2 36.22 24.70 11.44
C PHE C 2 35.00 24.25 10.64
N LEU C 3 34.65 25.06 9.63
CA LEU C 3 33.53 24.81 8.71
C LEU C 3 34.04 24.45 7.32
N GLU C 4 33.46 23.42 6.74
CA GLU C 4 33.65 23.08 5.34
C GLU C 4 32.36 23.37 4.58
N GLY C 5 32.49 23.86 3.34
CA GLY C 5 31.34 24.06 2.45
C GLY C 5 31.43 23.27 1.15
N ARG C 6 30.29 23.03 0.54
CA ARG C 6 30.26 22.40 -0.78
C ARG C 6 29.17 23.07 -1.59
N SER C 7 29.50 23.51 -2.80
CA SER C 7 28.49 23.95 -3.73
C SER C 7 28.71 23.36 -5.13
N ASP C 8 27.65 23.20 -5.90
CA ASP C 8 27.78 23.07 -7.35
C ASP C 8 27.10 24.25 -8.04
N MET C 9 27.89 25.08 -8.72
CA MET C 9 27.35 26.23 -9.42
C MET C 9 27.19 25.98 -10.90
N ALA C 10 26.26 26.68 -11.52
CA ALA C 10 26.09 26.56 -12.97
C ALA C 10 26.39 27.85 -13.71
N LEU C 11 27.21 27.74 -14.75
CA LEU C 11 27.59 28.89 -15.54
C LEU C 11 26.69 28.99 -16.73
N LYS C 12 26.18 30.17 -17.01
CA LYS C 12 25.31 30.33 -18.15
C LYS C 12 26.21 30.43 -19.38
N LEU C 13 25.87 29.69 -20.43
CA LEU C 13 26.66 29.77 -21.66
C LEU C 13 25.96 30.47 -22.81
N VAL C 14 26.72 31.25 -23.56
CA VAL C 14 26.25 31.78 -24.84
C VAL C 14 25.64 30.69 -25.70
N GLY C 15 24.34 30.84 -25.98
CA GLY C 15 23.63 29.91 -26.83
C GLY C 15 22.74 28.97 -26.06
N GLY C 16 22.50 29.29 -24.79
CA GLY C 16 21.78 28.43 -23.88
C GLY C 16 22.73 27.38 -23.32
N GLY C 17 22.26 26.63 -22.34
CA GLY C 17 23.08 25.60 -21.74
C GLY C 17 23.92 26.08 -20.56
N HIS C 18 24.65 25.16 -19.97
CA HIS C 18 25.40 25.48 -18.77
C HIS C 18 26.66 24.66 -18.66
N LEU C 19 27.64 25.22 -17.97
CA LEU C 19 28.82 24.48 -17.54
C LEU C 19 28.86 24.45 -16.03
N ILE C 20 28.84 23.25 -15.45
CA ILE C 20 28.85 23.07 -14.01
C ILE C 20 30.27 23.08 -13.43
N CYS C 21 30.40 23.60 -12.22
CA CYS C 21 31.65 23.45 -11.49
C CYS C 21 31.38 23.14 -10.04
N ASN C 22 32.40 22.65 -9.34
CA ASN C 22 32.24 22.17 -7.96
C ASN C 22 33.11 23.02 -7.06
N LEU C 23 32.55 23.48 -5.93
CA LEU C 23 33.26 24.29 -4.95
C LEU C 23 33.55 23.58 -3.64
N LYS C 24 34.81 23.28 -3.35
CA LYS C 24 35.21 22.73 -2.05
C LYS C 24 35.90 23.84 -1.24
N THR C 25 35.26 24.33 -0.19
CA THR C 25 35.86 25.40 0.60
C THR C 25 36.09 24.98 2.04
N THR C 26 37.21 25.40 2.61
CA THR C 26 37.43 25.14 4.02
C THR C 26 37.51 26.51 4.67
N TYR C 27 36.65 26.79 5.65
CA TYR C 27 36.66 28.11 6.28
C TYR C 27 37.28 27.92 7.65
N ARG C 28 38.37 28.61 7.93
CA ARG C 28 39.12 28.40 9.15
C ARG C 28 39.07 29.65 10.03
N SER C 29 38.93 29.47 11.34
CA SER C 29 38.87 30.62 12.25
C SER C 29 40.22 31.02 12.89
N LYS C 30 40.36 32.32 13.19
CA LYS C 30 41.53 32.86 13.89
C LYS C 30 41.25 33.05 15.40
N LYS C 31 39.97 33.16 15.76
CA LYS C 31 39.48 33.15 17.15
C LYS C 31 39.63 31.74 17.76
N PRO C 32 40.00 31.67 19.05
CA PRO C 32 40.16 30.41 19.81
C PRO C 32 38.90 29.52 19.85
N ALA C 33 39.09 28.20 19.75
CA ALA C 33 37.99 27.24 19.73
C ALA C 33 36.93 27.38 20.83
N LYS C 34 37.36 27.58 22.06
CA LYS C 34 36.47 27.66 23.23
C LYS C 34 35.43 28.79 23.17
N ASN C 35 35.75 29.92 22.52
CA ASN C 35 34.88 31.11 22.52
C ASN C 35 33.89 31.17 21.36
N LEU C 36 33.89 30.11 20.54
CA LEU C 36 32.97 29.99 19.39
C LEU C 36 31.77 29.12 19.72
N LYS C 37 30.61 29.54 19.22
CA LYS C 37 29.39 28.75 19.31
C LYS C 37 29.17 28.03 17.96
N MET C 38 29.76 26.83 17.80
CA MET C 38 29.69 26.05 16.55
C MET C 38 28.24 25.78 16.08
N PRO C 39 27.99 25.99 14.78
CA PRO C 39 26.72 25.60 14.16
C PRO C 39 26.58 24.09 13.97
N GLY C 40 25.41 23.66 13.48
CA GLY C 40 25.27 22.32 12.94
C GLY C 40 25.31 22.39 11.42
N VAL C 41 25.01 21.28 10.78
CA VAL C 41 24.86 21.28 9.34
C VAL C 41 23.80 22.32 8.92
N TYR C 42 24.07 23.11 7.88
CA TYR C 42 23.05 24.04 7.38
C TYR C 42 23.31 24.46 5.92
N TYR C 43 22.42 25.26 5.35
CA TYR C 43 22.52 25.60 3.94
C TYR C 43 22.49 27.11 3.73
N VAL C 44 23.16 27.57 2.69
CA VAL C 44 23.16 28.97 2.30
C VAL C 44 22.68 29.08 0.85
N ASP C 45 21.64 29.87 0.63
CA ASP C 45 21.11 30.11 -0.70
C ASP C 45 21.68 31.43 -1.13
N ARG C 46 22.36 31.44 -2.27
CA ARG C 46 22.88 32.68 -2.83
C ARG C 46 22.24 33.01 -4.18
N ARG C 47 22.29 34.26 -4.60
CA ARG C 47 22.09 34.63 -6.00
C ARG C 47 23.10 35.72 -6.30
N LEU C 48 24.04 35.44 -7.19
CA LEU C 48 25.10 36.39 -7.52
C LEU C 48 24.91 36.96 -8.90
N GLU C 49 24.80 38.29 -9.00
CA GLU C 49 24.40 38.92 -10.24
C GLU C 49 25.32 40.07 -10.60
N ARG C 50 25.73 40.12 -11.86
CA ARG C 50 26.56 41.21 -12.31
C ARG C 50 25.65 42.43 -12.56
N ILE C 51 25.76 43.42 -11.69
CA ILE C 51 24.98 44.65 -11.86
C ILE C 51 25.47 45.42 -13.09
N LYS C 52 26.78 45.66 -13.16
CA LYS C 52 27.37 46.50 -14.22
C LYS C 52 28.65 45.92 -14.77
N GLU C 53 28.95 46.24 -16.02
CA GLU C 53 30.23 45.86 -16.60
C GLU C 53 30.64 46.92 -17.63
N ALA C 54 31.89 47.34 -17.55
CA ALA C 54 32.43 48.34 -18.46
C ALA C 54 33.84 47.92 -18.83
N ASP C 55 34.34 48.44 -19.95
CA ASP C 55 35.74 48.24 -20.40
C ASP C 55 36.27 46.80 -20.63
N LYS C 56 35.58 46.03 -21.47
CA LYS C 56 36.02 44.68 -21.82
C LYS C 56 36.24 43.88 -20.55
N GLU C 57 35.37 44.10 -19.60
CA GLU C 57 35.38 43.41 -18.32
C GLU C 57 36.43 43.92 -17.29
N THR C 58 36.98 45.12 -17.51
CA THR C 58 37.97 45.65 -16.56
C THR C 58 37.35 46.46 -15.41
N TYR C 59 36.04 46.68 -15.51
CA TYR C 59 35.20 47.20 -14.44
C TYR C 59 33.96 46.32 -14.37
N VAL C 60 33.71 45.77 -13.18
CA VAL C 60 32.58 44.92 -12.93
C VAL C 60 32.04 45.27 -11.56
N GLU C 61 30.72 45.38 -11.47
CA GLU C 61 30.02 45.67 -10.22
C GLU C 61 29.10 44.50 -9.86
N GLN C 62 29.27 43.94 -8.66
CA GLN C 62 28.52 42.74 -8.27
C GLN C 62 27.51 42.90 -7.11
N HIS C 63 26.33 42.29 -7.23
CA HIS C 63 25.45 42.23 -6.08
C HIS C 63 25.25 40.77 -5.66
N GLU C 64 25.17 40.55 -4.36
CA GLU C 64 24.92 39.22 -3.83
C GLU C 64 23.90 39.26 -2.68
N VAL C 65 22.98 38.32 -2.70
CA VAL C 65 22.10 38.08 -1.58
C VAL C 65 22.29 36.66 -1.06
N ALA C 66 22.75 36.54 0.18
CA ALA C 66 22.97 35.22 0.78
C ALA C 66 22.08 34.96 1.99
N VAL C 67 21.32 33.86 1.97
CA VAL C 67 20.55 33.52 3.15
C VAL C 67 20.67 32.07 3.60
N ALA C 68 21.26 31.90 4.78
CA ALA C 68 21.42 30.61 5.43
C ALA C 68 20.19 30.18 6.19
N ARG C 69 19.99 28.87 6.29
CA ARG C 69 18.81 28.29 6.90
C ARG C 69 19.14 26.89 7.40
N TYR C 70 18.23 26.28 8.16
CA TYR C 70 18.32 24.84 8.32
C TYR C 70 17.19 24.18 7.53
N CYS C 71 17.19 22.87 7.46
CA CYS C 71 16.12 22.25 6.72
C CYS C 71 14.79 22.58 7.46
N ASP C 72 13.94 23.27 6.72
CA ASP C 72 12.61 23.68 7.15
C ASP C 72 11.74 22.45 7.28
N LEU C 73 12.00 21.50 6.38
CA LEU C 73 11.19 20.28 6.25
C LEU C 73 11.15 19.39 7.50
N PRO C 74 9.97 18.77 7.73
CA PRO C 74 9.80 17.93 8.91
C PRO C 74 10.67 16.67 8.82
N SER C 75 11.18 16.21 9.95
CA SER C 75 12.02 15.01 9.98
C SER C 75 11.32 13.97 10.83
N LYS C 76 11.18 12.77 10.28
CA LYS C 76 10.51 11.65 10.96
C LYS C 76 11.29 11.30 12.25
N LEU C 77 12.62 11.41 12.18
CA LEU C 77 13.49 11.17 13.34
C LEU C 77 13.58 12.46 14.16
N GLY C 78 14.42 12.53 15.17
CA GLY C 78 14.34 13.74 15.95
C GLY C 78 15.43 14.77 15.71
N HIS C 79 16.05 14.78 14.51
CA HIS C 79 17.16 15.72 14.29
C HIS C 79 16.52 17.10 14.49
N LYS C 80 16.91 17.84 15.50
CA LYS C 80 16.30 19.16 15.59
C LYS C 80 17.37 20.01 14.96
N GLY C 81 18.36 20.43 15.73
CA GLY C 81 19.49 21.16 15.20
C GLY C 81 19.08 22.08 14.08
N GLY C 82 18.10 22.95 14.32
CA GLY C 82 17.59 23.20 15.66
C GLY C 82 18.61 24.08 16.32
N THR C 83 18.63 24.13 17.65
CA THR C 83 19.63 24.92 18.35
C THR C 83 19.59 26.41 18.02
N GLY C 84 20.75 26.95 17.67
CA GLY C 84 20.88 28.34 17.28
C GLY C 84 21.12 29.41 18.35
N GLY C 85 21.21 30.64 17.85
CA GLY C 85 21.42 31.83 18.63
C GLY C 85 22.86 32.30 18.67
N SER C 86 23.13 33.37 17.92
CA SER C 86 24.44 34.01 17.98
C SER C 86 24.30 35.51 17.76
N MET C 87 25.11 36.27 18.47
CA MET C 87 25.18 37.73 18.33
C MET C 87 26.60 38.23 18.18
N SER C 88 26.81 39.13 17.24
CA SER C 88 28.16 39.51 16.91
C SER C 88 28.17 41.01 16.80
N GLU C 89 29.08 41.61 17.55
CA GLU C 89 28.96 43.00 17.91
C GLU C 89 29.95 43.91 17.17
N LEU C 90 31.16 43.42 16.93
CA LEU C 90 32.14 44.19 16.16
C LEU C 90 31.57 44.55 14.78
N ILE C 91 30.71 43.68 14.27
CA ILE C 91 29.98 43.88 13.02
C ILE C 91 28.67 44.66 13.23
N THR C 92 28.70 45.93 12.85
CA THR C 92 27.52 46.80 12.78
C THR C 92 26.55 46.33 11.67
N GLU C 93 25.42 47.02 11.50
CA GLU C 93 24.45 46.66 10.47
C GLU C 93 24.63 47.48 9.18
N ASN C 94 25.65 48.32 9.17
CA ASN C 94 26.14 48.90 7.92
C ASN C 94 27.65 48.82 7.82
N MET C 95 28.16 47.96 6.95
CA MET C 95 29.60 47.80 6.89
C MET C 95 30.23 48.11 5.52
N HIS C 96 31.45 48.63 5.54
CA HIS C 96 32.20 48.93 4.33
C HIS C 96 33.37 47.96 4.21
N MET C 97 33.76 47.65 2.98
CA MET C 97 34.84 46.70 2.73
CA MET C 97 34.88 46.74 2.77
C MET C 97 35.86 47.17 1.69
N LYS C 98 37.12 46.75 1.86
CA LYS C 98 38.18 47.04 0.90
C LYS C 98 38.88 45.70 0.64
N LEU C 99 39.22 45.42 -0.63
CA LEU C 99 39.78 44.12 -1.00
C LEU C 99 40.95 44.24 -2.00
N TYR C 100 41.94 43.37 -1.83
CA TYR C 100 43.04 43.25 -2.78
C TYR C 100 43.16 41.83 -3.30
N MET C 101 43.32 41.69 -4.62
CA MET C 101 43.48 40.37 -5.27
C MET C 101 44.63 40.27 -6.25
N GLU C 102 45.30 39.11 -6.27
CA GLU C 102 46.42 38.86 -7.18
C GLU C 102 46.48 37.37 -7.50
N GLY C 103 46.72 37.04 -8.78
CA GLY C 103 46.85 35.64 -9.12
C GLY C 103 46.94 35.38 -10.60
N THR C 104 46.95 34.10 -10.95
CA THR C 104 47.20 33.65 -12.31
C THR C 104 46.12 32.69 -12.81
N VAL C 105 45.76 32.82 -14.07
CA VAL C 105 44.83 31.91 -14.70
C VAL C 105 45.40 31.52 -16.04
N ASN C 106 45.84 30.28 -16.15
CA ASN C 106 46.45 29.79 -17.38
C ASN C 106 47.64 30.65 -17.81
N ASN C 107 48.56 30.87 -16.88
CA ASN C 107 49.80 31.62 -17.14
C ASN C 107 49.61 33.14 -17.33
N HIS C 108 48.37 33.62 -17.30
CA HIS C 108 48.16 35.03 -17.48
C HIS C 108 47.97 35.68 -16.12
N HIS C 109 48.84 36.63 -15.79
CA HIS C 109 48.86 37.30 -14.48
C HIS C 109 47.99 38.54 -14.44
N PHE C 110 47.45 38.87 -13.26
CA PHE C 110 46.56 40.02 -13.09
C PHE C 110 46.38 40.37 -11.63
N LYS C 111 45.98 41.62 -11.39
CA LYS C 111 45.65 42.14 -10.05
C LYS C 111 44.33 42.90 -10.09
N CYS C 112 43.57 42.82 -9.00
CA CYS C 112 42.26 43.45 -8.90
C CYS C 112 42.13 44.16 -7.57
N THR C 113 41.46 45.32 -7.55
CA THR C 113 41.07 45.95 -6.30
C THR C 113 39.57 46.20 -6.28
N SER C 114 39.00 46.30 -5.10
CA SER C 114 37.58 46.58 -5.00
C SER C 114 37.22 47.20 -3.66
N GLU C 115 36.09 47.92 -3.64
CA GLU C 115 35.52 48.49 -2.44
C GLU C 115 34.03 48.30 -2.57
N GLY C 116 33.33 48.09 -1.46
CA GLY C 116 31.88 47.88 -1.48
C GLY C 116 31.16 48.06 -0.15
N GLU C 117 29.84 47.98 -0.18
CA GLU C 117 29.06 48.10 1.06
C GLU C 117 27.83 47.20 1.09
N GLY C 118 27.45 46.74 2.28
CA GLY C 118 26.25 45.95 2.42
C GLY C 118 25.73 45.78 3.84
N LYS C 119 24.63 45.05 3.97
CA LYS C 119 23.98 44.88 5.25
C LYS C 119 24.08 43.41 5.69
N PRO C 120 25.10 43.06 6.50
CA PRO C 120 25.47 41.68 6.86
C PRO C 120 24.29 40.83 7.36
N TYR C 121 23.50 41.41 8.27
CA TYR C 121 22.41 40.71 8.92
C TYR C 121 21.24 40.51 7.96
N GLU C 122 21.18 41.39 6.97
CA GLU C 122 20.16 41.28 5.93
C GLU C 122 20.60 40.32 4.83
N GLY C 123 21.91 40.03 4.77
CA GLY C 123 22.50 39.15 3.77
C GLY C 123 22.81 39.72 2.38
N THR C 124 22.90 41.06 2.28
CA THR C 124 23.17 41.73 1.00
C THR C 124 24.47 42.50 0.96
N GLN C 125 24.97 42.70 -0.26
CA GLN C 125 26.20 43.47 -0.50
C GLN C 125 26.41 43.83 -1.98
N THR C 126 27.21 44.87 -2.21
CA THR C 126 27.66 45.21 -3.55
C THR C 126 29.16 45.48 -3.57
N MET C 127 29.78 45.16 -4.70
CA MET C 127 31.22 45.26 -4.87
C MET C 127 31.53 45.96 -6.21
N ARG C 128 32.31 47.04 -6.12
CA ARG C 128 32.78 47.76 -7.30
C ARG C 128 34.26 47.45 -7.56
N ILE C 129 34.53 46.80 -8.69
CA ILE C 129 35.79 46.11 -8.89
C ILE C 129 36.60 46.62 -10.08
N LYS C 130 37.89 46.82 -9.84
CA LYS C 130 38.76 47.34 -10.86
C LYS C 130 39.85 46.32 -11.18
N VAL C 131 40.03 45.99 -12.46
CA VAL C 131 41.23 45.26 -12.92
C VAL C 131 42.38 46.24 -13.17
N VAL C 132 43.35 46.23 -12.26
CA VAL C 132 44.40 47.24 -12.27
C VAL C 132 45.64 46.79 -13.01
N GLU C 133 45.65 45.52 -13.38
CA GLU C 133 46.82 44.94 -14.04
C GLU C 133 46.48 43.70 -14.86
N GLY C 134 46.96 43.67 -16.11
CA GLY C 134 46.86 42.49 -16.92
C GLY C 134 45.48 42.41 -17.53
N GLY C 135 44.85 43.57 -17.64
CA GLY C 135 43.64 43.72 -18.43
C GLY C 135 44.07 44.14 -19.81
N PRO C 136 43.30 43.77 -20.85
CA PRO C 136 42.05 43.02 -20.68
C PRO C 136 42.33 41.52 -20.45
N LEU C 137 41.61 40.89 -19.52
CA LEU C 137 41.70 39.46 -19.28
C LEU C 137 41.21 38.67 -20.50
N PRO C 138 41.94 37.61 -20.88
CA PRO C 138 41.61 36.79 -22.05
C PRO C 138 40.65 35.71 -21.66
N PHE C 139 40.23 35.75 -20.39
CA PHE C 139 39.24 34.80 -19.83
C PHE C 139 37.98 35.44 -19.22
N ALA C 140 36.89 34.70 -19.25
CA ALA C 140 35.60 35.13 -18.72
C ALA C 140 35.67 35.60 -17.26
N PHE C 141 35.29 36.85 -16.98
CA PHE C 141 35.45 37.40 -15.63
C PHE C 141 34.70 36.51 -14.64
N ASP C 142 33.54 36.01 -15.06
CA ASP C 142 32.74 35.12 -14.24
C ASP C 142 33.56 34.23 -13.29
N ILE C 143 34.64 33.61 -13.78
CA ILE C 143 35.38 32.64 -12.95
C ILE C 143 36.04 33.25 -11.71
N LEU C 144 35.97 34.57 -11.59
CA LEU C 144 36.59 35.28 -10.48
C LEU C 144 35.53 35.73 -9.50
N ALA C 145 34.29 35.77 -9.99
CA ALA C 145 33.13 36.26 -9.27
C ALA C 145 33.03 35.75 -7.84
N THR C 146 33.13 34.44 -7.66
CA THR C 146 33.11 33.82 -6.35
C THR C 146 34.30 34.10 -5.44
N SER C 147 35.15 35.09 -5.73
CA SER C 147 36.37 35.23 -4.92
C SER C 147 36.42 36.62 -4.28
N PHE C 148 35.48 37.46 -4.68
CA PHE C 148 35.39 38.80 -4.15
C PHE C 148 34.58 38.70 -2.84
N SER C 150 32.75 36.97 0.30
CA SER C 150 32.47 37.84 1.45
C SER C 150 31.52 37.17 2.45
N LYS C 151 32.09 36.30 3.28
CA LYS C 151 31.30 35.41 4.13
C LYS C 151 30.56 36.07 5.30
N THR C 152 31.00 37.26 5.67
CA THR C 152 30.40 38.02 6.76
C THR C 152 28.95 38.46 6.51
N PHE C 153 28.62 38.66 5.24
CA PHE C 153 27.29 39.13 4.86
C PHE C 153 26.31 38.01 4.52
N ILE C 154 26.27 36.98 5.37
CA ILE C 154 25.24 35.95 5.33
C ILE C 154 24.21 36.16 6.44
N ASN C 155 22.97 36.39 6.04
CA ASN C 155 21.83 36.47 6.96
C ASN C 155 21.55 35.14 7.63
N HIS C 156 22.10 34.92 8.82
CA HIS C 156 21.77 33.73 9.60
C HIS C 156 20.47 33.98 10.38
N THR C 157 19.35 33.50 9.86
CA THR C 157 18.06 33.52 10.54
C THR C 157 17.86 32.21 11.30
N GLN C 158 16.65 31.98 11.80
CA GLN C 158 16.32 30.74 12.52
C GLN C 158 17.20 30.51 13.75
N GLY C 159 18.08 31.47 14.01
CA GLY C 159 18.98 31.41 15.16
C GLY C 159 20.30 30.72 14.91
N ILE C 160 20.63 30.37 13.66
CA ILE C 160 21.90 29.68 13.40
C ILE C 160 23.06 30.55 13.86
N PRO C 161 24.01 29.95 14.59
CA PRO C 161 25.22 30.62 15.07
C PRO C 161 26.03 31.08 13.88
N ASP C 162 26.32 32.37 13.84
CA ASP C 162 27.08 32.98 12.75
C ASP C 162 28.58 32.83 12.99
N PHE C 163 29.17 31.82 12.35
CA PHE C 163 30.57 31.41 12.55
C PHE C 163 31.54 32.48 12.06
N PHE C 164 31.06 33.35 11.16
CA PHE C 164 31.89 34.36 10.53
C PHE C 164 31.91 35.65 11.31
N LYS C 165 30.76 36.03 11.83
CA LYS C 165 30.64 37.25 12.63
C LYS C 165 31.23 37.11 14.04
N GLN C 166 31.22 35.90 14.60
CA GLN C 166 31.85 35.62 15.91
C GLN C 166 33.36 35.83 15.92
N SER C 167 34.03 35.46 14.84
CA SER C 167 35.48 35.53 14.71
C SER C 167 36.11 36.87 15.08
N PHE C 168 35.41 37.96 14.80
CA PHE C 168 35.97 39.29 15.05
C PHE C 168 36.24 39.62 16.51
N PRO C 169 37.37 40.31 16.77
CA PRO C 169 38.23 40.98 15.80
C PRO C 169 39.32 40.14 15.09
N GLU C 170 39.80 39.04 15.66
CA GLU C 170 40.87 38.25 15.02
C GLU C 170 40.71 38.11 13.52
N GLY C 171 39.51 37.69 13.10
CA GLY C 171 39.24 37.47 11.68
C GLY C 171 39.17 35.99 11.33
N PHE C 172 39.02 35.70 10.03
CA PHE C 172 39.02 34.31 9.51
C PHE C 172 39.60 34.20 8.09
N THR C 173 40.07 32.99 7.75
CA THR C 173 40.43 32.68 6.38
C THR C 173 39.46 31.71 5.73
N TRP C 174 39.51 31.68 4.41
CA TRP C 174 38.95 30.56 3.63
C TRP C 174 39.94 30.16 2.55
N GLU C 175 39.78 28.97 2.03
CA GLU C 175 40.63 28.49 0.97
C GLU C 175 39.78 27.46 0.22
N ARG C 176 39.74 27.61 -1.09
CA ARG C 176 38.73 26.94 -1.91
C ARG C 176 39.26 26.38 -3.23
N VAL C 177 38.70 25.25 -3.66
CA VAL C 177 39.04 24.68 -4.95
C VAL C 177 37.81 24.48 -5.82
N THR C 178 37.70 25.31 -6.84
CA THR C 178 36.58 25.26 -7.75
C THR C 178 36.96 24.39 -8.94
N THR C 179 36.15 23.38 -9.26
CA THR C 179 36.54 22.38 -10.25
C THR C 179 35.52 22.29 -11.41
N TYR C 180 35.82 22.94 -12.52
CA TYR C 180 34.96 22.85 -13.70
C TYR C 180 34.98 21.49 -14.31
N GLU C 181 33.85 21.09 -14.90
CA GLU C 181 33.68 19.76 -15.47
C GLU C 181 34.28 19.57 -16.82
N ASP C 182 34.80 20.65 -17.41
CA ASP C 182 35.43 20.58 -18.70
C ASP C 182 36.95 20.46 -18.51
N GLY C 183 37.39 20.79 -17.28
CA GLY C 183 38.74 20.50 -16.84
C GLY C 183 39.44 21.57 -16.02
N GLY C 184 39.00 22.82 -16.17
CA GLY C 184 39.63 23.94 -15.49
C GLY C 184 39.60 23.73 -13.99
N VAL C 185 40.52 24.36 -13.28
CA VAL C 185 40.58 24.19 -11.84
C VAL C 185 41.08 25.51 -11.33
N LEU C 186 40.40 26.04 -10.32
CA LEU C 186 40.77 27.34 -9.75
C LEU C 186 40.68 27.30 -8.24
N THR C 187 41.86 27.38 -7.60
CA THR C 187 41.90 27.48 -6.15
C THR C 187 42.13 28.93 -5.72
N ALA C 188 41.71 29.24 -4.50
CA ALA C 188 41.86 30.58 -3.95
C ALA C 188 41.97 30.51 -2.45
N THR C 189 42.98 31.20 -1.90
CA THR C 189 43.13 31.29 -0.47
C THR C 189 42.88 32.74 -0.14
N GLN C 190 42.34 33.02 1.04
CA GLN C 190 41.83 34.36 1.34
C GLN C 190 41.97 34.67 2.84
N ASP C 191 42.24 35.94 3.17
CA ASP C 191 42.31 36.39 4.56
C ASP C 191 41.35 37.56 4.83
N THR C 192 40.49 37.38 5.84
CA THR C 192 39.58 38.40 6.35
C THR C 192 40.11 38.99 7.68
N SER C 193 39.75 40.24 7.97
CA SER C 193 40.26 40.86 9.19
C SER C 193 39.50 42.14 9.44
N LEU C 194 39.63 42.68 10.66
CA LEU C 194 38.91 43.87 11.02
C LEU C 194 39.90 44.93 11.50
N GLN C 195 39.92 46.07 10.80
CA GLN C 195 40.83 47.18 11.07
C GLN C 195 40.08 48.49 10.91
N ASP C 196 39.81 49.18 12.01
CA ASP C 196 39.16 50.49 11.99
C ASP C 196 37.71 50.48 11.46
N GLY C 197 37.00 49.39 11.69
CA GLY C 197 35.60 49.32 11.29
C GLY C 197 35.40 49.03 9.80
N CYS C 198 36.52 48.75 9.14
CA CYS C 198 36.51 48.31 7.75
C CYS C 198 36.88 46.83 7.67
N LEU C 199 36.17 46.09 6.83
CA LEU C 199 36.48 44.67 6.55
C LEU C 199 37.56 44.60 5.48
N ILE C 200 38.67 43.91 5.79
CA ILE C 200 39.80 43.86 4.85
C ILE C 200 39.98 42.45 4.28
N TYR C 201 39.79 42.34 2.97
CA TYR C 201 39.89 41.06 2.26
C TYR C 201 41.22 40.97 1.51
N ASN C 202 41.88 39.83 1.63
CA ASN C 202 43.06 39.55 0.86
C ASN C 202 42.91 38.21 0.13
N VAL C 203 42.75 38.25 -1.18
CA VAL C 203 42.56 37.02 -1.95
C VAL C 203 43.80 36.71 -2.79
N LYS C 204 43.95 35.46 -3.19
CA LYS C 204 44.99 35.06 -4.12
C LYS C 204 44.41 33.95 -5.00
N ILE C 205 44.64 34.05 -6.30
CA ILE C 205 44.06 33.09 -7.23
C ILE C 205 45.16 32.29 -7.90
N ARG C 206 44.90 31.01 -8.15
CA ARG C 206 45.75 30.21 -9.01
C ARG C 206 44.98 29.15 -9.76
N GLY C 207 44.56 29.52 -10.97
CA GLY C 207 43.74 28.68 -11.81
C GLY C 207 44.53 28.14 -12.99
N VAL C 208 44.24 26.89 -13.37
CA VAL C 208 44.95 26.22 -14.43
C VAL C 208 44.06 25.27 -15.23
N ASN C 209 44.56 24.88 -16.41
CA ASN C 209 43.94 23.82 -17.23
CA ASN C 209 43.94 23.84 -17.24
C ASN C 209 42.58 24.14 -17.87
N PHE C 210 42.21 25.42 -17.94
CA PHE C 210 41.00 25.76 -18.70
C PHE C 210 41.23 25.53 -20.20
N PRO C 211 40.41 24.65 -20.84
CA PRO C 211 40.54 24.31 -22.26
C PRO C 211 40.57 25.61 -23.06
N SER C 212 41.51 25.72 -23.99
CA SER C 212 41.67 26.97 -24.76
C SER C 212 40.49 27.19 -25.70
N ASN C 213 39.93 26.10 -26.20
CA ASN C 213 38.82 26.17 -27.13
C ASN C 213 37.48 25.85 -26.42
N GLY C 214 37.39 26.25 -25.15
CA GLY C 214 36.20 26.07 -24.37
C GLY C 214 35.69 27.46 -23.98
N PRO C 215 34.48 27.52 -23.41
CA PRO C 215 33.79 28.77 -23.06
C PRO C 215 34.56 29.77 -22.22
N VAL C 216 35.26 29.29 -21.20
CA VAL C 216 35.93 30.18 -20.27
C VAL C 216 37.00 31.05 -20.91
N MET C 217 37.77 30.47 -21.84
CA MET C 217 38.89 31.18 -22.47
C MET C 217 38.39 32.01 -23.61
N GLN C 218 37.32 31.54 -24.25
CA GLN C 218 36.71 32.29 -25.33
C GLN C 218 35.70 33.35 -24.89
N LYS C 219 35.38 33.36 -23.60
CA LYS C 219 34.49 34.37 -23.02
C LYS C 219 33.01 34.22 -23.39
N LYS C 220 32.64 33.05 -23.89
CA LYS C 220 31.23 32.77 -24.17
C LYS C 220 30.33 32.43 -22.96
N THR C 221 30.50 33.18 -21.86
CA THR C 221 29.68 33.01 -20.66
C THR C 221 28.80 34.21 -20.31
N LEU C 222 27.77 33.90 -19.51
CA LEU C 222 26.72 34.82 -19.14
C LEU C 222 26.27 34.66 -17.70
N GLY C 223 27.15 34.95 -16.76
CA GLY C 223 26.80 34.80 -15.36
C GLY C 223 26.46 33.42 -14.79
N TRP C 224 26.37 33.39 -13.48
CA TRP C 224 25.94 32.22 -12.75
C TRP C 224 24.43 32.17 -12.52
N GLU C 225 23.93 30.95 -12.31
CA GLU C 225 22.62 30.69 -11.74
C GLU C 225 22.74 30.80 -10.23
N ALA C 226 21.61 30.82 -9.55
CA ALA C 226 21.67 30.83 -8.10
C ALA C 226 22.22 29.50 -7.63
N SER C 227 22.56 29.39 -6.34
CA SER C 227 23.21 28.18 -5.83
C SER C 227 22.88 27.93 -4.37
N THR C 228 23.18 26.73 -3.90
CA THR C 228 23.03 26.40 -2.48
C THR C 228 24.42 25.92 -2.01
N GLU C 229 24.96 26.54 -0.96
CA GLU C 229 26.16 26.01 -0.32
C GLU C 229 25.75 25.21 0.92
N MET C 230 26.28 24.00 1.06
CA MET C 230 26.10 23.20 2.28
C MET C 230 27.24 23.30 3.30
N LEU C 231 27.02 23.97 4.43
CA LEU C 231 28.05 24.19 5.45
C LEU C 231 28.04 23.21 6.63
N TYR C 232 29.20 22.65 6.99
CA TYR C 232 29.31 21.64 8.07
C TYR C 232 30.66 21.66 8.80
N PRO C 233 30.65 21.48 10.13
CA PRO C 233 31.82 21.50 11.03
C PRO C 233 32.67 20.20 10.98
N ALA C 234 33.98 20.37 11.11
CA ALA C 234 34.91 19.26 11.34
C ALA C 234 36.13 19.77 12.15
N ASP C 235 36.92 18.85 12.71
CA ASP C 235 38.15 19.18 13.45
C ASP C 235 38.24 20.62 13.99
N GLU D 1 -15.85 -15.17 25.96
CA GLU D 1 -16.47 -13.84 25.91
C GLU D 1 -16.24 -13.17 24.53
N PHE D 2 -17.34 -12.76 23.88
CA PHE D 2 -17.30 -12.16 22.54
C PHE D 2 -18.31 -11.05 22.28
N LEU D 3 -18.26 -10.48 21.08
CA LEU D 3 -19.18 -9.41 20.65
C LEU D 3 -20.15 -9.88 19.60
N GLU D 4 -21.42 -9.52 19.75
CA GLU D 4 -22.42 -9.69 18.70
C GLU D 4 -22.78 -8.29 18.16
N GLY D 5 -23.05 -8.20 16.85
CA GLY D 5 -23.53 -6.96 16.25
C GLY D 5 -24.88 -7.12 15.57
N ARG D 6 -25.63 -6.03 15.40
CA ARG D 6 -26.87 -6.04 14.63
C ARG D 6 -26.95 -4.76 13.84
N SER D 7 -27.19 -4.88 12.53
CA SER D 7 -27.51 -3.75 11.65
C SER D 7 -28.72 -3.98 10.71
N ASP D 8 -29.39 -2.89 10.33
CA ASP D 8 -30.24 -2.91 9.13
C ASP D 8 -29.69 -1.96 8.08
N MET D 9 -29.26 -2.49 6.94
CA MET D 9 -28.74 -1.69 5.85
C MET D 9 -29.84 -1.50 4.78
N ALA D 10 -29.77 -0.42 3.99
CA ALA D 10 -30.70 -0.25 2.88
C ALA D 10 -29.98 -0.23 1.54
N LEU D 11 -30.45 -1.03 0.60
CA LEU D 11 -29.85 -1.10 -0.72
C LEU D 11 -30.59 -0.19 -1.70
N LYS D 12 -29.84 0.59 -2.48
CA LYS D 12 -30.46 1.50 -3.45
C LYS D 12 -30.89 0.72 -4.71
N LEU D 13 -32.12 0.98 -5.15
CA LEU D 13 -32.62 0.31 -6.35
C LEU D 13 -32.76 1.22 -7.55
N VAL D 14 -32.42 0.67 -8.72
CA VAL D 14 -32.72 1.30 -9.99
C VAL D 14 -34.18 1.69 -9.98
N GLY D 15 -34.42 2.99 -10.06
CA GLY D 15 -35.77 3.54 -10.12
C GLY D 15 -36.18 4.14 -8.80
N GLY D 16 -35.22 4.29 -7.91
CA GLY D 16 -35.52 4.73 -6.57
C GLY D 16 -35.97 3.60 -5.70
N GLY D 17 -36.09 3.88 -4.40
CA GLY D 17 -36.53 2.87 -3.47
C GLY D 17 -35.39 2.04 -2.91
N HIS D 18 -35.76 1.12 -2.01
CA HIS D 18 -34.77 0.34 -1.30
C HIS D 18 -35.25 -1.05 -0.98
N LEU D 19 -34.28 -1.96 -0.85
CA LEU D 19 -34.49 -3.29 -0.29
C LEU D 19 -33.70 -3.41 0.99
N ILE D 20 -34.40 -3.65 2.08
CA ILE D 20 -33.79 -3.77 3.38
C ILE D 20 -33.31 -5.16 3.66
N CYS D 21 -32.24 -5.25 4.41
CA CYS D 21 -31.80 -6.51 4.95
C CYS D 21 -31.29 -6.38 6.41
N ASN D 22 -31.19 -7.50 7.09
CA ASN D 22 -30.84 -7.52 8.49
C ASN D 22 -29.52 -8.25 8.68
N LEU D 23 -28.61 -7.66 9.45
CA LEU D 23 -27.32 -8.28 9.72
C LEU D 23 -27.21 -8.75 11.15
N LYS D 24 -26.80 -9.99 11.31
CA LYS D 24 -26.50 -10.57 12.61
C LYS D 24 -25.05 -11.08 12.61
N THR D 25 -24.17 -10.42 13.34
CA THR D 25 -22.76 -10.84 13.35
C THR D 25 -22.22 -11.25 14.72
N THR D 26 -21.38 -12.28 14.73
CA THR D 26 -20.73 -12.65 15.97
C THR D 26 -19.24 -12.48 15.75
N TYR D 27 -18.61 -11.65 16.59
CA TYR D 27 -17.16 -11.37 16.50
C TYR D 27 -16.42 -12.10 17.60
N ARG D 28 -15.48 -12.96 17.23
CA ARG D 28 -14.79 -13.80 18.21
C ARG D 28 -13.33 -13.47 18.28
N SER D 29 -12.78 -13.43 19.48
CA SER D 29 -11.37 -13.12 19.58
C SER D 29 -10.55 -14.39 19.67
N LYS D 30 -9.32 -14.34 19.17
CA LYS D 30 -8.44 -15.48 19.30
C LYS D 30 -7.53 -15.23 20.51
N LYS D 31 -7.37 -13.97 20.90
CA LYS D 31 -6.70 -13.71 22.15
C LYS D 31 -7.57 -14.14 23.32
N PRO D 32 -6.95 -14.74 24.35
CA PRO D 32 -7.54 -15.21 25.61
C PRO D 32 -8.26 -14.08 26.42
N ALA D 33 -9.39 -14.43 27.04
CA ALA D 33 -10.26 -13.52 27.80
C ALA D 33 -9.67 -12.59 28.88
N LYS D 34 -8.77 -13.09 29.74
CA LYS D 34 -8.25 -12.25 30.83
C LYS D 34 -7.56 -11.00 30.28
N ASN D 35 -6.99 -11.11 29.07
CA ASN D 35 -6.21 -10.03 28.50
C ASN D 35 -6.97 -9.04 27.62
N LEU D 36 -8.30 -9.22 27.49
CA LEU D 36 -9.10 -8.28 26.71
C LEU D 36 -9.85 -7.30 27.62
N LYS D 37 -9.92 -6.04 27.20
CA LYS D 37 -10.73 -5.05 27.89
C LYS D 37 -12.07 -4.84 27.14
N MET D 38 -13.08 -5.64 27.49
CA MET D 38 -14.41 -5.64 26.86
C MET D 38 -15.11 -4.29 26.87
N PRO D 39 -15.68 -3.90 25.72
CA PRO D 39 -16.52 -2.69 25.69
C PRO D 39 -17.88 -2.91 26.36
N GLY D 40 -18.68 -1.85 26.47
CA GLY D 40 -20.09 -1.98 26.80
C GLY D 40 -20.91 -1.83 25.55
N VAL D 41 -22.23 -1.72 25.68
CA VAL D 41 -23.02 -1.46 24.48
C VAL D 41 -22.58 -0.20 23.73
N TYR D 42 -22.48 -0.34 22.40
CA TYR D 42 -22.17 0.80 21.57
C TYR D 42 -22.56 0.68 20.13
N TYR D 43 -22.32 1.76 19.41
CA TYR D 43 -22.76 1.89 18.02
C TYR D 43 -21.67 2.26 17.02
N VAL D 44 -21.80 1.79 15.78
CA VAL D 44 -20.87 2.20 14.73
C VAL D 44 -21.63 2.79 13.55
N ASP D 45 -21.28 4.02 13.17
CA ASP D 45 -21.90 4.65 12.01
C ASP D 45 -20.93 4.44 10.89
N ARG D 46 -21.40 3.83 9.82
CA ARG D 46 -20.58 3.64 8.65
C ARG D 46 -21.13 4.37 7.46
N ARG D 47 -20.27 4.59 6.46
CA ARG D 47 -20.74 4.89 5.12
C ARG D 47 -19.84 4.14 4.14
N LEU D 48 -20.41 3.17 3.42
CA LEU D 48 -19.64 2.34 2.47
C LEU D 48 -20.04 2.71 1.04
N GLU D 49 -19.06 3.12 0.25
CA GLU D 49 -19.34 3.71 -1.04
C GLU D 49 -18.47 3.09 -2.10
N ARG D 50 -19.09 2.77 -3.23
CA ARG D 50 -18.33 2.23 -4.34
C ARG D 50 -17.63 3.38 -5.07
N ILE D 51 -16.31 3.45 -4.96
CA ILE D 51 -15.54 4.48 -5.68
C ILE D 51 -15.56 4.22 -7.19
N LYS D 52 -14.87 3.16 -7.61
CA LYS D 52 -14.67 2.83 -9.02
C LYS D 52 -15.25 1.44 -9.33
N GLU D 53 -15.63 1.23 -10.59
CA GLU D 53 -16.05 -0.10 -11.04
C GLU D 53 -15.67 -0.17 -12.52
N ALA D 54 -15.40 -1.39 -13.00
CA ALA D 54 -15.02 -1.62 -14.38
C ALA D 54 -15.25 -3.07 -14.78
N ASP D 55 -15.35 -3.33 -16.09
CA ASP D 55 -15.48 -4.69 -16.62
C ASP D 55 -16.67 -5.46 -16.08
N LYS D 56 -17.86 -4.89 -16.19
CA LYS D 56 -19.07 -5.58 -15.76
C LYS D 56 -18.90 -6.04 -14.31
N GLU D 57 -18.28 -5.21 -13.48
CA GLU D 57 -18.10 -5.55 -12.08
C GLU D 57 -17.00 -6.52 -11.65
N THR D 58 -16.01 -6.78 -12.50
CA THR D 58 -14.95 -7.72 -12.11
C THR D 58 -13.79 -6.99 -11.42
N TYR D 59 -13.88 -5.66 -11.39
CA TYR D 59 -13.03 -4.79 -10.57
C TYR D 59 -13.87 -3.73 -9.82
N VAL D 60 -13.69 -3.67 -8.50
CA VAL D 60 -14.42 -2.73 -7.64
C VAL D 60 -13.45 -2.16 -6.63
N GLU D 61 -13.49 -0.86 -6.44
CA GLU D 61 -12.63 -0.24 -5.45
C GLU D 61 -13.59 0.39 -4.42
N GLN D 62 -13.45 0.00 -3.16
CA GLN D 62 -14.37 0.38 -2.11
C GLN D 62 -13.78 1.28 -1.08
N HIS D 63 -14.55 2.28 -0.67
CA HIS D 63 -14.14 3.08 0.47
C HIS D 63 -15.12 2.94 1.62
N GLU D 64 -14.58 2.91 2.83
CA GLU D 64 -15.35 2.85 4.07
C GLU D 64 -14.79 3.78 5.12
N VAL D 65 -15.70 4.48 5.77
CA VAL D 65 -15.34 5.25 6.96
C VAL D 65 -16.20 4.68 8.10
N ALA D 66 -15.60 4.42 9.26
CA ALA D 66 -16.36 3.89 10.40
C ALA D 66 -16.03 4.64 11.67
N VAL D 67 -17.05 5.16 12.35
CA VAL D 67 -16.84 5.83 13.63
C VAL D 67 -17.79 5.34 14.73
N ALA D 68 -17.19 4.72 15.73
CA ALA D 68 -17.89 4.22 16.91
C ALA D 68 -18.15 5.26 17.99
N ARG D 69 -19.22 5.04 18.74
CA ARG D 69 -19.65 5.98 19.76
C ARG D 69 -20.47 5.24 20.83
N TYR D 70 -20.76 5.93 21.93
CA TYR D 70 -21.80 5.50 22.84
C TYR D 70 -22.95 6.46 22.65
N CYS D 71 -24.07 6.18 23.30
CA CYS D 71 -25.14 7.11 23.11
C CYS D 71 -24.69 8.43 23.66
N ASP D 72 -24.66 9.46 22.81
CA ASP D 72 -24.28 10.82 23.23
C ASP D 72 -25.36 11.40 24.15
N LEU D 73 -26.60 11.02 23.89
CA LEU D 73 -27.77 11.56 24.59
C LEU D 73 -27.74 11.30 26.08
N PRO D 74 -28.23 12.29 26.87
CA PRO D 74 -28.28 12.31 28.33
C PRO D 74 -29.25 11.27 28.83
N SER D 75 -28.97 10.64 29.96
CA SER D 75 -29.89 9.64 30.47
C SER D 75 -30.48 10.00 31.84
N LYS D 76 -31.81 9.94 31.96
CA LYS D 76 -32.51 10.24 33.21
C LYS D 76 -32.09 9.23 34.29
N LEU D 77 -31.24 8.28 33.91
CA LEU D 77 -30.70 7.27 34.82
C LEU D 77 -29.18 7.34 34.89
N GLY D 78 -28.54 6.36 35.53
CA GLY D 78 -27.12 6.50 35.71
C GLY D 78 -26.21 5.70 34.78
N HIS D 79 -26.69 5.41 33.56
CA HIS D 79 -25.92 4.59 32.63
C HIS D 79 -24.84 5.45 32.01
N LYS D 80 -23.77 5.69 32.76
CA LYS D 80 -22.65 6.43 32.23
C LYS D 80 -22.17 5.37 31.22
N GLY D 81 -21.07 4.66 31.47
CA GLY D 81 -20.66 3.57 30.58
C GLY D 81 -20.59 3.92 29.11
N GLY D 82 -19.86 4.96 28.73
CA GLY D 82 -18.92 5.66 29.59
C GLY D 82 -17.66 4.82 29.72
N THR D 83 -16.85 5.07 30.75
CA THR D 83 -15.63 4.26 30.94
C THR D 83 -14.77 4.44 29.68
N GLY D 84 -14.37 3.30 29.12
CA GLY D 84 -13.59 3.26 27.92
C GLY D 84 -12.10 3.32 28.19
N GLY D 85 -11.32 3.27 27.11
CA GLY D 85 -9.87 3.32 27.19
C GLY D 85 -9.24 2.07 26.60
N SER D 86 -8.65 2.17 25.41
CA SER D 86 -7.92 1.01 24.89
C SER D 86 -6.69 1.44 24.09
N MET D 87 -5.63 0.64 24.18
CA MET D 87 -4.36 0.83 23.46
C MET D 87 -3.86 -0.39 22.72
N SER D 88 -3.43 -0.21 21.47
CA SER D 88 -3.11 -1.35 20.62
C SER D 88 -1.84 -1.10 19.82
N GLU D 89 -0.69 -1.47 20.38
CA GLU D 89 0.62 -1.18 19.80
C GLU D 89 0.87 -1.74 18.39
N LEU D 90 0.53 -3.01 18.18
CA LEU D 90 0.84 -3.74 16.94
C LEU D 90 0.25 -3.12 15.67
N ILE D 91 -0.91 -2.47 15.83
CA ILE D 91 -1.58 -1.73 14.77
C ILE D 91 -1.07 -0.30 14.66
N THR D 92 -0.24 -0.05 13.63
CA THR D 92 0.20 1.29 13.23
C THR D 92 -0.95 2.14 12.65
N GLU D 93 -0.66 3.39 12.29
CA GLU D 93 -1.69 4.26 11.73
C GLU D 93 -1.74 4.27 10.23
N ASN D 94 -0.89 3.45 9.66
CA ASN D 94 -1.01 3.09 8.28
C ASN D 94 -0.88 1.59 8.13
N MET D 95 -1.97 0.92 7.81
CA MET D 95 -1.95 -0.53 7.74
C MET D 95 -2.31 -1.02 6.34
N HIS D 96 -1.71 -2.14 5.93
CA HIS D 96 -2.02 -2.71 4.62
C HIS D 96 -2.80 -4.02 4.77
N MET D 97 -3.67 -4.34 3.81
CA MET D 97 -4.46 -5.56 3.90
CA MET D 97 -4.39 -5.59 3.91
C MET D 97 -4.45 -6.32 2.57
N LYS D 98 -4.50 -7.64 2.66
CA LYS D 98 -4.60 -8.54 1.52
C LYS D 98 -5.71 -9.51 1.88
N LEU D 99 -6.55 -9.82 0.89
CA LEU D 99 -7.72 -10.65 1.17
C LEU D 99 -7.93 -11.71 0.09
N TYR D 100 -8.37 -12.87 0.55
CA TYR D 100 -8.79 -13.95 -0.31
C TYR D 100 -10.22 -14.28 0.09
N MET D 101 -11.09 -14.42 -0.92
CA MET D 101 -12.51 -14.75 -0.74
C MET D 101 -12.96 -15.87 -1.68
N GLU D 102 -13.83 -16.75 -1.18
CA GLU D 102 -14.35 -17.86 -1.94
C GLU D 102 -15.76 -18.22 -1.47
N GLY D 103 -16.67 -18.50 -2.41
CA GLY D 103 -18.03 -18.90 -2.07
C GLY D 103 -19.03 -19.04 -3.20
N THR D 104 -20.29 -19.29 -2.83
CA THR D 104 -21.37 -19.61 -3.77
C THR D 104 -22.54 -18.69 -3.53
N VAL D 105 -23.20 -18.25 -4.59
CA VAL D 105 -24.41 -17.45 -4.46
C VAL D 105 -25.42 -18.00 -5.42
N ASN D 106 -26.46 -18.66 -4.91
CA ASN D 106 -27.45 -19.27 -5.80
C ASN D 106 -26.85 -20.24 -6.79
N ASN D 107 -26.06 -21.21 -6.31
CA ASN D 107 -25.45 -22.27 -7.13
C ASN D 107 -24.30 -21.78 -8.04
N HIS D 108 -24.01 -20.47 -8.00
CA HIS D 108 -22.92 -19.93 -8.81
C HIS D 108 -21.65 -19.72 -7.97
N HIS D 109 -20.57 -20.38 -8.37
CA HIS D 109 -19.29 -20.35 -7.64
C HIS D 109 -18.38 -19.22 -8.14
N PHE D 110 -17.50 -18.72 -7.26
CA PHE D 110 -16.58 -17.61 -7.60
C PHE D 110 -15.44 -17.43 -6.57
N LYS D 111 -14.37 -16.76 -6.98
CA LYS D 111 -13.25 -16.42 -6.09
C LYS D 111 -12.86 -14.94 -6.28
N CYS D 112 -12.45 -14.30 -5.19
CA CYS D 112 -12.08 -12.87 -5.21
C CYS D 112 -10.79 -12.62 -4.45
N THR D 113 -9.96 -11.71 -4.96
CA THR D 113 -8.83 -11.21 -4.18
C THR D 113 -8.95 -9.72 -4.11
N SER D 114 -8.34 -9.14 -3.10
CA SER D 114 -8.32 -7.69 -2.98
C SER D 114 -7.12 -7.29 -2.15
N GLU D 115 -6.66 -6.06 -2.31
CA GLU D 115 -5.61 -5.55 -1.46
C GLU D 115 -5.99 -4.10 -1.15
N GLY D 116 -5.64 -3.62 0.03
CA GLY D 116 -6.01 -2.25 0.34
C GLY D 116 -5.22 -1.67 1.48
N GLU D 117 -5.44 -0.39 1.71
CA GLU D 117 -4.80 0.32 2.80
C GLU D 117 -5.70 1.37 3.43
N GLY D 118 -5.51 1.59 4.73
CA GLY D 118 -6.26 2.61 5.43
C GLY D 118 -5.68 2.99 6.77
N LYS D 119 -6.34 3.91 7.44
CA LYS D 119 -5.90 4.44 8.73
C LYS D 119 -6.86 4.00 9.82
N PRO D 120 -6.48 2.92 10.53
CA PRO D 120 -7.30 2.21 11.50
C PRO D 120 -7.94 3.12 12.54
N TYR D 121 -7.12 4.01 13.12
CA TYR D 121 -7.52 4.91 14.21
C TYR D 121 -8.37 6.09 13.71
N GLU D 122 -8.23 6.46 12.43
CA GLU D 122 -9.03 7.51 11.81
C GLU D 122 -10.37 6.95 11.30
N GLY D 123 -10.45 5.62 11.18
CA GLY D 123 -11.63 4.91 10.72
C GLY D 123 -11.94 4.78 9.24
N THR D 124 -10.93 4.97 8.41
CA THR D 124 -11.10 4.91 6.97
C THR D 124 -10.31 3.76 6.31
N GLN D 125 -10.73 3.33 5.13
CA GLN D 125 -9.98 2.29 4.43
C GLN D 125 -10.40 2.20 2.99
N THR D 126 -9.52 1.64 2.17
CA THR D 126 -9.85 1.34 0.79
C THR D 126 -9.46 -0.06 0.42
N MET D 127 -10.27 -0.61 -0.48
CA MET D 127 -10.13 -1.96 -0.94
C MET D 127 -10.23 -1.93 -2.44
N ARG D 128 -9.22 -2.48 -3.09
CA ARG D 128 -9.22 -2.64 -4.53
C ARG D 128 -9.48 -4.12 -4.83
N ILE D 129 -10.61 -4.46 -5.47
CA ILE D 129 -11.07 -5.85 -5.45
C ILE D 129 -11.15 -6.43 -6.86
N LYS D 130 -10.63 -7.65 -7.03
CA LYS D 130 -10.58 -8.28 -8.35
C LYS D 130 -11.43 -9.55 -8.23
N VAL D 131 -12.37 -9.74 -9.15
CA VAL D 131 -13.03 -11.03 -9.33
C VAL D 131 -12.20 -11.96 -10.22
N VAL D 132 -11.59 -12.97 -9.61
CA VAL D 132 -10.62 -13.80 -10.32
C VAL D 132 -11.16 -15.12 -10.92
N GLU D 133 -12.41 -15.47 -10.60
CA GLU D 133 -12.99 -16.71 -11.12
C GLU D 133 -14.50 -16.58 -11.09
N GLY D 134 -15.14 -16.91 -12.21
CA GLY D 134 -16.58 -16.97 -12.29
C GLY D 134 -17.13 -15.58 -12.50
N GLY D 135 -16.32 -14.69 -13.06
CA GLY D 135 -16.78 -13.41 -13.55
C GLY D 135 -17.13 -13.54 -15.03
N PRO D 136 -18.09 -12.74 -15.51
CA PRO D 136 -18.82 -11.73 -14.74
C PRO D 136 -19.88 -12.40 -13.88
N LEU D 137 -20.01 -11.95 -12.64
CA LEU D 137 -21.07 -12.43 -11.74
C LEU D 137 -22.48 -12.12 -12.21
N PRO D 138 -23.37 -13.09 -12.07
CA PRO D 138 -24.75 -12.87 -12.51
C PRO D 138 -25.55 -12.20 -11.41
N PHE D 139 -24.91 -11.84 -10.29
CA PHE D 139 -25.55 -11.13 -9.16
C PHE D 139 -24.89 -9.79 -8.81
N ALA D 140 -25.70 -8.87 -8.28
CA ALA D 140 -25.25 -7.53 -7.85
C ALA D 140 -24.08 -7.60 -6.88
N PHE D 141 -22.95 -6.95 -7.22
CA PHE D 141 -21.74 -7.07 -6.40
C PHE D 141 -22.09 -6.63 -4.94
N ASP D 142 -22.93 -5.60 -4.83
CA ASP D 142 -23.38 -5.08 -3.53
C ASP D 142 -23.49 -6.08 -2.38
N ILE D 143 -24.10 -7.24 -2.63
CA ILE D 143 -24.37 -8.20 -1.57
C ILE D 143 -23.06 -8.76 -0.96
N LEU D 144 -21.94 -8.38 -1.55
CA LEU D 144 -20.61 -8.81 -1.14
C LEU D 144 -19.89 -7.66 -0.42
N ALA D 145 -20.42 -6.45 -0.61
CA ALA D 145 -19.77 -5.26 -0.09
C ALA D 145 -19.29 -5.36 1.35
N THR D 146 -20.19 -5.77 2.22
CA THR D 146 -19.90 -5.99 3.63
C THR D 146 -18.98 -7.14 3.99
N SER D 147 -18.23 -7.73 3.05
CA SER D 147 -17.51 -8.95 3.46
C SER D 147 -16.01 -8.80 3.29
N PHE D 148 -15.61 -7.70 2.68
CA PHE D 148 -14.22 -7.43 2.48
C PHE D 148 -13.73 -6.75 3.78
N SER D 150 -13.88 -5.28 7.45
CA SER D 150 -12.57 -4.91 7.92
C SER D 150 -12.68 -4.21 9.25
N LYS D 151 -12.83 -4.99 10.29
CA LYS D 151 -13.18 -4.44 11.60
C LYS D 151 -12.07 -3.64 12.31
N THR D 152 -10.83 -3.83 11.90
CA THR D 152 -9.71 -3.13 12.48
C THR D 152 -9.75 -1.62 12.23
N PHE D 153 -10.33 -1.22 11.10
CA PHE D 153 -10.37 0.19 10.75
C PHE D 153 -11.63 0.93 11.19
N ILE D 154 -12.02 0.67 12.43
CA ILE D 154 -13.07 1.44 13.08
C ILE D 154 -12.42 2.39 14.06
N ASN D 155 -12.63 3.68 13.82
CA ASN D 155 -12.22 4.73 14.72
C ASN D 155 -12.97 4.66 16.04
N HIS D 156 -12.39 4.01 17.04
CA HIS D 156 -13.01 4.06 18.36
C HIS D 156 -12.59 5.33 19.12
N THR D 157 -13.48 6.33 19.07
CA THR D 157 -13.36 7.56 19.83
C THR D 157 -14.11 7.40 21.12
N GLN D 158 -14.27 8.50 21.82
CA GLN D 158 -15.00 8.53 23.07
C GLN D 158 -14.40 7.57 24.08
N GLY D 159 -13.33 6.92 23.67
CA GLY D 159 -12.65 6.03 24.57
C GLY D 159 -13.11 4.60 24.61
N ILE D 160 -14.00 4.20 23.70
CA ILE D 160 -14.49 2.83 23.67
C ILE D 160 -13.34 1.89 23.48
N PRO D 161 -13.31 0.85 24.31
CA PRO D 161 -12.30 -0.20 24.24
C PRO D 161 -12.45 -0.87 22.90
N ASP D 162 -11.35 -0.89 22.16
CA ASP D 162 -11.30 -1.47 20.82
C ASP D 162 -11.02 -2.96 20.81
N PHE D 163 -12.11 -3.72 20.69
CA PHE D 163 -12.10 -5.17 20.77
C PHE D 163 -11.37 -5.84 19.62
N PHE D 164 -11.25 -5.13 18.51
CA PHE D 164 -10.65 -5.69 17.30
C PHE D 164 -9.19 -5.47 17.27
N LYS D 165 -8.79 -4.29 17.69
CA LYS D 165 -7.38 -3.97 17.73
C LYS D 165 -6.70 -4.66 18.91
N GLN D 166 -7.43 -4.85 19.99
CA GLN D 166 -6.90 -5.58 21.15
C GLN D 166 -6.56 -7.04 20.80
N SER D 167 -7.36 -7.68 19.97
CA SER D 167 -7.15 -9.10 19.62
C SER D 167 -5.72 -9.45 19.17
N PHE D 168 -5.06 -8.53 18.48
CA PHE D 168 -3.73 -8.81 17.93
C PHE D 168 -2.64 -9.06 18.97
N PRO D 169 -1.74 -10.02 18.69
CA PRO D 169 -1.51 -10.66 17.37
C PRO D 169 -2.40 -11.86 17.01
N GLU D 170 -2.92 -12.55 18.00
CA GLU D 170 -3.72 -13.75 17.75
C GLU D 170 -4.68 -13.55 16.57
N GLY D 171 -5.40 -12.43 16.55
CA GLY D 171 -6.35 -12.17 15.49
C GLY D 171 -7.78 -12.36 15.97
N PHE D 172 -8.74 -12.24 15.05
CA PHE D 172 -10.15 -12.46 15.38
C PHE D 172 -10.86 -13.05 14.18
N THR D 173 -11.95 -13.76 14.43
CA THR D 173 -12.85 -14.17 13.35
C THR D 173 -14.16 -13.41 13.45
N TRP D 174 -14.89 -13.38 12.35
CA TRP D 174 -16.29 -13.06 12.42
C TRP D 174 -17.18 -13.98 11.58
N GLU D 175 -18.47 -13.99 11.89
CA GLU D 175 -19.43 -14.78 11.15
C GLU D 175 -20.79 -14.11 11.24
N ARG D 176 -21.39 -13.98 10.08
CA ARG D 176 -22.53 -13.11 9.87
C ARG D 176 -23.61 -13.75 8.97
N VAL D 177 -24.85 -13.42 9.27
CA VAL D 177 -25.97 -13.82 8.47
C VAL D 177 -26.81 -12.65 8.03
N THR D 178 -26.72 -12.31 6.76
CA THR D 178 -27.47 -11.19 6.21
C THR D 178 -28.80 -11.67 5.61
N THR D 179 -29.91 -11.06 6.01
CA THR D 179 -31.21 -11.56 5.63
C THR D 179 -32.04 -10.52 4.90
N TYR D 180 -32.05 -10.58 3.58
CA TYR D 180 -32.88 -9.69 2.77
C TYR D 180 -34.37 -9.98 2.95
N GLU D 181 -35.17 -8.94 2.82
CA GLU D 181 -36.61 -9.00 3.04
C GLU D 181 -37.37 -9.55 1.83
N ASP D 182 -36.65 -9.76 0.72
CA ASP D 182 -37.28 -10.30 -0.49
C ASP D 182 -37.05 -11.81 -0.50
N GLY D 183 -36.12 -12.25 0.33
CA GLY D 183 -35.97 -13.66 0.62
C GLY D 183 -34.55 -14.14 0.72
N GLY D 184 -33.64 -13.41 0.07
CA GLY D 184 -32.25 -13.79 0.02
C GLY D 184 -31.60 -13.93 1.38
N VAL D 185 -30.55 -14.73 1.44
CA VAL D 185 -29.84 -14.96 2.69
C VAL D 185 -28.42 -15.21 2.33
N LEU D 186 -27.51 -14.52 3.00
CA LEU D 186 -26.11 -14.68 2.70
C LEU D 186 -25.34 -14.75 3.99
N THR D 187 -24.77 -15.92 4.27
CA THR D 187 -23.92 -16.03 5.45
C THR D 187 -22.49 -15.97 4.96
N ALA D 188 -21.59 -15.53 5.86
CA ALA D 188 -20.16 -15.37 5.59
C ALA D 188 -19.35 -15.57 6.85
N THR D 189 -18.31 -16.38 6.72
CA THR D 189 -17.37 -16.60 7.81
C THR D 189 -16.06 -16.04 7.34
N GLN D 190 -15.25 -15.52 8.27
CA GLN D 190 -14.08 -14.75 7.92
C GLN D 190 -13.00 -14.92 9.00
N ASP D 191 -11.74 -14.94 8.55
CA ASP D 191 -10.58 -15.01 9.43
C ASP D 191 -9.67 -13.84 9.17
N THR D 192 -9.42 -13.11 10.24
CA THR D 192 -8.47 -12.02 10.26
C THR D 192 -7.20 -12.49 10.98
N SER D 193 -6.06 -11.91 10.63
CA SER D 193 -4.78 -12.30 11.21
C SER D 193 -3.74 -11.26 10.85
N LEU D 194 -2.63 -11.29 11.56
CA LEU D 194 -1.56 -10.32 11.34
C LEU D 194 -0.26 -11.12 11.08
N GLN D 195 0.37 -10.90 9.92
CA GLN D 195 1.60 -11.61 9.52
C GLN D 195 2.54 -10.60 8.89
N ASP D 196 3.63 -10.26 9.58
CA ASP D 196 4.64 -9.36 9.03
C ASP D 196 4.12 -7.95 8.80
N GLY D 197 3.21 -7.51 9.64
CA GLY D 197 2.69 -6.15 9.56
C GLY D 197 1.64 -5.93 8.49
N CYS D 198 1.20 -7.01 7.86
CA CYS D 198 0.09 -6.95 6.92
C CYS D 198 -1.15 -7.67 7.53
N LEU D 199 -2.34 -7.09 7.36
CA LEU D 199 -3.58 -7.73 7.79
C LEU D 199 -4.04 -8.73 6.72
N ILE D 200 -4.23 -9.99 7.10
CA ILE D 200 -4.56 -11.03 6.12
C ILE D 200 -5.96 -11.50 6.36
N TYR D 201 -6.82 -11.27 5.37
CA TYR D 201 -8.23 -11.65 5.47
C TYR D 201 -8.51 -12.91 4.69
N ASN D 202 -9.26 -13.83 5.28
CA ASN D 202 -9.73 -15.03 4.58
C ASN D 202 -11.25 -15.18 4.74
N VAL D 203 -12.01 -14.92 3.66
CA VAL D 203 -13.46 -14.99 3.72
C VAL D 203 -14.05 -16.18 2.99
N LYS D 204 -15.28 -16.55 3.35
CA LYS D 204 -16.02 -17.58 2.62
C LYS D 204 -17.49 -17.17 2.64
N ILE D 205 -18.10 -17.26 1.47
CA ILE D 205 -19.47 -16.83 1.25
C ILE D 205 -20.32 -18.02 0.90
N ARG D 206 -21.57 -18.03 1.34
CA ARG D 206 -22.57 -18.96 0.84
C ARG D 206 -23.98 -18.35 0.87
N GLY D 207 -24.42 -17.75 -0.24
CA GLY D 207 -25.70 -17.06 -0.28
C GLY D 207 -26.67 -17.91 -1.09
N VAL D 208 -27.93 -17.91 -0.64
CA VAL D 208 -28.95 -18.72 -1.26
C VAL D 208 -30.34 -18.08 -1.27
N ASN D 209 -31.22 -18.61 -2.12
CA ASN D 209 -32.64 -18.23 -2.10
CA ASN D 209 -32.64 -18.24 -2.12
C ASN D 209 -32.94 -16.80 -2.54
N PHE D 210 -31.98 -16.16 -3.19
CA PHE D 210 -32.20 -14.85 -3.81
C PHE D 210 -33.15 -14.96 -5.00
N PRO D 211 -34.29 -14.23 -4.94
CA PRO D 211 -35.31 -14.29 -5.99
C PRO D 211 -34.71 -14.05 -7.39
N SER D 212 -35.09 -14.93 -8.32
CA SER D 212 -34.56 -14.91 -9.69
C SER D 212 -35.04 -13.70 -10.45
N ASN D 213 -36.26 -13.27 -10.17
CA ASN D 213 -36.85 -12.11 -10.83
C ASN D 213 -36.83 -10.89 -9.90
N GLY D 214 -35.80 -10.79 -9.06
CA GLY D 214 -35.62 -9.69 -8.12
C GLY D 214 -34.38 -8.86 -8.37
N PRO D 215 -34.22 -7.72 -7.66
CA PRO D 215 -33.13 -6.76 -7.88
C PRO D 215 -31.71 -7.29 -7.88
N VAL D 216 -31.41 -8.14 -6.92
CA VAL D 216 -30.02 -8.64 -6.75
C VAL D 216 -29.51 -9.49 -7.93
N MET D 217 -30.38 -10.34 -8.48
CA MET D 217 -30.03 -11.27 -9.54
C MET D 217 -30.10 -10.59 -10.90
N GLN D 218 -31.00 -9.62 -11.03
CA GLN D 218 -31.13 -8.85 -12.25
C GLN D 218 -30.13 -7.67 -12.32
N LYS D 219 -29.41 -7.43 -11.21
CA LYS D 219 -28.35 -6.40 -11.17
C LYS D 219 -28.85 -4.96 -11.15
N LYS D 220 -30.12 -4.79 -10.82
CA LYS D 220 -30.72 -3.45 -10.63
C LYS D 220 -30.38 -2.74 -9.30
N THR D 221 -29.13 -2.81 -8.83
CA THR D 221 -28.77 -2.09 -7.59
C THR D 221 -27.76 -0.96 -7.76
N LEU D 222 -27.77 -0.05 -6.78
CA LEU D 222 -26.96 1.16 -6.85
C LEU D 222 -26.36 1.56 -5.49
N GLY D 223 -25.47 0.73 -4.94
CA GLY D 223 -24.85 0.95 -3.64
C GLY D 223 -25.75 0.95 -2.40
N TRP D 224 -25.11 0.95 -1.23
CA TRP D 224 -25.80 1.04 0.07
C TRP D 224 -25.97 2.46 0.57
N GLU D 225 -26.96 2.66 1.45
CA GLU D 225 -27.04 3.89 2.23
C GLU D 225 -26.07 3.74 3.43
N ALA D 226 -25.78 4.82 4.14
CA ALA D 226 -24.94 4.69 5.33
C ALA D 226 -25.73 3.89 6.36
N SER D 227 -25.08 3.44 7.43
CA SER D 227 -25.80 2.57 8.34
C SER D 227 -25.34 2.60 9.76
N THR D 228 -26.16 2.06 10.66
CA THR D 228 -25.73 1.94 12.03
C THR D 228 -25.81 0.48 12.48
N GLU D 229 -24.68 -0.03 12.96
CA GLU D 229 -24.54 -1.32 13.64
C GLU D 229 -24.56 -1.14 15.16
N MET D 230 -25.36 -1.95 15.85
CA MET D 230 -25.34 -1.99 17.31
C MET D 230 -24.50 -3.13 17.90
N LEU D 231 -23.37 -2.82 18.51
CA LEU D 231 -22.47 -3.84 19.07
C LEU D 231 -22.64 -4.11 20.59
N TYR D 232 -22.67 -5.38 20.97
CA TYR D 232 -22.90 -5.76 22.37
C TYR D 232 -22.21 -7.08 22.73
N PRO D 233 -21.66 -7.16 23.94
CA PRO D 233 -20.91 -8.30 24.49
C PRO D 233 -21.83 -9.46 24.93
N ALA D 234 -21.40 -10.72 24.79
CA ALA D 234 -22.11 -11.84 25.42
C ALA D 234 -21.16 -12.98 25.80
N ASP D 235 -21.64 -13.87 26.68
CA ASP D 235 -20.93 -15.08 27.17
C ASP D 235 -19.41 -15.00 26.96
N GLU E 1 -36.15 -23.36 -15.02
CA GLU E 1 -37.24 -24.05 -14.32
C GLU E 1 -36.68 -25.01 -13.27
N PHE E 2 -37.14 -24.83 -12.03
CA PHE E 2 -36.71 -25.64 -10.89
C PHE E 2 -37.84 -25.89 -9.88
N LEU E 3 -37.53 -26.65 -8.83
CA LEU E 3 -38.46 -26.95 -7.73
C LEU E 3 -37.94 -26.21 -6.49
N GLU E 4 -38.86 -25.57 -5.76
CA GLU E 4 -38.56 -25.03 -4.44
C GLU E 4 -39.29 -25.88 -3.42
N GLY E 5 -38.69 -26.12 -2.26
CA GLY E 5 -39.37 -26.83 -1.19
C GLY E 5 -39.50 -26.03 0.08
N ARG E 6 -40.47 -26.40 0.91
CA ARG E 6 -40.61 -25.80 2.21
C ARG E 6 -41.00 -26.87 3.21
N SER E 7 -40.28 -26.94 4.31
CA SER E 7 -40.66 -27.77 5.46
C SER E 7 -40.57 -27.07 6.83
N ASP E 8 -41.38 -27.51 7.79
CA ASP E 8 -41.04 -27.24 9.19
C ASP E 8 -40.78 -28.54 9.93
N MET E 9 -39.54 -28.70 10.38
CA MET E 9 -39.14 -29.89 11.12
C MET E 9 -39.14 -29.65 12.62
N ALA E 10 -39.30 -30.72 13.39
CA ALA E 10 -39.19 -30.55 14.82
C ALA E 10 -38.06 -31.32 15.47
N LEU E 11 -37.27 -30.62 16.28
CA LEU E 11 -36.19 -31.29 16.95
C LEU E 11 -36.65 -31.70 18.36
N LYS E 12 -36.40 -32.96 18.72
CA LYS E 12 -36.77 -33.43 20.03
C LYS E 12 -35.70 -32.98 21.04
N LEU E 13 -36.14 -32.45 22.17
CA LEU E 13 -35.21 -32.02 23.22
C LEU E 13 -35.23 -32.89 24.44
N VAL E 14 -34.05 -33.11 25.00
CA VAL E 14 -33.87 -33.72 26.31
C VAL E 14 -34.78 -33.08 27.37
N GLY E 15 -35.70 -33.86 27.93
CA GLY E 15 -36.58 -33.37 28.98
C GLY E 15 -37.98 -33.07 28.46
N GLY E 16 -38.27 -33.55 27.26
CA GLY E 16 -39.50 -33.23 26.54
C GLY E 16 -39.42 -31.89 25.82
N GLY E 17 -40.42 -31.60 25.00
CA GLY E 17 -40.44 -30.36 24.25
C GLY E 17 -39.73 -30.42 22.91
N HIS E 18 -39.78 -29.31 22.16
CA HIS E 18 -39.23 -29.28 20.81
C HIS E 18 -38.68 -27.94 20.43
N LEU E 19 -37.72 -27.96 19.52
CA LEU E 19 -37.27 -26.77 18.84
C LEU E 19 -37.56 -26.88 17.36
N ILE E 20 -38.35 -25.93 16.86
CA ILE E 20 -38.75 -25.89 15.47
C ILE E 20 -37.76 -25.22 14.57
N CYS E 21 -37.67 -25.69 13.33
CA CYS E 21 -36.94 -24.94 12.32
C CYS E 21 -37.66 -24.97 10.97
N ASN E 22 -37.29 -24.03 10.08
CA ASN E 22 -37.94 -23.83 8.78
C ASN E 22 -36.93 -24.09 7.69
N LEU E 23 -37.33 -24.88 6.69
CA LEU E 23 -36.50 -25.22 5.54
C LEU E 23 -36.95 -24.62 4.22
N LYS E 24 -36.16 -23.71 3.67
CA LYS E 24 -36.38 -23.17 2.34
C LYS E 24 -35.31 -23.83 1.41
N THR E 25 -35.71 -24.71 0.51
CA THR E 25 -34.76 -25.38 -0.37
C THR E 25 -35.05 -25.05 -1.82
N THR E 26 -34.01 -24.85 -2.63
CA THR E 26 -34.20 -24.66 -4.06
C THR E 26 -33.49 -25.80 -4.80
N TYR E 27 -34.23 -26.54 -5.62
CA TYR E 27 -33.67 -27.68 -6.33
C TYR E 27 -33.46 -27.34 -7.80
N ARG E 28 -32.21 -27.45 -8.26
CA ARG E 28 -31.89 -27.02 -9.62
C ARG E 28 -31.48 -28.22 -10.43
N SER E 29 -31.96 -28.29 -11.67
CA SER E 29 -31.61 -29.42 -12.52
C SER E 29 -30.43 -29.07 -13.39
N LYS E 30 -29.64 -30.07 -13.74
CA LYS E 30 -28.52 -29.83 -14.65
C LYS E 30 -28.94 -30.21 -16.06
N LYS E 31 -29.96 -31.05 -16.14
CA LYS E 31 -30.58 -31.34 -17.41
C LYS E 31 -31.38 -30.13 -17.90
N PRO E 32 -31.32 -29.88 -19.21
CA PRO E 32 -32.01 -28.81 -19.94
C PRO E 32 -33.54 -28.86 -19.79
N ALA E 33 -34.11 -27.66 -19.68
CA ALA E 33 -35.56 -27.47 -19.46
C ALA E 33 -36.50 -28.23 -20.40
N LYS E 34 -36.22 -28.24 -21.70
CA LYS E 34 -37.14 -28.87 -22.64
C LYS E 34 -37.34 -30.37 -22.37
N ASN E 35 -36.33 -31.04 -21.83
CA ASN E 35 -36.40 -32.50 -21.65
C ASN E 35 -36.94 -33.01 -20.31
N LEU E 36 -37.38 -32.10 -19.45
CA LEU E 36 -37.97 -32.48 -18.17
C LEU E 36 -39.49 -32.45 -18.22
N LYS E 37 -40.11 -33.43 -17.55
CA LYS E 37 -41.55 -33.45 -17.34
C LYS E 37 -41.88 -32.94 -15.94
N MET E 38 -42.04 -31.62 -15.81
CA MET E 38 -42.32 -30.92 -14.52
C MET E 38 -43.57 -31.41 -13.79
N PRO E 39 -43.46 -31.62 -12.45
CA PRO E 39 -44.64 -31.91 -11.62
C PRO E 39 -45.54 -30.70 -11.39
N GLY E 40 -46.65 -30.93 -10.72
CA GLY E 40 -47.42 -29.84 -10.16
C GLY E 40 -47.02 -29.81 -8.71
N VAL E 41 -47.71 -29.02 -7.89
CA VAL E 41 -47.49 -29.02 -6.44
C VAL E 41 -47.63 -30.40 -5.80
N TYR E 42 -46.72 -30.73 -4.90
CA TYR E 42 -46.84 -31.99 -4.17
C TYR E 42 -46.10 -32.05 -2.86
N TYR E 43 -46.28 -33.16 -2.16
CA TYR E 43 -45.75 -33.30 -0.83
C TYR E 43 -44.92 -34.55 -0.67
N VAL E 44 -43.92 -34.48 0.18
CA VAL E 44 -43.09 -35.64 0.52
C VAL E 44 -43.13 -35.84 2.02
N ASP E 45 -43.54 -37.03 2.44
CA ASP E 45 -43.56 -37.40 3.84
C ASP E 45 -42.26 -38.16 4.11
N ARG E 46 -41.48 -37.70 5.06
CA ARG E 46 -40.25 -38.38 5.50
C ARG E 46 -40.32 -38.88 6.92
N ARG E 47 -39.46 -39.81 7.24
CA ARG E 47 -39.17 -40.07 8.63
C ARG E 47 -37.70 -40.32 8.67
N LEU E 48 -36.98 -39.43 9.36
CA LEU E 48 -35.53 -39.55 9.44
C LEU E 48 -35.10 -39.96 10.86
N GLU E 49 -34.39 -41.08 10.98
CA GLU E 49 -34.10 -41.70 12.28
C GLU E 49 -32.66 -42.08 12.48
N ARG E 50 -32.12 -41.76 13.66
CA ARG E 50 -30.76 -42.16 13.98
C ARG E 50 -30.72 -43.63 14.39
N ILE E 51 -30.17 -44.47 13.53
CA ILE E 51 -30.03 -45.88 13.85
C ILE E 51 -29.00 -46.12 14.94
N LYS E 52 -27.72 -45.93 14.62
CA LYS E 52 -26.64 -46.24 15.54
C LYS E 52 -25.79 -44.98 15.83
N GLU E 53 -25.15 -44.93 17.00
CA GLU E 53 -24.24 -43.84 17.29
C GLU E 53 -23.10 -44.28 18.22
N ALA E 54 -21.88 -43.91 17.83
CA ALA E 54 -20.66 -44.23 18.58
C ALA E 54 -19.66 -43.05 18.62
N ASP E 55 -18.75 -43.08 19.58
CA ASP E 55 -17.66 -42.09 19.70
C ASP E 55 -18.05 -40.62 19.80
N LYS E 56 -18.90 -40.27 20.77
CA LYS E 56 -19.30 -38.88 20.99
C LYS E 56 -19.83 -38.25 19.71
N GLU E 57 -20.55 -39.05 18.93
CA GLU E 57 -21.16 -38.60 17.69
C GLU E 57 -20.21 -38.49 16.47
N THR E 58 -19.03 -39.11 16.49
CA THR E 58 -18.11 -39.03 15.35
C THR E 58 -18.39 -40.17 14.34
N TYR E 59 -19.29 -41.08 14.73
CA TYR E 59 -19.87 -42.09 13.83
C TYR E 59 -21.40 -42.15 13.97
N VAL E 60 -22.11 -41.98 12.87
CA VAL E 60 -23.56 -42.01 12.90
C VAL E 60 -24.12 -42.72 11.70
N GLU E 61 -25.10 -43.58 11.92
CA GLU E 61 -25.74 -44.27 10.83
C GLU E 61 -27.20 -43.81 10.82
N GLN E 62 -27.61 -43.28 9.68
CA GLN E 62 -28.92 -42.67 9.49
C GLN E 62 -29.77 -43.47 8.51
N HIS E 63 -31.05 -43.62 8.85
CA HIS E 63 -32.01 -44.19 7.93
C HIS E 63 -33.09 -43.18 7.54
N GLU E 64 -33.51 -43.23 6.28
CA GLU E 64 -34.58 -42.36 5.82
C GLU E 64 -35.59 -43.09 4.94
N VAL E 65 -36.87 -42.84 5.20
CA VAL E 65 -37.93 -43.29 4.31
C VAL E 65 -38.69 -42.06 3.80
N ALA E 66 -38.63 -41.84 2.49
CA ALA E 66 -39.29 -40.71 1.86
C ALA E 66 -40.39 -41.13 0.90
N VAL E 67 -41.61 -40.60 1.08
CA VAL E 67 -42.71 -40.86 0.13
C VAL E 67 -43.53 -39.67 -0.36
N ALA E 68 -43.44 -39.41 -1.66
CA ALA E 68 -44.19 -38.34 -2.30
C ALA E 68 -45.62 -38.65 -2.68
N ARG E 69 -46.47 -37.62 -2.71
CA ARG E 69 -47.90 -37.80 -2.98
C ARG E 69 -48.49 -36.49 -3.53
N TYR E 70 -49.72 -36.55 -4.04
CA TYR E 70 -50.53 -35.33 -4.23
C TYR E 70 -51.61 -35.37 -3.20
N CYS E 71 -52.37 -34.29 -3.08
CA CYS E 71 -53.42 -34.32 -2.10
C CYS E 71 -54.39 -35.41 -2.53
N ASP E 72 -54.54 -36.40 -1.65
CA ASP E 72 -55.46 -37.52 -1.82
C ASP E 72 -56.88 -37.03 -1.71
N LEU E 73 -57.08 -36.02 -0.86
CA LEU E 73 -58.41 -35.53 -0.56
C LEU E 73 -59.20 -35.02 -1.74
N PRO E 74 -60.51 -35.29 -1.70
CA PRO E 74 -61.37 -34.90 -2.81
C PRO E 74 -61.47 -33.39 -2.87
N SER E 75 -61.55 -32.87 -4.09
CA SER E 75 -61.65 -31.43 -4.23
C SER E 75 -62.95 -30.99 -4.89
N LYS E 76 -63.60 -30.04 -4.24
CA LYS E 76 -64.86 -29.45 -4.68
C LYS E 76 -64.58 -28.77 -6.05
N LEU E 77 -63.39 -28.22 -6.18
CA LEU E 77 -62.94 -27.58 -7.41
C LEU E 77 -62.39 -28.60 -8.46
N GLY E 78 -61.79 -28.09 -9.54
CA GLY E 78 -61.37 -28.94 -10.64
C GLY E 78 -59.89 -29.27 -10.74
N HIS E 79 -59.18 -29.33 -9.62
CA HIS E 79 -57.72 -29.55 -9.63
C HIS E 79 -57.40 -31.05 -9.46
N LYS E 80 -57.64 -31.80 -10.54
CA LYS E 80 -57.41 -33.26 -10.67
C LYS E 80 -55.87 -33.47 -10.45
N GLY E 81 -55.06 -32.70 -11.19
CA GLY E 81 -53.59 -32.67 -11.14
C GLY E 81 -52.97 -33.36 -9.90
N GLY E 82 -52.94 -34.69 -9.95
CA GLY E 82 -53.23 -35.45 -11.16
C GLY E 82 -52.06 -35.50 -12.14
N THR E 83 -52.34 -35.79 -13.42
CA THR E 83 -51.30 -35.83 -14.45
C THR E 83 -50.32 -36.91 -13.99
N GLY E 84 -49.03 -36.60 -13.93
CA GLY E 84 -48.06 -37.57 -13.46
C GLY E 84 -47.46 -38.53 -14.46
N GLY E 85 -46.58 -39.40 -13.97
CA GLY E 85 -45.96 -40.37 -14.82
C GLY E 85 -44.56 -39.93 -15.23
N SER E 86 -43.56 -40.59 -14.65
CA SER E 86 -42.15 -40.40 -14.99
C SER E 86 -41.42 -41.73 -14.86
N MET E 87 -40.45 -41.92 -15.75
CA MET E 87 -39.58 -43.10 -15.78
C MET E 87 -38.09 -42.76 -15.85
N SER E 88 -37.24 -43.42 -15.06
CA SER E 88 -35.83 -42.99 -14.96
C SER E 88 -34.96 -44.24 -14.98
N GLU E 89 -34.31 -44.47 -16.11
CA GLU E 89 -33.66 -45.75 -16.37
C GLU E 89 -32.24 -45.86 -15.83
N LEU E 90 -31.56 -44.73 -15.69
CA LEU E 90 -30.20 -44.75 -15.20
C LEU E 90 -30.16 -45.17 -13.73
N ILE E 91 -31.23 -44.85 -13.01
CA ILE E 91 -31.39 -45.27 -11.63
C ILE E 91 -32.03 -46.64 -11.54
N THR E 92 -31.23 -47.66 -11.25
CA THR E 92 -31.72 -49.01 -10.93
C THR E 92 -32.50 -49.00 -9.61
N GLU E 93 -33.04 -50.14 -9.18
CA GLU E 93 -33.80 -50.17 -7.92
C GLU E 93 -32.93 -50.58 -6.74
N ASN E 94 -31.64 -50.77 -7.03
CA ASN E 94 -30.66 -50.83 -5.97
C ASN E 94 -29.42 -49.97 -6.31
N MET E 95 -29.26 -48.86 -5.59
CA MET E 95 -28.19 -47.88 -5.84
C MET E 95 -27.24 -47.65 -4.67
N HIS E 96 -25.98 -47.37 -4.98
CA HIS E 96 -24.97 -47.07 -3.95
C HIS E 96 -24.58 -45.59 -4.02
N MET E 97 -24.23 -45.01 -2.88
CA MET E 97 -23.86 -43.59 -2.81
CA MET E 97 -23.82 -43.60 -2.86
C MET E 97 -22.59 -43.33 -2.00
N LYS E 98 -21.83 -42.30 -2.37
CA LYS E 98 -20.63 -41.89 -1.65
C LYS E 98 -20.70 -40.38 -1.42
N LEU E 99 -20.33 -39.92 -0.22
CA LEU E 99 -20.50 -38.50 0.05
C LEU E 99 -19.31 -37.87 0.76
N TYR E 100 -19.02 -36.64 0.39
CA TYR E 100 -18.02 -35.81 1.07
C TYR E 100 -18.64 -34.50 1.54
N MET E 101 -18.35 -34.13 2.78
CA MET E 101 -18.87 -32.89 3.36
C MET E 101 -17.84 -32.03 4.04
N GLU E 102 -17.99 -30.72 3.90
CA GLU E 102 -17.06 -29.77 4.50
C GLU E 102 -17.79 -28.48 4.82
N GLY E 103 -17.52 -27.93 6.00
CA GLY E 103 -18.12 -26.66 6.40
C GLY E 103 -17.87 -26.22 7.83
N THR E 104 -18.53 -25.14 8.23
CA THR E 104 -18.30 -24.50 9.52
C THR E 104 -19.65 -24.30 10.26
N VAL E 105 -19.64 -24.47 11.58
CA VAL E 105 -20.80 -24.21 12.42
C VAL E 105 -20.34 -23.39 13.62
N ASN E 106 -20.69 -22.11 13.64
CA ASN E 106 -20.26 -21.24 14.71
C ASN E 106 -18.71 -21.18 14.87
N ASN E 107 -18.01 -20.91 13.76
CA ASN E 107 -16.54 -20.75 13.73
C ASN E 107 -15.74 -22.05 13.91
N HIS E 108 -16.44 -23.17 14.10
CA HIS E 108 -15.78 -24.47 14.28
C HIS E 108 -15.81 -25.23 12.96
N HIS E 109 -14.63 -25.58 12.44
CA HIS E 109 -14.52 -26.23 11.14
C HIS E 109 -14.54 -27.79 11.23
N PHE E 110 -14.99 -28.48 10.18
CA PHE E 110 -15.08 -29.96 10.20
C PHE E 110 -15.28 -30.61 8.81
N LYS E 111 -14.94 -31.90 8.72
CA LYS E 111 -15.14 -32.70 7.50
C LYS E 111 -15.79 -34.05 7.79
N CYS E 112 -16.62 -34.50 6.85
CA CYS E 112 -17.35 -35.76 6.97
C CYS E 112 -17.33 -36.55 5.67
N THR E 113 -17.24 -37.87 5.78
CA THR E 113 -17.46 -38.75 4.63
C THR E 113 -18.55 -39.75 4.98
N SER E 114 -19.22 -40.30 3.97
CA SER E 114 -20.23 -41.31 4.22
C SER E 114 -20.40 -42.16 2.97
N GLU E 115 -20.88 -43.39 3.16
CA GLU E 115 -21.22 -44.28 2.08
C GLU E 115 -22.49 -44.98 2.50
N GLY E 116 -23.35 -45.30 1.54
CA GLY E 116 -24.61 -45.94 1.85
C GLY E 116 -25.33 -46.58 0.67
N GLU E 117 -26.44 -47.25 0.97
CA GLU E 117 -27.25 -47.87 -0.07
C GLU E 117 -28.75 -47.79 0.27
N GLY E 118 -29.59 -47.72 -0.75
CA GLY E 118 -31.02 -47.72 -0.52
C GLY E 118 -31.79 -48.01 -1.79
N LYS E 119 -33.12 -48.03 -1.68
CA LYS E 119 -33.95 -48.36 -2.81
C LYS E 119 -34.81 -47.17 -3.27
N PRO E 120 -34.34 -46.45 -4.30
CA PRO E 120 -34.93 -45.18 -4.73
C PRO E 120 -36.42 -45.20 -4.94
N TYR E 121 -36.90 -46.20 -5.66
CA TYR E 121 -38.31 -46.27 -6.02
C TYR E 121 -39.17 -46.67 -4.84
N GLU E 122 -38.55 -47.35 -3.86
CA GLU E 122 -39.21 -47.72 -2.63
C GLU E 122 -39.18 -46.59 -1.61
N GLY E 123 -38.29 -45.61 -1.82
CA GLY E 123 -38.19 -44.49 -0.90
C GLY E 123 -37.37 -44.67 0.37
N THR E 124 -36.50 -45.67 0.41
CA THR E 124 -35.69 -45.96 1.59
C THR E 124 -34.20 -45.77 1.32
N GLN E 125 -33.43 -45.51 2.37
CA GLN E 125 -31.98 -45.38 2.20
C GLN E 125 -31.28 -45.44 3.55
N THR E 126 -29.99 -45.78 3.53
CA THR E 126 -29.14 -45.70 4.72
C THR E 126 -27.80 -45.05 4.48
N MET E 127 -27.30 -44.37 5.51
CA MET E 127 -26.04 -43.63 5.43
C MET E 127 -25.14 -43.94 6.65
N ARG E 128 -23.92 -44.38 6.38
CA ARG E 128 -22.90 -44.65 7.39
C ARG E 128 -21.87 -43.54 7.35
N ILE E 129 -21.80 -42.78 8.44
CA ILE E 129 -21.15 -41.48 8.40
C ILE E 129 -19.95 -41.36 9.34
N LYS E 130 -18.87 -40.81 8.82
CA LYS E 130 -17.67 -40.67 9.61
C LYS E 130 -17.37 -39.17 9.71
N VAL E 131 -17.16 -38.71 10.95
CA VAL E 131 -16.57 -37.40 11.20
C VAL E 131 -15.05 -37.49 11.13
N VAL E 132 -14.44 -36.97 10.06
CA VAL E 132 -12.99 -37.20 9.85
C VAL E 132 -12.04 -36.11 10.34
N GLU E 133 -12.59 -34.98 10.76
CA GLU E 133 -11.79 -33.84 11.21
C GLU E 133 -12.66 -32.96 12.12
N GLY E 134 -12.13 -32.59 13.29
CA GLY E 134 -12.80 -31.62 14.13
C GLY E 134 -13.89 -32.31 14.92
N GLY E 135 -13.73 -33.62 15.12
CA GLY E 135 -14.54 -34.37 16.07
C GLY E 135 -13.75 -34.33 17.37
N PRO E 136 -14.44 -34.38 18.52
CA PRO E 136 -15.90 -34.49 18.64
C PRO E 136 -16.50 -33.14 18.32
N LEU E 137 -17.59 -33.13 17.58
CA LEU E 137 -18.30 -31.89 17.32
C LEU E 137 -18.86 -31.33 18.60
N PRO E 138 -18.70 -30.02 18.77
CA PRO E 138 -19.18 -29.36 19.98
C PRO E 138 -20.65 -28.96 19.85
N PHE E 139 -21.25 -29.34 18.74
CA PHE E 139 -22.67 -29.08 18.47
C PHE E 139 -23.43 -30.36 18.17
N ALA E 140 -24.72 -30.37 18.48
CA ALA E 140 -25.59 -31.52 18.24
C ALA E 140 -25.57 -32.05 16.78
N PHE E 141 -25.22 -33.31 16.58
CA PHE E 141 -25.05 -33.84 15.20
C PHE E 141 -26.35 -33.66 14.38
N ASP E 142 -27.50 -33.85 15.03
CA ASP E 142 -28.80 -33.67 14.40
C ASP E 142 -28.85 -32.59 13.26
N ILE E 143 -28.26 -31.41 13.50
CA ILE E 143 -28.38 -30.28 12.54
C ILE E 143 -27.76 -30.52 11.16
N LEU E 144 -27.11 -31.65 11.01
CA LEU E 144 -26.46 -32.01 9.76
C LEU E 144 -27.28 -33.08 9.05
N ALA E 145 -28.17 -33.74 9.79
CA ALA E 145 -28.96 -34.86 9.29
C ALA E 145 -29.58 -34.62 7.91
N THR E 146 -30.28 -33.49 7.79
CA THR E 146 -30.90 -33.08 6.53
C THR E 146 -29.94 -32.70 5.42
N SER E 147 -28.64 -33.03 5.54
CA SER E 147 -27.70 -32.49 4.57
C SER E 147 -26.99 -33.65 3.88
N PHE E 148 -27.24 -34.84 4.39
CA PHE E 148 -26.67 -36.06 3.84
C PHE E 148 -27.63 -36.50 2.70
N SER E 150 -30.68 -36.42 0.22
CA SER E 150 -30.61 -37.42 -0.86
C SER E 150 -31.93 -37.58 -1.59
N LYS E 151 -32.19 -36.65 -2.51
CA LYS E 151 -33.48 -36.45 -3.17
C LYS E 151 -33.88 -37.55 -4.17
N THR E 152 -32.88 -38.32 -4.62
CA THR E 152 -33.11 -39.41 -5.56
C THR E 152 -33.98 -40.52 -4.97
N PHE E 153 -33.89 -40.72 -3.66
CA PHE E 153 -34.64 -41.79 -3.02
C PHE E 153 -35.98 -41.34 -2.49
N ILE E 154 -36.68 -40.57 -3.32
CA ILE E 154 -38.06 -40.28 -3.02
C ILE E 154 -38.90 -41.14 -3.90
N ASN E 155 -39.66 -42.01 -3.23
CA ASN E 155 -40.66 -42.87 -3.81
C ASN E 155 -41.78 -42.08 -4.42
N HIS E 156 -41.71 -41.81 -5.72
CA HIS E 156 -42.87 -41.18 -6.29
C HIS E 156 -43.89 -42.30 -6.65
N THR E 157 -44.86 -42.47 -5.74
CA THR E 157 -46.02 -43.34 -5.92
C THR E 157 -47.00 -42.35 -6.48
N GLN E 158 -47.77 -42.77 -7.46
CA GLN E 158 -48.77 -41.89 -8.06
C GLN E 158 -48.07 -41.27 -9.23
N GLY E 159 -48.82 -40.56 -10.06
CA GLY E 159 -48.25 -39.90 -11.21
C GLY E 159 -46.95 -39.22 -10.93
N ILE E 160 -47.04 -38.11 -10.22
CA ILE E 160 -45.90 -37.30 -9.86
C ILE E 160 -44.60 -37.65 -10.58
N PRO E 161 -44.26 -36.82 -11.56
CA PRO E 161 -43.04 -36.87 -12.35
C PRO E 161 -41.88 -36.64 -11.37
N ASP E 162 -40.92 -37.56 -11.37
CA ASP E 162 -39.76 -37.52 -10.48
C ASP E 162 -38.65 -36.63 -11.04
N PHE E 163 -38.61 -35.39 -10.55
CA PHE E 163 -37.71 -34.36 -11.07
C PHE E 163 -36.23 -34.65 -10.81
N PHE E 164 -35.97 -35.47 -9.79
CA PHE E 164 -34.61 -35.76 -9.35
C PHE E 164 -34.09 -36.97 -10.11
N LYS E 165 -34.94 -37.98 -10.30
CA LYS E 165 -34.52 -39.16 -11.03
C LYS E 165 -34.43 -38.90 -12.53
N GLN E 166 -35.27 -38.01 -13.05
CA GLN E 166 -35.21 -37.62 -14.45
C GLN E 166 -33.88 -36.91 -14.83
N SER E 167 -33.38 -36.08 -13.92
CA SER E 167 -32.18 -35.27 -14.12
C SER E 167 -30.93 -36.01 -14.62
N PHE E 168 -30.75 -37.26 -14.20
CA PHE E 168 -29.56 -38.04 -14.57
C PHE E 168 -29.45 -38.36 -16.07
N PRO E 169 -28.22 -38.33 -16.61
CA PRO E 169 -26.90 -38.29 -15.95
C PRO E 169 -26.38 -36.91 -15.52
N GLU E 170 -26.83 -35.84 -16.17
CA GLU E 170 -26.34 -34.52 -15.81
C GLU E 170 -26.24 -34.34 -14.28
N GLY E 171 -27.31 -34.68 -13.56
CA GLY E 171 -27.34 -34.51 -12.12
C GLY E 171 -28.20 -33.34 -11.66
N PHE E 172 -28.19 -33.06 -10.36
CA PHE E 172 -28.90 -31.91 -9.82
C PHE E 172 -28.17 -31.34 -8.62
N THR E 173 -28.38 -30.06 -8.33
CA THR E 173 -27.91 -29.45 -7.08
C THR E 173 -29.08 -29.14 -6.17
N TRP E 174 -28.80 -28.95 -4.89
CA TRP E 174 -29.76 -28.27 -4.02
C TRP E 174 -29.06 -27.24 -3.16
N GLU E 175 -29.83 -26.31 -2.63
CA GLU E 175 -29.30 -25.27 -1.75
C GLU E 175 -30.44 -24.82 -0.86
N ARG E 176 -30.13 -24.79 0.43
CA ARG E 176 -31.13 -24.72 1.47
C ARG E 176 -30.73 -23.80 2.60
N VAL E 177 -31.70 -23.11 3.19
CA VAL E 177 -31.43 -22.31 4.36
C VAL E 177 -32.37 -22.72 5.48
N THR E 178 -31.82 -23.37 6.49
CA THR E 178 -32.57 -23.84 7.63
C THR E 178 -32.53 -22.81 8.76
N THR E 179 -33.71 -22.43 9.26
CA THR E 179 -33.85 -21.33 10.19
C THR E 179 -34.48 -21.80 11.50
N TYR E 180 -33.65 -22.05 12.49
CA TYR E 180 -34.13 -22.41 13.81
C TYR E 180 -34.82 -21.23 14.47
N GLU E 181 -35.81 -21.52 15.28
CA GLU E 181 -36.60 -20.47 15.90
C GLU E 181 -35.91 -19.85 17.11
N ASP E 182 -34.76 -20.42 17.52
CA ASP E 182 -34.01 -19.89 18.66
C ASP E 182 -32.90 -18.94 18.17
N GLY E 183 -32.61 -19.00 16.86
CA GLY E 183 -31.79 -18.00 16.21
C GLY E 183 -30.83 -18.55 15.20
N GLY E 184 -30.49 -19.81 15.36
CA GLY E 184 -29.52 -20.44 14.49
C GLY E 184 -29.96 -20.39 13.04
N VAL E 185 -28.98 -20.48 12.14
CA VAL E 185 -29.17 -20.45 10.69
C VAL E 185 -28.08 -21.32 10.15
N LEU E 186 -28.45 -22.23 9.24
CA LEU E 186 -27.49 -23.16 8.64
C LEU E 186 -27.81 -23.23 7.17
N THR E 187 -26.93 -22.71 6.31
CA THR E 187 -27.15 -22.88 4.88
C THR E 187 -26.26 -24.00 4.40
N ALA E 188 -26.68 -24.64 3.30
CA ALA E 188 -25.96 -25.75 2.72
C ALA E 188 -26.18 -25.85 1.20
N THR E 189 -25.09 -25.99 0.45
CA THR E 189 -25.15 -26.20 -0.99
C THR E 189 -24.65 -27.58 -1.35
N GLN E 190 -25.19 -28.17 -2.41
CA GLN E 190 -24.93 -29.59 -2.68
C GLN E 190 -24.97 -29.92 -4.17
N ASP E 191 -24.11 -30.86 -4.55
CA ASP E 191 -24.05 -31.39 -5.92
C ASP E 191 -24.23 -32.90 -5.94
N THR E 192 -25.22 -33.31 -6.71
CA THR E 192 -25.49 -34.71 -6.99
C THR E 192 -25.01 -35.02 -8.42
N SER E 193 -24.30 -36.12 -8.62
CA SER E 193 -23.81 -36.42 -9.96
C SER E 193 -23.79 -37.95 -10.07
N LEU E 194 -23.67 -38.48 -11.30
CA LEU E 194 -23.69 -39.93 -11.47
C LEU E 194 -22.43 -40.37 -12.21
N GLN E 195 -21.62 -41.24 -11.59
CA GLN E 195 -20.35 -41.70 -12.16
C GLN E 195 -20.18 -43.20 -11.93
N ASP E 196 -20.29 -43.97 -13.01
CA ASP E 196 -20.09 -45.41 -12.93
C ASP E 196 -21.16 -46.09 -12.06
N GLY E 197 -22.36 -45.53 -12.08
CA GLY E 197 -23.49 -46.12 -11.36
C GLY E 197 -23.54 -45.87 -9.87
N CYS E 198 -22.61 -45.05 -9.39
CA CYS E 198 -22.61 -44.62 -8.01
C CYS E 198 -23.03 -43.16 -7.94
N LEU E 199 -23.87 -42.86 -6.96
CA LEU E 199 -24.31 -41.50 -6.67
C LEU E 199 -23.28 -40.78 -5.80
N ILE E 200 -22.81 -39.62 -6.27
CA ILE E 200 -21.77 -38.88 -5.58
C ILE E 200 -22.29 -37.57 -5.02
N TYR E 201 -22.26 -37.43 -3.70
CA TYR E 201 -22.77 -36.21 -3.10
C TYR E 201 -21.61 -35.31 -2.69
N ASN E 202 -21.72 -34.04 -3.03
CA ASN E 202 -20.75 -33.08 -2.55
C ASN E 202 -21.45 -31.88 -1.90
N VAL E 203 -21.35 -31.83 -0.57
CA VAL E 203 -21.98 -30.81 0.26
C VAL E 203 -21.00 -29.80 0.85
N LYS E 204 -21.54 -28.65 1.24
CA LYS E 204 -20.78 -27.66 1.97
C LYS E 204 -21.76 -27.03 2.98
N ILE E 205 -21.33 -26.89 4.22
CA ILE E 205 -22.18 -26.39 5.28
C ILE E 205 -21.59 -25.07 5.74
N ARG E 206 -22.45 -24.12 6.10
CA ARG E 206 -21.99 -22.93 6.78
C ARG E 206 -23.06 -22.39 7.73
N GLY E 207 -23.00 -22.80 9.00
CA GLY E 207 -24.01 -22.43 9.97
C GLY E 207 -23.50 -21.39 10.95
N VAL E 208 -24.39 -20.48 11.35
CA VAL E 208 -24.03 -19.39 12.24
C VAL E 208 -25.15 -19.01 13.23
N ASN E 209 -24.80 -18.29 14.29
CA ASN E 209 -25.76 -17.68 15.23
CA ASN E 209 -25.76 -17.70 15.23
C ASN E 209 -26.55 -18.69 16.10
N PHE E 210 -26.09 -19.93 16.18
CA PHE E 210 -26.69 -20.87 17.12
C PHE E 210 -26.40 -20.43 18.52
N PRO E 211 -27.46 -20.16 19.30
CA PRO E 211 -27.26 -19.69 20.67
C PRO E 211 -26.33 -20.64 21.41
N SER E 212 -25.32 -20.09 22.09
CA SER E 212 -24.31 -20.90 22.78
C SER E 212 -24.84 -21.64 24.01
N ASN E 213 -25.78 -21.01 24.73
CA ASN E 213 -26.31 -21.68 25.91
C ASN E 213 -27.70 -22.27 25.60
N GLY E 214 -27.87 -22.71 24.36
CA GLY E 214 -29.11 -23.30 23.90
C GLY E 214 -28.90 -24.75 23.51
N PRO E 215 -29.99 -25.48 23.24
CA PRO E 215 -29.95 -26.91 22.95
C PRO E 215 -28.95 -27.32 21.89
N VAL E 216 -28.83 -26.58 20.78
CA VAL E 216 -27.95 -27.08 19.72
C VAL E 216 -26.46 -27.21 20.11
N MET E 217 -25.97 -26.24 20.88
CA MET E 217 -24.54 -26.18 21.25
C MET E 217 -24.24 -27.03 22.45
N GLN E 218 -25.22 -27.16 23.34
CA GLN E 218 -25.09 -28.01 24.52
C GLN E 218 -25.43 -29.48 24.22
N LYS E 219 -25.91 -29.76 23.02
CA LYS E 219 -26.15 -31.14 22.61
C LYS E 219 -27.34 -31.82 23.26
N LYS E 220 -28.24 -31.03 23.84
CA LYS E 220 -29.48 -31.58 24.41
C LYS E 220 -30.57 -31.97 23.40
N THR E 221 -30.18 -32.58 22.28
CA THR E 221 -31.18 -33.02 21.31
C THR E 221 -31.26 -34.54 21.14
N LEU E 222 -32.41 -34.98 20.63
CA LEU E 222 -32.71 -36.39 20.52
C LEU E 222 -33.44 -36.71 19.21
N GLY E 223 -32.78 -36.51 18.08
CA GLY E 223 -33.39 -36.74 16.78
C GLY E 223 -34.57 -35.85 16.38
N TRP E 224 -34.94 -35.98 15.11
CA TRP E 224 -36.11 -35.29 14.57
C TRP E 224 -37.41 -36.08 14.61
N GLU E 225 -38.52 -35.36 14.59
CA GLU E 225 -39.80 -35.98 14.31
C GLU E 225 -39.89 -36.09 12.80
N ALA E 226 -40.86 -36.84 12.32
CA ALA E 226 -41.06 -36.93 10.88
C ALA E 226 -41.55 -35.59 10.35
N SER E 227 -41.58 -35.42 9.03
CA SER E 227 -41.93 -34.11 8.51
C SER E 227 -42.59 -34.15 7.15
N THR E 228 -43.18 -33.03 6.77
CA THR E 228 -43.73 -32.96 5.45
C THR E 228 -43.09 -31.80 4.72
N GLU E 229 -42.52 -32.09 3.56
CA GLU E 229 -42.03 -31.09 2.63
C GLU E 229 -43.05 -30.83 1.54
N MET E 230 -43.34 -29.57 1.29
CA MET E 230 -44.16 -29.21 0.14
C MET E 230 -43.23 -28.80 -1.01
N LEU E 231 -43.44 -29.33 -2.21
CA LEU E 231 -42.59 -29.04 -3.38
C LEU E 231 -43.40 -28.45 -4.53
N TYR E 232 -42.85 -27.40 -5.14
CA TYR E 232 -43.49 -26.62 -6.19
C TYR E 232 -42.53 -26.00 -7.20
N PRO E 233 -42.92 -26.01 -8.48
CA PRO E 233 -42.15 -25.53 -9.63
C PRO E 233 -42.17 -24.00 -9.69
N ALA E 234 -41.05 -23.44 -10.14
CA ALA E 234 -40.95 -22.02 -10.51
C ALA E 234 -39.92 -21.76 -11.60
N ASP E 235 -40.02 -20.57 -12.22
CA ASP E 235 -39.07 -20.08 -13.23
C ASP E 235 -38.22 -21.18 -13.90
N GLU F 1 -47.12 8.13 -0.89
CA GLU F 1 -45.72 8.32 -0.50
C GLU F 1 -45.60 8.30 1.03
N PHE F 2 -44.74 7.41 1.53
CA PHE F 2 -44.57 7.27 2.98
C PHE F 2 -43.15 6.93 3.45
N LEU F 3 -42.99 6.81 4.77
CA LEU F 3 -41.71 6.47 5.41
C LEU F 3 -41.75 5.06 6.00
N GLU F 4 -40.69 4.30 5.76
CA GLU F 4 -40.49 3.03 6.44
C GLU F 4 -39.33 3.17 7.43
N GLY F 5 -39.43 2.52 8.59
CA GLY F 5 -38.32 2.49 9.55
C GLY F 5 -37.82 1.09 9.87
N ARG F 6 -36.59 1.00 10.33
CA ARG F 6 -36.01 -0.26 10.81
C ARG F 6 -35.17 0.02 12.04
N SER F 7 -35.41 -0.71 13.11
CA SER F 7 -34.53 -0.69 14.25
C SER F 7 -34.21 -2.11 14.73
N ASP F 8 -33.06 -2.35 15.33
CA ASP F 8 -32.82 -3.50 16.20
C ASP F 8 -32.58 -3.04 17.64
N MET F 9 -33.49 -3.39 18.53
CA MET F 9 -33.37 -3.02 19.93
C MET F 9 -32.83 -4.16 20.77
N ALA F 10 -32.19 -3.84 21.88
CA ALA F 10 -31.72 -4.87 22.79
C ALA F 10 -32.38 -4.79 24.16
N LEU F 11 -32.88 -5.92 24.63
CA LEU F 11 -33.54 -5.96 25.92
C LEU F 11 -32.56 -6.38 26.96
N LYS F 12 -32.54 -5.68 28.07
CA LYS F 12 -31.61 -6.06 29.10
C LYS F 12 -32.22 -7.24 29.85
N LEU F 13 -31.44 -8.28 30.10
CA LEU F 13 -31.96 -9.43 30.82
C LEU F 13 -31.38 -9.53 32.24
N VAL F 14 -32.24 -9.93 33.17
CA VAL F 14 -31.82 -10.32 34.51
C VAL F 14 -30.65 -11.32 34.44
N GLY F 15 -29.51 -10.90 34.98
CA GLY F 15 -28.33 -11.75 35.03
C GLY F 15 -27.29 -11.37 34.00
N GLY F 16 -27.45 -10.19 33.41
CA GLY F 16 -26.63 -9.74 32.29
C GLY F 16 -27.15 -10.32 30.99
N GLY F 17 -26.60 -9.86 29.88
CA GLY F 17 -27.03 -10.36 28.59
C GLY F 17 -28.20 -9.61 27.98
N HIS F 18 -28.58 -10.03 26.77
CA HIS F 18 -29.60 -9.30 26.06
C HIS F 18 -30.42 -10.20 25.18
N LEU F 19 -31.66 -9.80 24.93
CA LEU F 19 -32.48 -10.39 23.90
C LEU F 19 -32.80 -9.32 22.86
N ILE F 20 -32.38 -9.59 21.62
CA ILE F 20 -32.59 -8.68 20.51
C ILE F 20 -33.96 -8.86 19.86
N CYS F 21 -34.51 -7.77 19.36
CA CYS F 21 -35.69 -7.83 18.52
C CYS F 21 -35.58 -6.86 17.38
N ASN F 22 -36.41 -7.05 16.35
CA ASN F 22 -36.35 -6.28 15.11
C ASN F 22 -37.64 -5.52 14.95
N LEU F 23 -37.55 -4.23 14.61
CA LEU F 23 -38.71 -3.37 14.39
C LEU F 23 -38.92 -2.98 12.95
N LYS F 24 -39.97 -3.48 12.31
CA LYS F 24 -40.34 -3.03 10.96
C LYS F 24 -41.58 -2.11 11.06
N THR F 25 -41.40 -0.81 10.81
CA THR F 25 -42.54 0.11 10.92
C THR F 25 -42.85 0.81 9.60
N THR F 26 -44.12 0.98 9.30
CA THR F 26 -44.46 1.74 8.10
C THR F 26 -45.22 2.96 8.62
N TYR F 27 -44.75 4.16 8.30
CA TYR F 27 -45.40 5.37 8.79
C TYR F 27 -46.14 5.98 7.60
N ARG F 28 -47.45 6.12 7.73
CA ARG F 28 -48.28 6.57 6.62
C ARG F 28 -48.89 7.92 6.95
N SER F 29 -48.96 8.83 5.98
CA SER F 29 -49.55 10.15 6.19
C SER F 29 -51.02 10.28 5.81
N LYS F 30 -51.73 11.17 6.51
CA LYS F 30 -53.13 11.51 6.21
C LYS F 30 -53.24 12.80 5.37
N LYS F 31 -52.20 13.63 5.44
CA LYS F 31 -52.02 14.80 4.57
C LYS F 31 -51.68 14.38 3.12
N PRO F 32 -52.22 15.10 2.13
CA PRO F 32 -51.99 14.86 0.69
C PRO F 32 -50.51 14.90 0.27
N ALA F 33 -50.12 14.01 -0.65
CA ALA F 33 -48.73 13.88 -1.10
C ALA F 33 -48.03 15.18 -1.55
N LYS F 34 -48.73 16.00 -2.33
CA LYS F 34 -48.17 17.23 -2.90
C LYS F 34 -47.71 18.28 -1.86
N ASN F 35 -48.34 18.34 -0.69
CA ASN F 35 -48.05 19.38 0.31
C ASN F 35 -46.98 19.00 1.34
N LEU F 36 -46.39 17.82 1.16
CA LEU F 36 -45.32 17.33 2.03
C LEU F 36 -43.94 17.55 1.39
N LYS F 37 -42.98 17.93 2.24
CA LYS F 37 -41.58 18.03 1.84
C LYS F 37 -40.86 16.74 2.30
N MET F 38 -40.89 15.72 1.45
CA MET F 38 -40.29 14.40 1.75
C MET F 38 -38.79 14.51 2.12
N PRO F 39 -38.40 13.83 3.21
CA PRO F 39 -36.98 13.71 3.59
C PRO F 39 -36.22 12.76 2.66
N GLY F 40 -34.91 12.64 2.88
CA GLY F 40 -34.15 11.54 2.31
C GLY F 40 -33.92 10.49 3.39
N VAL F 41 -33.08 9.53 3.10
CA VAL F 41 -32.68 8.56 4.12
C VAL F 41 -32.08 9.31 5.33
N TYR F 42 -32.43 8.89 6.55
CA TYR F 42 -31.83 9.48 7.74
C TYR F 42 -31.93 8.58 8.99
N TYR F 43 -31.35 9.00 10.11
CA TYR F 43 -31.32 8.14 11.29
C TYR F 43 -31.88 8.87 12.52
N VAL F 44 -32.49 8.11 13.43
CA VAL F 44 -32.98 8.64 14.70
C VAL F 44 -32.33 7.87 15.85
N ASP F 45 -31.68 8.60 16.74
CA ASP F 45 -31.06 8.01 17.92
C ASP F 45 -32.04 8.21 19.06
N ARG F 46 -32.43 7.12 19.71
CA ARG F 46 -33.29 7.21 20.88
C ARG F 46 -32.60 6.69 22.13
N ARG F 47 -33.09 7.08 23.30
CA ARG F 47 -32.79 6.38 24.55
C ARG F 47 -34.10 6.37 25.35
N LEU F 48 -34.64 5.18 25.58
CA LEU F 48 -35.92 5.05 26.28
C LEU F 48 -35.73 4.48 27.66
N GLU F 49 -36.18 5.20 28.69
CA GLU F 49 -35.85 4.81 30.04
C GLU F 49 -37.06 4.81 30.96
N ARG F 50 -37.19 3.73 31.73
CA ARG F 50 -38.26 3.66 32.69
C ARG F 50 -37.88 4.49 33.91
N ILE F 51 -38.53 5.63 34.06
CA ILE F 51 -38.31 6.50 35.21
C ILE F 51 -38.85 5.81 36.45
N LYS F 52 -40.18 5.70 36.53
CA LYS F 52 -40.88 5.19 37.70
C LYS F 52 -41.68 3.94 37.39
N GLU F 53 -41.86 3.09 38.39
CA GLU F 53 -42.72 1.93 38.24
C GLU F 53 -43.36 1.59 39.60
N ALA F 54 -44.67 1.36 39.59
CA ALA F 54 -45.41 1.02 40.80
C ALA F 54 -46.42 -0.06 40.49
N ASP F 55 -46.85 -0.78 41.53
CA ASP F 55 -47.91 -1.79 41.43
C ASP F 55 -47.75 -3.00 40.46
N LYS F 56 -46.66 -3.74 40.61
CA LYS F 56 -46.43 -4.94 39.79
C LYS F 56 -46.53 -4.55 38.32
N GLU F 57 -46.01 -3.39 38.02
CA GLU F 57 -45.97 -2.87 36.66
C GLU F 57 -47.29 -2.27 36.12
N THR F 58 -48.24 -1.96 37.01
CA THR F 58 -49.52 -1.39 36.55
C THR F 58 -49.51 0.15 36.48
N TYR F 59 -48.42 0.74 36.96
CA TYR F 59 -48.08 2.15 36.77
C TYR F 59 -46.64 2.21 36.34
N VAL F 60 -46.42 2.85 35.19
CA VAL F 60 -45.09 3.01 34.62
C VAL F 60 -45.01 4.43 34.05
N GLU F 61 -43.89 5.09 34.31
CA GLU F 61 -43.61 6.42 33.79
C GLU F 61 -42.38 6.39 32.89
N GLN F 62 -42.53 6.85 31.64
CA GLN F 62 -41.44 6.75 30.65
C GLN F 62 -40.82 8.08 30.17
N HIS F 63 -39.51 8.15 30.04
CA HIS F 63 -38.91 9.29 29.39
C HIS F 63 -38.21 8.84 28.11
N GLU F 64 -38.29 9.67 27.06
CA GLU F 64 -37.61 9.37 25.80
C GLU F 64 -36.93 10.62 25.24
N VAL F 65 -35.71 10.45 24.76
CA VAL F 65 -35.03 11.48 24.00
C VAL F 65 -34.71 10.96 22.60
N ALA F 66 -35.30 11.59 21.58
CA ALA F 66 -35.08 11.21 20.18
C ALA F 66 -34.42 12.28 19.35
N VAL F 67 -33.30 11.96 18.70
CA VAL F 67 -32.68 12.92 17.79
C VAL F 67 -32.31 12.36 16.43
N ALA F 68 -32.97 12.87 15.40
CA ALA F 68 -32.72 12.52 14.01
C ALA F 68 -31.57 13.31 13.42
N ARG F 69 -30.90 12.69 12.46
CA ARG F 69 -29.70 13.27 11.87
C ARG F 69 -29.52 12.71 10.47
N TYR F 70 -28.60 13.27 9.70
CA TYR F 70 -28.11 12.55 8.54
C TYR F 70 -26.70 12.06 8.82
N CYS F 71 -26.14 11.25 7.93
CA CYS F 71 -24.80 10.80 8.19
C CYS F 71 -23.90 12.06 8.18
N ASP F 72 -23.26 12.30 9.32
CA ASP F 72 -22.34 13.40 9.56
C ASP F 72 -21.07 13.15 8.76
N LEU F 73 -20.73 11.87 8.65
CA LEU F 73 -19.50 11.38 8.04
C LEU F 73 -19.33 11.78 6.58
N PRO F 74 -18.07 12.05 6.19
CA PRO F 74 -17.77 12.48 4.81
C PRO F 74 -18.01 11.35 3.82
N SER F 75 -18.47 11.70 2.62
CA SER F 75 -18.74 10.69 1.60
C SER F 75 -17.84 11.00 0.43
N LYS F 76 -17.11 9.98 -0.04
CA LYS F 76 -16.17 10.12 -1.17
C LYS F 76 -16.97 10.51 -2.43
N LEU F 77 -18.18 9.96 -2.56
CA LEU F 77 -19.07 10.30 -3.67
C LEU F 77 -19.84 11.58 -3.31
N GLY F 78 -20.81 11.99 -4.10
CA GLY F 78 -21.40 13.27 -3.75
C GLY F 78 -22.75 13.23 -3.06
N HIS F 79 -23.07 12.14 -2.35
CA HIS F 79 -24.39 12.03 -1.74
C HIS F 79 -24.47 13.23 -0.77
N LYS F 80 -25.15 14.30 -1.14
CA LYS F 80 -25.26 15.37 -0.18
C LYS F 80 -26.39 14.85 0.66
N GLY F 81 -27.61 15.34 0.45
CA GLY F 81 -28.77 14.84 1.15
C GLY F 81 -28.55 14.80 2.63
N GLY F 82 -28.15 15.92 3.25
CA GLY F 82 -28.16 17.23 2.60
C GLY F 82 -29.58 17.73 2.58
N THR F 83 -29.88 18.68 1.71
CA THR F 83 -31.26 19.18 1.59
C THR F 83 -31.75 19.79 2.91
N GLY F 84 -32.93 19.37 3.34
CA GLY F 84 -33.49 19.85 4.59
C GLY F 84 -34.36 21.10 4.54
N GLY F 85 -34.84 21.49 5.72
CA GLY F 85 -35.68 22.65 5.94
C GLY F 85 -37.15 22.28 6.03
N SER F 86 -37.67 22.30 7.25
CA SER F 86 -39.11 22.10 7.48
C SER F 86 -39.58 22.92 8.66
N MET F 87 -40.81 23.41 8.55
CA MET F 87 -41.48 24.19 9.59
C MET F 87 -42.86 23.66 9.90
N SER F 88 -43.21 23.56 11.17
CA SER F 88 -44.44 22.88 11.48
C SER F 88 -45.12 23.75 12.52
N GLU F 89 -46.27 24.28 12.17
CA GLU F 89 -46.85 25.36 12.94
C GLU F 89 -47.99 24.95 13.88
N LEU F 90 -48.75 23.92 13.51
CA LEU F 90 -49.81 23.43 14.39
C LEU F 90 -49.21 22.90 15.69
N ILE F 91 -47.97 22.40 15.60
CA ILE F 91 -47.18 21.92 16.74
C ILE F 91 -46.39 23.05 17.41
N THR F 92 -46.88 23.50 18.56
CA THR F 92 -46.18 24.44 19.45
C THR F 92 -44.92 23.78 20.07
N GLU F 93 -44.16 24.52 20.89
CA GLU F 93 -42.96 23.99 21.52
C GLU F 93 -43.19 23.46 22.94
N ASN F 94 -44.44 23.48 23.39
CA ASN F 94 -44.87 22.71 24.55
C ASN F 94 -46.16 21.98 24.27
N MET F 95 -46.08 20.66 24.15
CA MET F 95 -47.28 19.93 23.80
C MET F 95 -47.72 18.87 24.82
N HIS F 96 -49.03 18.68 24.93
CA HIS F 96 -49.62 17.68 25.82
C HIS F 96 -50.23 16.58 24.98
N MET F 97 -50.23 15.36 25.51
CA MET F 97 -50.74 14.19 24.81
CA MET F 97 -50.81 14.23 24.80
C MET F 97 -51.68 13.30 25.66
N LYS F 98 -52.64 12.67 25.00
CA LYS F 98 -53.56 11.72 25.65
C LYS F 98 -53.58 10.46 24.77
N LEU F 99 -53.53 9.27 25.37
CA LEU F 99 -53.43 8.01 24.61
C LEU F 99 -54.34 6.89 25.12
N TYR F 100 -54.88 6.09 24.20
CA TYR F 100 -55.62 4.90 24.56
C TYR F 100 -55.05 3.66 23.89
N MET F 101 -54.88 2.58 24.67
CA MET F 101 -54.35 1.33 24.14
C MET F 101 -55.16 0.10 24.54
N GLU F 102 -55.27 -0.85 23.61
CA GLU F 102 -56.01 -2.08 23.82
C GLU F 102 -55.38 -3.19 22.98
N GLY F 103 -55.24 -4.38 23.55
CA GLY F 103 -54.70 -5.47 22.77
C GLY F 103 -54.40 -6.72 23.57
N THR F 104 -53.81 -7.69 22.88
CA THR F 104 -53.61 -9.02 23.45
C THR F 104 -52.17 -9.46 23.30
N VAL F 105 -51.65 -10.15 24.32
CA VAL F 105 -50.32 -10.73 24.26
C VAL F 105 -50.40 -12.15 24.79
N ASN F 106 -50.27 -13.11 23.88
CA ASN F 106 -50.37 -14.51 24.26
C ASN F 106 -51.69 -14.82 24.95
N ASN F 107 -52.80 -14.42 24.31
CA ASN F 107 -54.15 -14.70 24.80
C ASN F 107 -54.56 -13.91 26.04
N HIS F 108 -53.67 -13.08 26.58
CA HIS F 108 -54.01 -12.30 27.76
C HIS F 108 -54.39 -10.89 27.33
N HIS F 109 -55.63 -10.48 27.63
CA HIS F 109 -56.16 -9.17 27.23
C HIS F 109 -55.89 -8.06 28.25
N PHE F 110 -55.79 -6.81 27.78
CA PHE F 110 -55.50 -5.67 28.65
C PHE F 110 -55.76 -4.35 27.93
N LYS F 111 -55.95 -3.29 28.73
CA LYS F 111 -56.15 -1.91 28.26
C LYS F 111 -55.27 -0.97 29.06
N CYS F 112 -54.78 0.07 28.39
CA CYS F 112 -53.87 1.04 29.02
C CYS F 112 -54.30 2.45 28.64
N THR F 113 -54.18 3.39 29.58
CA THR F 113 -54.34 4.81 29.26
C THR F 113 -53.10 5.58 29.68
N SER F 114 -52.86 6.72 29.05
CA SER F 114 -51.73 7.55 29.44
C SER F 114 -51.92 9.00 29.06
N GLU F 115 -51.22 9.88 29.77
CA GLU F 115 -51.16 11.30 29.47
C GLU F 115 -49.71 11.71 29.71
N GLY F 116 -49.21 12.67 28.94
CA GLY F 116 -47.82 13.12 29.08
C GLY F 116 -47.51 14.46 28.44
N GLU F 117 -46.28 14.95 28.65
CA GLU F 117 -45.88 16.21 28.03
C GLU F 117 -44.41 16.22 27.60
N GLY F 118 -44.10 16.94 26.53
CA GLY F 118 -42.73 17.06 26.08
C GLY F 118 -42.50 18.18 25.09
N LYS F 119 -41.25 18.33 24.67
CA LYS F 119 -40.85 19.40 23.78
C LYS F 119 -40.42 18.85 22.42
N PRO F 120 -41.34 18.82 21.45
CA PRO F 120 -41.18 18.16 20.14
C PRO F 120 -39.88 18.51 19.43
N TYR F 121 -39.59 19.81 19.38
CA TYR F 121 -38.44 20.32 18.65
C TYR F 121 -37.15 20.01 19.40
N GLU F 122 -37.26 19.82 20.70
CA GLU F 122 -36.10 19.45 21.49
C GLU F 122 -35.89 17.93 21.46
N GLY F 123 -36.93 17.18 21.07
CA GLY F 123 -36.91 15.73 21.00
C GLY F 123 -37.13 14.96 22.30
N THR F 124 -37.72 15.62 23.31
CA THR F 124 -37.97 15.00 24.61
C THR F 124 -39.43 14.85 24.96
N GLN F 125 -39.73 13.89 25.83
CA GLN F 125 -41.10 13.66 26.32
C GLN F 125 -41.14 12.74 27.54
N THR F 126 -42.24 12.81 28.29
CA THR F 126 -42.53 11.87 29.36
C THR F 126 -43.97 11.39 29.28
N MET F 127 -44.18 10.15 29.70
CA MET F 127 -45.49 9.50 29.62
C MET F 127 -45.82 8.82 30.96
N ARG F 128 -46.97 9.17 31.53
CA ARG F 128 -47.46 8.56 32.75
C ARG F 128 -48.61 7.59 32.43
N ILE F 129 -48.39 6.32 32.67
CA ILE F 129 -49.21 5.26 32.08
C ILE F 129 -49.92 4.37 33.10
N LYS F 130 -51.20 4.13 32.85
CA LYS F 130 -52.01 3.34 33.74
C LYS F 130 -52.50 2.10 33.03
N VAL F 131 -52.30 0.92 33.63
CA VAL F 131 -52.99 -0.31 33.21
C VAL F 131 -54.39 -0.40 33.85
N VAL F 132 -55.41 -0.17 33.03
CA VAL F 132 -56.76 -0.03 33.55
C VAL F 132 -57.54 -1.32 33.50
N GLU F 133 -56.96 -2.33 32.85
CA GLU F 133 -57.63 -3.62 32.69
C GLU F 133 -56.68 -4.79 32.43
N GLY F 134 -56.88 -5.87 33.19
CA GLY F 134 -56.16 -7.10 32.94
C GLY F 134 -54.79 -7.01 33.56
N GLY F 135 -54.68 -6.16 34.58
CA GLY F 135 -53.52 -6.15 35.44
C GLY F 135 -53.79 -7.06 36.61
N PRO F 136 -52.74 -7.68 37.17
CA PRO F 136 -51.35 -7.50 36.75
C PRO F 136 -51.03 -8.33 35.48
N LEU F 137 -50.30 -7.73 34.52
CA LEU F 137 -49.81 -8.43 33.33
C LEU F 137 -48.82 -9.54 33.68
N PRO F 138 -48.96 -10.71 33.06
CA PRO F 138 -48.08 -11.85 33.33
C PRO F 138 -46.86 -11.76 32.46
N PHE F 139 -46.75 -10.66 31.71
CA PHE F 139 -45.60 -10.41 30.84
C PHE F 139 -44.84 -9.09 31.10
N ALA F 140 -43.55 -9.10 30.80
CA ALA F 140 -42.68 -7.96 30.97
C ALA F 140 -43.20 -6.69 30.31
N PHE F 141 -43.42 -5.62 31.08
CA PHE F 141 -44.03 -4.40 30.53
C PHE F 141 -43.18 -3.89 29.36
N ASP F 142 -41.87 -4.00 29.50
CA ASP F 142 -40.94 -3.61 28.45
C ASP F 142 -41.49 -3.79 27.00
N ILE F 143 -42.10 -4.94 26.71
CA ILE F 143 -42.52 -5.21 25.33
C ILE F 143 -43.61 -4.25 24.80
N LEU F 144 -44.11 -3.39 25.68
CA LEU F 144 -45.16 -2.45 25.33
C LEU F 144 -44.60 -1.05 25.20
N ALA F 145 -43.41 -0.87 25.78
CA ALA F 145 -42.72 0.39 25.88
C ALA F 145 -42.69 1.18 24.57
N THR F 146 -42.27 0.52 23.50
CA THR F 146 -42.24 1.09 22.17
C THR F 146 -43.58 1.41 21.51
N SER F 147 -44.69 1.43 22.25
CA SER F 147 -45.98 1.58 21.58
C SER F 147 -46.73 2.80 22.10
N PHE F 148 -46.17 3.40 23.13
CA PHE F 148 -46.75 4.59 23.72
C PHE F 148 -46.25 5.80 22.92
N SER F 150 -44.46 7.78 19.90
CA SER F 150 -44.75 9.21 19.79
C SER F 150 -43.79 9.93 18.83
N LYS F 151 -44.08 9.81 17.54
CA LYS F 151 -43.18 10.22 16.47
C LYS F 151 -42.99 11.74 16.29
N THR F 152 -43.95 12.49 16.81
CA THR F 152 -43.94 13.95 16.73
C THR F 152 -42.80 14.62 17.48
N PHE F 153 -42.34 13.97 18.55
CA PHE F 153 -41.28 14.52 19.40
C PHE F 153 -39.87 14.05 18.99
N ILE F 154 -39.61 14.08 17.68
CA ILE F 154 -38.26 13.90 17.15
C ILE F 154 -37.66 15.25 16.74
N ASN F 155 -36.57 15.61 17.41
CA ASN F 155 -35.78 16.78 17.08
C ASN F 155 -35.12 16.60 15.71
N HIS F 156 -35.76 17.11 14.66
CA HIS F 156 -35.09 17.08 13.34
C HIS F 156 -34.16 18.32 13.22
N THR F 157 -32.88 18.11 13.46
CA THR F 157 -31.88 19.17 13.25
C THR F 157 -31.28 19.03 11.85
N GLN F 158 -30.23 19.77 11.57
CA GLN F 158 -29.55 19.73 10.26
C GLN F 158 -30.50 20.12 9.10
N GLY F 159 -31.74 20.47 9.44
CA GLY F 159 -32.74 20.89 8.47
C GLY F 159 -33.58 19.76 7.89
N ILE F 160 -33.47 18.55 8.44
CA ILE F 160 -34.25 17.43 7.90
C ILE F 160 -35.72 17.77 7.99
N PRO F 161 -36.44 17.54 6.89
CA PRO F 161 -37.89 17.76 6.80
C PRO F 161 -38.57 16.84 7.80
N ASP F 162 -39.35 17.44 8.68
CA ASP F 162 -40.05 16.71 9.72
C ASP F 162 -41.38 16.18 9.17
N PHE F 163 -41.37 14.90 8.78
CA PHE F 163 -42.49 14.24 8.09
C PHE F 163 -43.71 14.09 8.99
N PHE F 164 -43.47 14.14 10.29
CA PHE F 164 -44.51 13.92 11.28
C PHE F 164 -45.22 15.21 11.67
N LYS F 165 -44.44 16.26 11.80
CA LYS F 165 -44.98 17.56 12.16
C LYS F 165 -45.71 18.25 11.00
N GLN F 166 -45.30 17.98 9.76
CA GLN F 166 -45.98 18.49 8.56
C GLN F 166 -47.42 18.00 8.41
N SER F 167 -47.64 16.73 8.75
CA SER F 167 -48.94 16.08 8.61
C SER F 167 -50.13 16.84 9.18
N PHE F 168 -49.90 17.56 10.27
CA PHE F 168 -51.00 18.26 10.95
C PHE F 168 -51.66 19.36 10.13
N PRO F 169 -52.99 19.47 10.24
CA PRO F 169 -53.86 18.83 11.24
C PRO F 169 -54.35 17.40 10.93
N GLU F 170 -54.44 16.98 9.66
CA GLU F 170 -54.97 15.64 9.36
C GLU F 170 -54.46 14.57 10.30
N GLY F 171 -53.15 14.54 10.50
CA GLY F 171 -52.53 13.52 11.35
C GLY F 171 -51.80 12.47 10.55
N PHE F 172 -51.29 11.45 11.24
CA PHE F 172 -50.62 10.30 10.60
C PHE F 172 -50.83 8.99 11.37
N THR F 173 -50.69 7.86 10.68
CA THR F 173 -50.65 6.57 11.32
C THR F 173 -49.28 5.92 11.27
N TRP F 174 -49.06 4.95 12.14
CA TRP F 174 -47.98 3.98 11.97
C TRP F 174 -48.48 2.57 12.23
N GLU F 175 -47.74 1.60 11.77
CA GLU F 175 -48.09 0.22 11.98
C GLU F 175 -46.78 -0.55 11.92
N ARG F 176 -46.56 -1.39 12.93
CA ARG F 176 -45.23 -1.96 13.19
C ARG F 176 -45.22 -3.43 13.60
N VAL F 177 -44.18 -4.16 13.20
CA VAL F 177 -44.00 -5.55 13.62
C VAL F 177 -42.68 -5.75 14.28
N THR F 178 -42.73 -5.95 15.59
CA THR F 178 -41.53 -6.15 16.38
C THR F 178 -41.30 -7.66 16.51
N THR F 179 -40.10 -8.13 16.14
CA THR F 179 -39.85 -9.56 16.04
C THR F 179 -38.70 -10.03 16.95
N TYR F 180 -39.03 -10.58 18.11
CA TYR F 180 -38.00 -11.12 18.98
C TYR F 180 -37.32 -12.34 18.43
N GLU F 181 -36.04 -12.50 18.78
CA GLU F 181 -35.23 -13.58 18.24
C GLU F 181 -35.44 -14.88 18.96
N ASP F 182 -36.24 -14.88 20.02
CA ASP F 182 -36.54 -16.11 20.74
C ASP F 182 -37.86 -16.66 20.24
N GLY F 183 -38.63 -15.82 19.55
CA GLY F 183 -39.79 -16.25 18.77
C GLY F 183 -41.01 -15.36 18.83
N GLY F 184 -41.12 -14.57 19.89
CA GLY F 184 -42.27 -13.70 20.11
C GLY F 184 -42.43 -12.74 18.96
N VAL F 185 -43.65 -12.26 18.75
CA VAL F 185 -43.90 -11.35 17.64
C VAL F 185 -44.98 -10.44 18.16
N LEU F 186 -44.79 -9.14 17.99
CA LEU F 186 -45.76 -8.17 18.46
C LEU F 186 -45.96 -7.08 17.42
N THR F 187 -47.14 -7.06 16.83
CA THR F 187 -47.51 -6.01 15.91
C THR F 187 -48.38 -4.97 16.59
N ALA F 188 -48.36 -3.75 16.06
CA ALA F 188 -49.15 -2.67 16.61
C ALA F 188 -49.52 -1.68 15.52
N THR F 189 -50.80 -1.31 15.48
CA THR F 189 -51.26 -0.30 14.54
C THR F 189 -51.68 0.88 15.39
N GLN F 190 -51.54 2.10 14.88
CA GLN F 190 -51.70 3.28 15.73
C GLN F 190 -52.23 4.47 14.90
N ASP F 191 -53.06 5.32 15.51
CA ASP F 191 -53.56 6.53 14.86
C ASP F 191 -53.24 7.79 15.68
N THR F 192 -52.58 8.75 15.03
CA THR F 192 -52.27 10.09 15.57
C THR F 192 -53.22 11.17 14.99
N SER F 193 -53.46 12.23 15.74
CA SER F 193 -54.38 13.26 15.27
C SER F 193 -54.25 14.49 16.15
N LEU F 194 -54.82 15.59 15.67
CA LEU F 194 -54.72 16.83 16.42
C LEU F 194 -56.13 17.36 16.64
N GLN F 195 -56.49 17.47 17.92
CA GLN F 195 -57.82 17.93 18.35
C GLN F 195 -57.66 18.86 19.54
N ASP F 196 -57.92 20.15 19.34
CA ASP F 196 -57.91 21.12 20.43
C ASP F 196 -56.52 21.33 21.07
N GLY F 197 -55.46 21.18 20.30
CA GLY F 197 -54.12 21.43 20.80
C GLY F 197 -53.57 20.28 21.63
N CYS F 198 -54.31 19.18 21.67
CA CYS F 198 -53.85 17.94 22.29
C CYS F 198 -53.56 16.91 21.20
N LEU F 199 -52.46 16.18 21.35
CA LEU F 199 -52.11 15.08 20.44
C LEU F 199 -52.84 13.83 20.92
N ILE F 200 -53.62 13.19 20.03
CA ILE F 200 -54.44 12.04 20.43
C ILE F 200 -53.92 10.76 19.79
N TYR F 201 -53.46 9.83 20.63
CA TYR F 201 -52.90 8.55 20.19
C TYR F 201 -53.92 7.43 20.38
N ASN F 202 -54.06 6.59 19.38
CA ASN F 202 -54.87 5.39 19.49
C ASN F 202 -54.06 4.19 19.04
N VAL F 203 -53.67 3.35 20.00
CA VAL F 203 -52.83 2.19 19.67
C VAL F 203 -53.66 0.91 19.80
N LYS F 204 -53.20 -0.14 19.13
CA LYS F 204 -53.80 -1.46 19.28
C LYS F 204 -52.65 -2.45 19.19
N ILE F 205 -52.68 -3.42 20.10
CA ILE F 205 -51.60 -4.40 20.19
C ILE F 205 -52.11 -5.79 19.84
N ARG F 206 -51.30 -6.58 19.17
CA ARG F 206 -51.56 -8.03 19.03
C ARG F 206 -50.30 -8.87 18.94
N GLY F 207 -49.87 -9.35 20.11
CA GLY F 207 -48.64 -10.09 20.24
C GLY F 207 -48.87 -11.57 20.50
N VAL F 208 -48.03 -12.41 19.92
CA VAL F 208 -48.17 -13.84 20.02
C VAL F 208 -46.83 -14.58 20.05
N ASN F 209 -46.88 -15.84 20.47
CA ASN F 209 -45.74 -16.77 20.39
CA ASN F 209 -45.75 -16.77 20.41
C ASN F 209 -44.54 -16.48 21.30
N PHE F 210 -44.71 -15.65 22.32
CA PHE F 210 -43.64 -15.48 23.32
C PHE F 210 -43.47 -16.78 24.12
N PRO F 211 -42.26 -17.40 24.08
CA PRO F 211 -41.97 -18.65 24.79
C PRO F 211 -42.38 -18.50 26.23
N SER F 212 -43.11 -19.48 26.77
CA SER F 212 -43.61 -19.39 28.14
C SER F 212 -42.46 -19.47 29.15
N ASN F 213 -41.43 -20.23 28.81
CA ASN F 213 -40.30 -20.40 29.71
C ASN F 213 -39.12 -19.53 29.28
N GLY F 214 -39.43 -18.36 28.71
CA GLY F 214 -38.43 -17.40 28.28
C GLY F 214 -38.64 -16.13 29.10
N PRO F 215 -37.70 -15.18 28.99
CA PRO F 215 -37.66 -13.92 29.76
C PRO F 215 -38.91 -13.06 29.76
N VAL F 216 -39.52 -12.90 28.60
CA VAL F 216 -40.65 -12.00 28.45
C VAL F 216 -41.86 -12.42 29.31
N MET F 217 -42.11 -13.72 29.40
CA MET F 217 -43.26 -14.22 30.14
C MET F 217 -42.94 -14.35 31.61
N GLN F 218 -41.67 -14.63 31.89
CA GLN F 218 -41.23 -14.71 33.28
C GLN F 218 -40.85 -13.37 33.89
N LYS F 219 -40.81 -12.32 33.08
CA LYS F 219 -40.55 -10.96 33.57
C LYS F 219 -39.09 -10.68 34.00
N LYS F 220 -38.17 -11.54 33.57
CA LYS F 220 -36.76 -11.31 33.82
C LYS F 220 -36.06 -10.25 32.91
N THR F 221 -36.74 -9.14 32.67
CA THR F 221 -36.16 -8.05 31.88
C THR F 221 -35.93 -6.76 32.67
N LEU F 222 -35.02 -5.97 32.12
CA LEU F 222 -34.52 -4.76 32.73
C LEU F 222 -34.31 -3.63 31.73
N GLY F 223 -35.40 -3.15 31.14
CA GLY F 223 -35.28 -2.09 30.15
C GLY F 223 -34.53 -2.36 28.86
N TRP F 224 -34.66 -1.42 27.94
CA TRP F 224 -33.94 -1.40 26.68
C TRP F 224 -32.60 -0.65 26.76
N GLU F 225 -31.70 -0.98 25.84
CA GLU F 225 -30.54 -0.17 25.53
C GLU F 225 -30.98 0.93 24.57
N ALA F 226 -30.12 1.90 24.34
CA ALA F 226 -30.45 2.92 23.36
C ALA F 226 -30.47 2.26 21.99
N SER F 227 -30.97 2.97 20.97
CA SER F 227 -31.15 2.42 19.64
C SER F 227 -31.05 3.45 18.53
N THR F 228 -30.92 2.97 17.30
CA THR F 228 -30.94 3.85 16.12
C THR F 228 -32.07 3.34 15.20
N GLU F 229 -32.99 4.21 14.82
CA GLU F 229 -33.95 3.86 13.79
C GLU F 229 -33.47 4.43 12.45
N MET F 230 -33.46 3.61 11.40
CA MET F 230 -33.18 4.09 10.03
C MET F 230 -34.43 4.41 9.20
N LEU F 231 -34.72 5.68 8.96
CA LEU F 231 -35.93 6.10 8.23
C LEU F 231 -35.74 6.39 6.74
N TYR F 232 -36.64 5.86 5.91
CA TYR F 232 -36.53 6.02 4.43
C TYR F 232 -37.89 6.00 3.70
N PRO F 233 -38.05 6.86 2.68
CA PRO F 233 -39.28 7.04 1.88
C PRO F 233 -39.48 5.92 0.82
N ALA F 234 -40.75 5.56 0.61
CA ALA F 234 -41.15 4.71 -0.51
C ALA F 234 -42.60 5.06 -0.94
N ASP F 235 -43.01 4.61 -2.12
CA ASP F 235 -44.39 4.81 -2.63
C ASP F 235 -45.18 5.95 -1.98
N GLU G 1 51.08 26.28 -29.79
CA GLU G 1 51.36 24.85 -29.78
C GLU G 1 52.20 24.56 -28.53
N PHE G 2 51.75 23.62 -27.70
CA PHE G 2 52.43 23.26 -26.44
C PHE G 2 52.35 21.78 -26.07
N LEU G 3 52.98 21.40 -24.96
CA LEU G 3 52.93 20.01 -24.49
C LEU G 3 52.09 19.95 -23.24
N GLU G 4 51.20 18.96 -23.19
CA GLU G 4 50.48 18.63 -21.96
C GLU G 4 51.06 17.31 -21.46
N GLY G 5 51.18 17.14 -20.14
CA GLY G 5 51.60 15.87 -19.58
C GLY G 5 50.56 15.30 -18.62
N ARG G 6 50.59 13.99 -18.42
CA ARG G 6 49.75 13.38 -17.42
C ARG G 6 50.57 12.30 -16.76
N SER G 7 50.63 12.34 -15.44
CA SER G 7 51.20 11.27 -14.64
C SER G 7 50.30 10.90 -13.45
N ASP G 8 50.38 9.64 -13.00
CA ASP G 8 49.94 9.25 -11.65
C ASP G 8 51.11 8.76 -10.82
N MET G 9 51.40 9.48 -9.74
CA MET G 9 52.49 9.13 -8.82
C MET G 9 51.99 8.37 -7.59
N ALA G 10 52.86 7.59 -6.96
CA ALA G 10 52.42 6.96 -5.72
C ALA G 10 53.24 7.44 -4.55
N LEU G 11 52.53 7.84 -3.50
CA LEU G 11 53.19 8.32 -2.31
C LEU G 11 53.30 7.18 -1.33
N LYS G 12 54.50 7.02 -0.77
CA LYS G 12 54.78 5.97 0.20
C LYS G 12 54.28 6.38 1.60
N LEU G 13 53.59 5.47 2.29
CA LEU G 13 53.10 5.78 3.66
C LEU G 13 53.81 5.02 4.77
N VAL G 14 54.04 5.72 5.87
CA VAL G 14 54.49 5.10 7.11
C VAL G 14 53.56 3.91 7.37
N GLY G 15 54.10 2.70 7.36
CA GLY G 15 53.30 1.53 7.67
C GLY G 15 52.89 0.71 6.43
N GLY G 16 53.52 1.00 5.30
CA GLY G 16 53.15 0.38 4.05
C GLY G 16 51.97 1.08 3.45
N GLY G 17 51.65 0.73 2.21
CA GLY G 17 50.52 1.32 1.53
C GLY G 17 50.95 2.60 0.83
N HIS G 18 49.98 3.20 0.13
CA HIS G 18 50.24 4.37 -0.67
C HIS G 18 49.05 5.30 -0.78
N LEU G 19 49.34 6.57 -1.02
CA LEU G 19 48.33 7.53 -1.42
C LEU G 19 48.68 8.01 -2.82
N ILE G 20 47.78 7.78 -3.77
CA ILE G 20 47.97 8.19 -5.16
C ILE G 20 47.51 9.61 -5.42
N CYS G 21 48.19 10.27 -6.34
CA CYS G 21 47.71 11.54 -6.85
C CYS G 21 47.90 11.67 -8.39
N ASN G 22 47.20 12.62 -8.99
CA ASN G 22 47.17 12.80 -10.44
C ASN G 22 47.77 14.16 -10.82
N LEU G 23 48.66 14.16 -11.80
CA LEU G 23 49.31 15.37 -12.30
C LEU G 23 48.86 15.76 -13.70
N LYS G 24 48.14 16.87 -13.82
CA LYS G 24 47.80 17.41 -15.14
C LYS G 24 48.70 18.61 -15.35
N THR G 25 49.64 18.51 -16.28
CA THR G 25 50.58 19.60 -16.53
C THR G 25 50.53 20.20 -17.93
N THR G 26 50.66 21.52 -18.03
CA THR G 26 50.74 22.17 -19.33
C THR G 26 52.10 22.85 -19.46
N TYR G 27 52.87 22.49 -20.48
CA TYR G 27 54.20 23.08 -20.65
C TYR G 27 54.16 24.05 -21.82
N ARG G 28 54.50 25.32 -21.55
CA ARG G 28 54.38 26.34 -22.59
C ARG G 28 55.69 26.91 -22.99
N SER G 29 55.89 27.11 -24.29
CA SER G 29 57.16 27.67 -24.74
C SER G 29 57.12 29.18 -24.91
N LYS G 30 58.25 29.83 -24.69
CA LYS G 30 58.38 31.27 -24.90
C LYS G 30 59.01 31.50 -26.27
N LYS G 31 59.72 30.49 -26.76
CA LYS G 31 60.17 30.55 -28.13
C LYS G 31 58.94 30.36 -29.01
N PRO G 32 58.87 31.09 -30.12
CA PRO G 32 57.81 31.07 -31.13
C PRO G 32 57.57 29.69 -31.76
N ALA G 33 56.30 29.40 -32.02
CA ALA G 33 55.88 28.11 -32.57
C ALA G 33 56.67 27.66 -33.81
N LYS G 34 56.91 28.57 -34.74
CA LYS G 34 57.57 28.22 -36.00
C LYS G 34 58.98 27.65 -35.79
N ASN G 35 59.66 28.07 -34.72
CA ASN G 35 61.05 27.67 -34.53
C ASN G 35 61.21 26.39 -33.71
N LEU G 36 60.08 25.79 -33.36
CA LEU G 36 60.09 24.55 -32.61
C LEU G 36 59.87 23.31 -33.47
N LYS G 37 60.60 22.23 -33.17
CA LYS G 37 60.37 20.93 -33.81
C LYS G 37 59.58 20.04 -32.88
N MET G 38 58.26 20.14 -32.93
CA MET G 38 57.37 19.38 -32.03
C MET G 38 57.56 17.87 -32.09
N PRO G 39 57.61 17.24 -30.91
CA PRO G 39 57.62 15.78 -30.78
C PRO G 39 56.25 15.19 -31.09
N GLY G 40 56.18 13.87 -31.08
CA GLY G 40 54.91 13.20 -31.06
C GLY G 40 54.64 12.75 -29.64
N VAL G 41 53.62 11.92 -29.46
CA VAL G 41 53.37 11.33 -28.18
C VAL G 41 54.61 10.59 -27.68
N TYR G 42 54.93 10.78 -26.40
CA TYR G 42 56.03 10.05 -25.81
C TYR G 42 55.93 9.96 -24.29
N TYR G 43 56.86 9.25 -23.67
CA TYR G 43 56.79 8.99 -22.24
C TYR G 43 58.07 9.35 -21.51
N VAL G 44 57.96 9.77 -20.26
CA VAL G 44 59.15 10.05 -19.47
C VAL G 44 59.11 9.20 -18.22
N ASP G 45 60.16 8.39 -18.01
CA ASP G 45 60.27 7.59 -16.79
C ASP G 45 61.18 8.37 -15.86
N ARG G 46 60.68 8.67 -14.66
CA ARG G 46 61.46 9.34 -13.66
C ARG G 46 61.70 8.51 -12.44
N ARG G 47 62.72 8.87 -11.68
CA ARG G 47 62.81 8.41 -10.30
C ARG G 47 63.34 9.55 -9.45
N LEU G 48 62.50 10.02 -8.54
CA LEU G 48 62.82 11.15 -7.66
C LEU G 48 63.01 10.70 -6.21
N GLU G 49 64.16 10.97 -5.62
CA GLU G 49 64.53 10.40 -4.32
C GLU G 49 65.09 11.41 -3.32
N ARG G 50 64.65 11.34 -2.07
CA ARG G 50 65.22 12.24 -1.06
C ARG G 50 66.59 11.70 -0.57
N ILE G 51 67.68 12.37 -0.96
CA ILE G 51 69.01 11.98 -0.51
C ILE G 51 69.15 12.27 0.99
N LYS G 52 69.20 13.56 1.32
CA LYS G 52 69.47 13.98 2.69
C LYS G 52 68.30 14.82 3.23
N GLU G 53 68.10 14.80 4.55
CA GLU G 53 67.10 15.69 5.17
C GLU G 53 67.54 16.05 6.58
N ALA G 54 67.46 17.34 6.91
CA ALA G 54 67.84 17.82 8.23
C ALA G 54 66.86 18.87 8.73
N ASP G 55 66.84 19.08 10.04
CA ASP G 55 66.04 20.13 10.68
C ASP G 55 64.53 20.03 10.40
N LYS G 56 63.91 18.89 10.69
CA LYS G 56 62.46 18.73 10.49
C LYS G 56 62.05 19.09 9.07
N GLU G 57 62.89 18.71 8.11
CA GLU G 57 62.61 18.93 6.69
C GLU G 57 62.85 20.37 6.19
N THR G 58 63.60 21.18 6.93
CA THR G 58 63.84 22.56 6.50
C THR G 58 65.07 22.62 5.59
N TYR G 59 65.76 21.49 5.49
CA TYR G 59 66.80 21.24 4.48
C TYR G 59 66.56 19.88 3.85
N VAL G 60 66.45 19.87 2.53
CA VAL G 60 66.22 18.63 1.83
C VAL G 60 67.04 18.63 0.55
N GLU G 61 67.71 17.52 0.28
CA GLU G 61 68.50 17.38 -0.94
C GLU G 61 67.92 16.26 -1.81
N GLN G 62 67.57 16.62 -3.04
CA GLN G 62 66.89 15.74 -3.97
C GLN G 62 67.70 15.35 -5.19
N HIS G 63 67.61 14.09 -5.58
CA HIS G 63 68.17 13.64 -6.86
C HIS G 63 67.07 13.13 -7.79
N GLU G 64 67.21 13.38 -9.08
CA GLU G 64 66.27 12.90 -10.10
C GLU G 64 66.98 12.34 -11.34
N VAL G 65 66.47 11.21 -11.82
CA VAL G 65 66.86 10.68 -13.12
C VAL G 65 65.63 10.59 -14.02
N ALA G 66 65.62 11.36 -15.10
CA ALA G 66 64.51 11.36 -16.05
C ALA G 66 64.98 10.88 -17.42
N VAL G 67 64.31 9.86 -17.97
CA VAL G 67 64.62 9.41 -19.32
C VAL G 67 63.37 9.26 -20.22
N ALA G 68 63.32 10.07 -21.27
CA ALA G 68 62.25 10.03 -22.29
C ALA G 68 62.44 8.98 -23.39
N ARG G 69 61.32 8.51 -23.93
CA ARG G 69 61.35 7.43 -24.92
C ARG G 69 60.10 7.52 -25.78
N TYR G 70 60.04 6.72 -26.82
CA TYR G 70 58.79 6.42 -27.49
C TYR G 70 58.45 5.02 -27.13
N CYS G 71 57.28 4.57 -27.54
CA CYS G 71 56.94 3.22 -27.23
C CYS G 71 57.93 2.31 -27.96
N ASP G 72 58.69 1.51 -27.20
CA ASP G 72 59.63 0.55 -27.77
C ASP G 72 58.90 -0.56 -28.49
N LEU G 73 57.72 -0.89 -27.95
CA LEU G 73 56.92 -2.01 -28.40
C LEU G 73 56.52 -1.93 -29.85
N PRO G 74 56.51 -3.10 -30.52
CA PRO G 74 56.18 -3.21 -31.93
C PRO G 74 54.72 -2.84 -32.14
N SER G 75 54.39 -2.22 -33.26
CA SER G 75 53.00 -1.86 -33.52
C SER G 75 52.49 -2.58 -34.78
N LYS G 76 51.33 -3.22 -34.65
CA LYS G 76 50.71 -3.96 -35.76
C LYS G 76 50.43 -2.95 -36.86
N LEU G 77 50.07 -1.72 -36.48
CA LEU G 77 49.85 -0.64 -37.43
C LEU G 77 51.18 0.04 -37.80
N GLY G 78 51.12 1.15 -38.53
CA GLY G 78 52.34 1.78 -39.02
C GLY G 78 52.86 3.02 -38.33
N HIS G 79 52.58 3.15 -37.02
CA HIS G 79 52.95 4.36 -36.27
C HIS G 79 54.42 4.09 -35.90
N LYS G 80 55.26 4.08 -36.93
CA LYS G 80 56.70 3.89 -36.81
C LYS G 80 57.35 4.72 -35.69
N GLY G 81 56.65 5.72 -35.18
CA GLY G 81 57.35 6.76 -34.45
C GLY G 81 58.03 7.42 -35.63
N GLY G 82 59.35 7.48 -35.66
CA GLY G 82 60.18 7.60 -34.49
C GLY G 82 60.57 9.03 -34.74
N THR G 83 60.46 9.43 -36.01
CA THR G 83 60.74 10.79 -36.42
C THR G 83 61.95 11.18 -35.62
N GLY G 84 61.88 12.31 -34.95
CA GLY G 84 62.98 12.73 -34.11
C GLY G 84 64.14 13.53 -34.61
N GLY G 85 65.04 13.80 -33.67
CA GLY G 85 66.23 14.55 -34.00
C GLY G 85 66.07 16.00 -33.61
N SER G 86 66.72 16.40 -32.52
CA SER G 86 66.72 17.81 -32.14
C SER G 86 68.08 18.14 -31.55
N MET G 87 68.54 19.37 -31.81
CA MET G 87 69.80 19.84 -31.25
C MET G 87 69.58 21.21 -30.63
N SER G 88 70.12 21.40 -29.42
CA SER G 88 69.86 22.58 -28.61
C SER G 88 71.19 23.04 -27.99
N GLU G 89 71.71 24.17 -28.41
CA GLU G 89 73.13 24.47 -28.18
C GLU G 89 73.45 25.26 -26.92
N LEU G 90 72.48 26.04 -26.45
CA LEU G 90 72.67 26.93 -25.32
C LEU G 90 72.89 26.12 -24.04
N ILE G 91 72.28 24.94 -24.00
CA ILE G 91 72.45 23.99 -22.89
C ILE G 91 73.67 23.11 -23.09
N THR G 92 74.72 23.41 -22.34
CA THR G 92 75.93 22.57 -22.25
C THR G 92 75.56 21.24 -21.56
N GLU G 93 76.53 20.34 -21.40
CA GLU G 93 76.27 19.05 -20.77
C GLU G 93 76.57 19.04 -19.27
N ASN G 94 76.94 20.20 -18.75
CA ASN G 94 76.94 20.47 -17.31
C ASN G 94 76.27 21.81 -16.95
N MET G 95 75.11 21.75 -16.31
CA MET G 95 74.35 22.98 -16.02
C MET G 95 74.10 23.23 -14.53
N HIS G 96 74.09 24.50 -14.16
CA HIS G 96 73.82 24.91 -12.79
C HIS G 96 72.44 25.60 -12.73
N MET G 97 71.74 25.46 -11.60
CA MET G 97 70.40 26.06 -11.44
CA MET G 97 70.43 26.12 -11.46
C MET G 97 70.22 26.81 -10.11
N LYS G 98 69.41 27.87 -10.10
CA LYS G 98 69.09 28.62 -8.88
C LYS G 98 67.58 28.78 -8.81
N LEU G 99 66.99 28.60 -7.62
CA LEU G 99 65.53 28.63 -7.55
C LEU G 99 64.90 29.36 -6.35
N TYR G 100 63.79 30.04 -6.62
CA TYR G 100 62.97 30.65 -5.59
C TYR G 100 61.52 30.14 -5.66
N MET G 101 60.96 29.77 -4.50
CA MET G 101 59.60 29.28 -4.40
C MET G 101 58.84 29.99 -3.28
N GLU G 102 57.57 30.27 -3.51
CA GLU G 102 56.71 30.95 -2.54
C GLU G 102 55.29 30.47 -2.77
N GLY G 103 54.56 30.19 -1.68
CA GLY G 103 53.19 29.77 -1.80
C GLY G 103 52.55 29.32 -0.49
N THR G 104 51.33 28.81 -0.57
CA THR G 104 50.53 28.51 0.61
C THR G 104 50.00 27.07 0.54
N VAL G 105 49.97 26.38 1.68
CA VAL G 105 49.38 25.05 1.71
C VAL G 105 48.47 25.03 2.94
N ASN G 106 47.17 25.04 2.70
CA ASN G 106 46.18 25.06 3.77
C ASN G 106 46.37 26.25 4.72
N ASN G 107 46.43 27.46 4.16
CA ASN G 107 46.54 28.75 4.87
C ASN G 107 47.93 29.02 5.54
N HIS G 108 48.86 28.06 5.44
CA HIS G 108 50.19 28.25 6.03
C HIS G 108 51.13 28.68 4.91
N HIS G 109 51.72 29.86 5.06
CA HIS G 109 52.59 30.47 4.06
C HIS G 109 54.06 30.10 4.26
N PHE G 110 54.86 30.09 3.18
CA PHE G 110 56.27 29.70 3.28
C PHE G 110 57.10 30.09 2.05
N LYS G 111 58.42 30.16 2.23
CA LYS G 111 59.35 30.44 1.12
C LYS G 111 60.54 29.50 1.07
N CYS G 112 60.98 29.19 -0.16
CA CYS G 112 62.11 28.27 -0.39
C CYS G 112 63.07 28.80 -1.44
N THR G 113 64.36 28.57 -1.22
CA THR G 113 65.37 28.80 -2.24
C THR G 113 66.15 27.49 -2.43
N SER G 114 66.78 27.30 -3.59
CA SER G 114 67.60 26.11 -3.83
C SER G 114 68.63 26.35 -4.91
N GLU G 115 69.70 25.55 -4.90
CA GLU G 115 70.70 25.59 -5.95
C GLU G 115 71.10 24.16 -6.26
N GLY G 116 71.44 23.88 -7.51
CA GLY G 116 71.80 22.53 -7.88
C GLY G 116 72.55 22.41 -9.20
N GLU G 117 72.99 21.19 -9.50
CA GLU G 117 73.68 20.92 -10.76
C GLU G 117 73.31 19.54 -11.28
N GLY G 118 73.32 19.37 -12.59
CA GLY G 118 73.05 18.07 -13.18
C GLY G 118 73.45 17.97 -14.65
N LYS G 119 73.23 16.79 -15.22
CA LYS G 119 73.64 16.51 -16.60
C LYS G 119 72.44 16.31 -17.53
N PRO G 120 72.02 17.37 -18.21
CA PRO G 120 70.76 17.40 -18.97
C PRO G 120 70.53 16.23 -19.96
N TYR G 121 71.55 15.96 -20.74
CA TYR G 121 71.47 14.99 -21.80
C TYR G 121 71.50 13.56 -21.25
N GLU G 122 72.08 13.42 -20.05
CA GLU G 122 72.11 12.16 -19.32
C GLU G 122 70.84 11.95 -18.47
N GLY G 123 70.10 13.04 -18.24
CA GLY G 123 68.89 12.94 -17.44
C GLY G 123 69.06 12.95 -15.93
N THR G 124 70.18 13.44 -15.43
CA THR G 124 70.38 13.44 -13.98
C THR G 124 70.48 14.84 -13.42
N GLN G 125 70.16 15.01 -12.14
CA GLN G 125 70.29 16.32 -11.52
C GLN G 125 70.21 16.20 -10.01
N THR G 126 70.73 17.21 -9.31
CA THR G 126 70.58 17.31 -7.86
C THR G 126 70.16 18.72 -7.43
N MET G 127 69.38 18.78 -6.35
CA MET G 127 68.83 20.03 -5.83
C MET G 127 69.04 20.13 -4.32
N ARG G 128 69.68 21.19 -3.89
CA ARG G 128 69.88 21.47 -2.46
C ARG G 128 68.93 22.57 -1.99
N ILE G 129 68.02 22.21 -1.08
CA ILE G 129 66.84 23.02 -0.83
C ILE G 129 66.77 23.52 0.63
N LYS G 130 66.50 24.81 0.77
CA LYS G 130 66.40 25.45 2.07
C LYS G 130 65.01 26.05 2.29
N VAL G 131 64.39 25.75 3.44
CA VAL G 131 63.22 26.53 3.87
C VAL G 131 63.61 27.85 4.58
N VAL G 132 63.43 28.97 3.91
CA VAL G 132 63.96 30.21 4.44
C VAL G 132 62.90 30.95 5.24
N GLU G 133 61.67 30.44 5.19
CA GLU G 133 60.56 31.07 5.88
C GLU G 133 59.40 30.14 6.19
N GLY G 134 58.95 30.18 7.44
CA GLY G 134 57.73 29.50 7.84
C GLY G 134 58.03 28.03 8.06
N GLY G 135 59.29 27.75 8.34
CA GLY G 135 59.68 26.45 8.84
C GLY G 135 59.69 26.46 10.34
N PRO G 136 59.41 25.30 10.96
CA PRO G 136 59.11 24.04 10.27
C PRO G 136 57.70 23.96 9.70
N LEU G 137 57.62 23.44 8.48
CA LEU G 137 56.37 23.15 7.80
C LEU G 137 55.56 22.07 8.50
N PRO G 138 54.23 22.28 8.62
CA PRO G 138 53.37 21.30 9.30
C PRO G 138 52.89 20.19 8.34
N PHE G 139 53.37 20.24 7.10
CA PHE G 139 53.03 19.24 6.08
C PHE G 139 54.24 18.52 5.46
N ALA G 140 53.99 17.29 5.03
CA ALA G 140 55.00 16.47 4.39
C ALA G 140 55.68 17.16 3.21
N PHE G 141 57.01 17.31 3.26
CA PHE G 141 57.73 18.05 2.23
C PHE G 141 57.47 17.43 0.84
N ASP G 142 57.39 16.10 0.80
CA ASP G 142 57.10 15.36 -0.43
C ASP G 142 56.20 16.09 -1.43
N ILE G 143 55.12 16.69 -0.96
CA ILE G 143 54.13 17.29 -1.87
C ILE G 143 54.69 18.47 -2.68
N LEU G 144 55.92 18.87 -2.36
CA LEU G 144 56.55 19.98 -3.03
C LEU G 144 57.61 19.47 -3.99
N ALA G 145 58.03 18.23 -3.77
CA ALA G 145 59.12 17.61 -4.50
C ALA G 145 59.06 17.84 -6.02
N THR G 146 57.90 17.53 -6.60
CA THR G 146 57.61 17.72 -8.01
C THR G 146 57.51 19.16 -8.48
N SER G 147 57.96 20.12 -7.68
CA SER G 147 57.69 21.49 -8.07
C SER G 147 59.00 22.23 -8.22
N PHE G 148 60.07 21.52 -7.86
CA PHE G 148 61.40 22.08 -7.97
C PHE G 148 61.89 21.85 -9.40
N SER G 150 62.22 20.61 -13.15
CA SER G 150 63.35 20.91 -14.02
C SER G 150 63.31 20.11 -15.32
N LYS G 151 62.52 20.59 -16.26
CA LYS G 151 62.19 19.82 -17.46
C LYS G 151 63.36 19.65 -18.45
N THR G 152 64.36 20.51 -18.31
CA THR G 152 65.57 20.49 -19.15
C THR G 152 66.47 19.25 -18.99
N PHE G 153 66.47 18.64 -17.80
CA PHE G 153 67.32 17.49 -17.52
C PHE G 153 66.60 16.17 -17.80
N ILE G 154 65.93 16.12 -18.93
CA ILE G 154 65.38 14.88 -19.45
C ILE G 154 66.27 14.40 -20.60
N ASN G 155 66.87 13.23 -20.43
CA ASN G 155 67.64 12.59 -21.50
C ASN G 155 66.78 12.20 -22.71
N HIS G 156 66.71 13.07 -23.71
CA HIS G 156 66.02 12.68 -24.92
C HIS G 156 66.95 11.89 -25.85
N THR G 157 66.83 10.56 -25.80
CA THR G 157 67.53 9.67 -26.72
C THR G 157 66.43 9.07 -27.58
N GLN G 158 66.83 8.44 -28.68
CA GLN G 158 65.92 7.78 -29.62
C GLN G 158 65.61 8.87 -30.63
N GLY G 159 66.30 10.00 -30.43
CA GLY G 159 66.18 11.15 -31.30
C GLY G 159 64.83 11.78 -31.14
N ILE G 160 64.39 11.99 -29.90
CA ILE G 160 63.09 12.59 -29.67
C ILE G 160 63.37 14.09 -29.53
N PRO G 161 62.56 14.92 -30.20
CA PRO G 161 62.75 16.37 -30.09
C PRO G 161 62.53 16.88 -28.68
N ASP G 162 63.55 17.57 -28.15
CA ASP G 162 63.55 18.13 -26.81
C ASP G 162 62.89 19.51 -26.77
N PHE G 163 61.63 19.53 -26.38
CA PHE G 163 60.79 20.74 -26.42
C PHE G 163 61.27 21.75 -25.39
N PHE G 164 61.99 21.23 -24.40
CA PHE G 164 62.43 22.05 -23.28
C PHE G 164 63.75 22.68 -23.58
N LYS G 165 64.64 21.95 -24.20
CA LYS G 165 65.93 22.51 -24.53
C LYS G 165 65.82 23.51 -25.69
N GLN G 166 65.29 23.05 -26.81
CA GLN G 166 65.07 23.93 -27.94
C GLN G 166 64.64 25.37 -27.58
N SER G 167 63.76 25.47 -26.58
CA SER G 167 63.17 26.74 -26.13
C SER G 167 64.12 27.87 -25.82
N PHE G 168 65.29 27.50 -25.31
CA PHE G 168 66.31 28.46 -24.90
C PHE G 168 66.89 29.23 -26.06
N PRO G 169 67.18 30.53 -25.83
CA PRO G 169 67.26 31.21 -24.52
C PRO G 169 65.97 31.76 -23.89
N GLU G 170 64.95 32.05 -24.68
CA GLU G 170 63.73 32.63 -24.15
C GLU G 170 63.30 31.94 -22.83
N GLY G 171 63.27 30.61 -22.84
CA GLY G 171 62.85 29.86 -21.67
C GLY G 171 61.46 29.27 -21.85
N PHE G 172 60.94 28.65 -20.80
CA PHE G 172 59.57 28.10 -20.84
C PHE G 172 58.89 28.13 -19.47
N THR G 173 57.57 28.12 -19.45
CA THR G 173 56.86 27.93 -18.21
C THR G 173 56.13 26.61 -18.05
N TRP G 174 55.81 26.25 -16.81
CA TRP G 174 54.78 25.23 -16.58
C TRP G 174 53.75 25.59 -15.49
N GLU G 175 52.63 24.90 -15.52
CA GLU G 175 51.54 25.09 -14.58
C GLU G 175 50.80 23.74 -14.48
N ARG G 176 50.60 23.32 -13.24
CA ARG G 176 50.22 21.97 -12.94
C ARG G 176 49.17 21.89 -11.84
N VAL G 177 48.30 20.89 -11.93
CA VAL G 177 47.33 20.66 -10.87
C VAL G 177 47.48 19.24 -10.37
N THR G 178 48.02 19.09 -9.16
CA THR G 178 48.21 17.76 -8.60
C THR G 178 47.00 17.41 -7.75
N THR G 179 46.39 16.27 -8.00
CA THR G 179 45.13 16.00 -7.38
C THR G 179 45.15 14.71 -6.57
N TYR G 180 45.33 14.85 -5.26
CA TYR G 180 45.29 13.72 -4.38
C TYR G 180 43.96 13.06 -4.26
N GLU G 181 44.00 11.76 -4.03
CA GLU G 181 42.80 10.96 -3.96
C GLU G 181 42.17 11.05 -2.60
N ASP G 182 42.86 11.74 -1.66
CA ASP G 182 42.28 11.91 -0.32
C ASP G 182 41.57 13.28 -0.22
N GLY G 183 41.87 14.17 -1.17
CA GLY G 183 41.12 15.38 -1.35
C GLY G 183 41.99 16.59 -1.66
N GLY G 184 43.26 16.50 -1.25
CA GLY G 184 44.18 17.61 -1.43
C GLY G 184 44.31 18.00 -2.90
N VAL G 185 44.71 19.24 -3.12
CA VAL G 185 44.86 19.75 -4.48
C VAL G 185 46.02 20.75 -4.35
N LEU G 186 47.00 20.66 -5.23
CA LEU G 186 48.15 21.54 -5.19
C LEU G 186 48.44 21.96 -6.61
N THR G 187 48.22 23.24 -6.88
CA THR G 187 48.55 23.79 -8.19
C THR G 187 49.88 24.50 -8.10
N ALA G 188 50.55 24.63 -9.23
CA ALA G 188 51.84 25.30 -9.26
C ALA G 188 52.10 25.96 -10.60
N THR G 189 52.53 27.22 -10.57
CA THR G 189 52.92 27.90 -11.80
C THR G 189 54.42 28.14 -11.66
N GLN G 190 55.15 28.14 -12.79
CA GLN G 190 56.61 28.12 -12.74
C GLN G 190 57.16 28.84 -13.96
N ASP G 191 58.28 29.52 -13.81
CA ASP G 191 58.93 30.16 -14.93
C ASP G 191 60.37 29.69 -15.04
N THR G 192 60.74 29.16 -16.20
CA THR G 192 62.13 28.81 -16.45
C THR G 192 62.73 29.89 -17.34
N SER G 193 64.03 30.10 -17.22
CA SER G 193 64.68 31.15 -18.00
C SER G 193 66.16 30.92 -17.87
N LEU G 194 66.91 31.59 -18.74
CA LEU G 194 68.35 31.47 -18.80
C LEU G 194 69.04 32.84 -18.66
N GLN G 195 69.92 32.99 -17.66
CA GLN G 195 70.62 34.26 -17.41
C GLN G 195 72.08 33.96 -17.06
N ASP G 196 72.98 34.29 -17.99
CA ASP G 196 74.42 34.13 -17.78
C ASP G 196 74.85 32.65 -17.65
N GLY G 197 74.15 31.76 -18.36
CA GLY G 197 74.48 30.34 -18.39
C GLY G 197 74.01 29.53 -17.20
N CYS G 198 73.23 30.17 -16.34
CA CYS G 198 72.59 29.49 -15.23
C CYS G 198 71.09 29.36 -15.46
N LEU G 199 70.55 28.20 -15.11
CA LEU G 199 69.11 28.00 -15.21
C LEU G 199 68.39 28.56 -13.98
N ILE G 200 67.43 29.45 -14.22
CA ILE G 200 66.72 30.13 -13.14
C ILE G 200 65.25 29.74 -13.03
N TYR G 201 64.90 29.14 -11.89
CA TYR G 201 63.53 28.69 -11.64
C TYR G 201 62.81 29.66 -10.70
N ASN G 202 61.59 30.03 -11.02
CA ASN G 202 60.74 30.82 -10.12
C ASN G 202 59.39 30.13 -9.96
N VAL G 203 59.13 29.56 -8.79
CA VAL G 203 57.88 28.84 -8.57
C VAL G 203 56.84 29.51 -7.66
N LYS G 204 55.60 29.09 -7.80
CA LYS G 204 54.55 29.53 -6.87
C LYS G 204 53.60 28.35 -6.64
N ILE G 205 53.29 28.13 -5.37
CA ILE G 205 52.47 27.02 -4.93
C ILE G 205 51.20 27.56 -4.32
N ARG G 206 50.10 26.85 -4.54
CA ARG G 206 48.87 27.11 -3.80
C ARG G 206 48.05 25.85 -3.61
N GLY G 207 48.25 25.17 -2.49
CA GLY G 207 47.57 23.91 -2.22
C GLY G 207 46.48 24.10 -1.18
N VAL G 208 45.37 23.37 -1.32
CA VAL G 208 44.23 23.52 -0.43
C VAL G 208 43.50 22.19 -0.18
N ASN G 209 42.69 22.15 0.86
CA ASN G 209 41.80 21.02 1.10
CA ASN G 209 41.80 21.03 1.10
C ASN G 209 42.47 19.70 1.48
N PHE G 210 43.73 19.76 1.89
CA PHE G 210 44.42 18.59 2.45
C PHE G 210 43.84 18.20 3.81
N PRO G 211 43.31 16.96 3.92
CA PRO G 211 42.70 16.51 5.17
C PRO G 211 43.64 16.73 6.35
N SER G 212 43.16 17.31 7.46
CA SER G 212 44.04 17.60 8.60
C SER G 212 44.52 16.34 9.33
N ASN G 213 43.65 15.33 9.38
CA ASN G 213 43.94 14.04 10.04
C ASN G 213 44.25 12.94 9.01
N GLY G 214 44.87 13.32 7.90
CA GLY G 214 45.23 12.38 6.86
C GLY G 214 46.74 12.37 6.77
N PRO G 215 47.31 11.43 6.00
CA PRO G 215 48.76 11.26 5.91
C PRO G 215 49.53 12.52 5.61
N VAL G 216 49.07 13.36 4.69
CA VAL G 216 49.85 14.53 4.30
C VAL G 216 50.13 15.56 5.42
N MET G 217 49.16 15.83 6.27
CA MET G 217 49.31 16.85 7.31
C MET G 217 50.01 16.31 8.54
N GLN G 218 49.80 15.02 8.77
CA GLN G 218 50.44 14.37 9.90
C GLN G 218 51.87 13.94 9.60
N LYS G 219 52.26 14.09 8.34
CA LYS G 219 53.64 13.81 7.93
C LYS G 219 53.99 12.35 7.92
N LYS G 220 52.99 11.50 7.93
CA LYS G 220 53.24 10.07 7.81
C LYS G 220 53.55 9.57 6.41
N THR G 221 54.36 10.32 5.66
CA THR G 221 54.77 9.91 4.31
C THR G 221 56.29 9.64 4.19
N LEU G 222 56.68 8.88 3.17
CA LEU G 222 58.06 8.43 3.01
C LEU G 222 58.56 8.44 1.56
N GLY G 223 58.67 9.61 0.95
CA GLY G 223 59.10 9.76 -0.44
C GLY G 223 58.20 9.15 -1.52
N TRP G 224 58.48 9.47 -2.78
CA TRP G 224 57.76 8.86 -3.92
C TRP G 224 58.31 7.57 -4.57
N GLU G 225 57.42 6.83 -5.21
CA GLU G 225 57.82 5.77 -6.12
C GLU G 225 58.17 6.42 -7.44
N ALA G 226 58.80 5.68 -8.34
CA ALA G 226 59.07 6.20 -9.66
C ALA G 226 57.75 6.36 -10.36
N SER G 227 57.76 7.03 -11.50
CA SER G 227 56.53 7.33 -12.19
C SER G 227 56.71 7.43 -13.69
N THR G 228 55.61 7.42 -14.41
CA THR G 228 55.72 7.64 -15.83
C THR G 228 54.85 8.84 -16.22
N GLU G 229 55.45 9.82 -16.87
CA GLU G 229 54.68 10.90 -17.46
C GLU G 229 54.46 10.65 -18.96
N MET G 230 53.22 10.82 -19.39
CA MET G 230 52.86 10.80 -20.82
C MET G 230 52.79 12.20 -21.40
N LEU G 231 53.74 12.58 -22.23
CA LEU G 231 53.78 13.94 -22.82
C LEU G 231 53.17 13.99 -24.24
N TYR G 232 52.35 14.99 -24.52
CA TYR G 232 51.64 15.10 -25.80
C TYR G 232 51.39 16.54 -26.26
N PRO G 233 51.51 16.82 -27.57
CA PRO G 233 51.36 18.15 -28.19
C PRO G 233 49.90 18.54 -28.28
N ALA G 234 49.58 19.83 -28.10
CA ALA G 234 48.25 20.37 -28.40
C ALA G 234 48.31 21.87 -28.81
N ASP G 235 47.22 22.37 -29.39
CA ASP G 235 47.10 23.80 -29.79
C ASP G 235 48.41 24.56 -29.97
N GLU H 1 -50.79 -27.11 29.36
CA GLU H 1 -50.44 -28.06 28.29
C GLU H 1 -51.31 -27.70 27.08
N PHE H 2 -50.67 -27.47 25.92
CA PHE H 2 -51.36 -27.07 24.69
C PHE H 2 -50.74 -27.65 23.41
N LEU H 3 -51.33 -27.33 22.26
CA LEU H 3 -50.81 -27.78 20.97
C LEU H 3 -50.26 -26.60 20.21
N GLU H 4 -49.08 -26.77 19.64
CA GLU H 4 -48.52 -25.81 18.69
C GLU H 4 -48.60 -26.45 17.31
N GLY H 5 -48.89 -25.65 16.29
CA GLY H 5 -48.85 -26.15 14.92
C GLY H 5 -47.85 -25.37 14.08
N ARG H 6 -47.38 -25.97 13.00
CA ARG H 6 -46.53 -25.26 12.06
C ARG H 6 -46.97 -25.73 10.69
N SER H 7 -47.27 -24.79 9.81
CA SER H 7 -47.51 -25.09 8.40
C SER H 7 -46.79 -24.11 7.49
N ASP H 8 -46.45 -24.56 6.28
CA ASP H 8 -46.14 -23.64 5.17
C ASP H 8 -47.16 -23.78 4.05
N MET H 9 -47.90 -22.71 3.79
CA MET H 9 -48.90 -22.71 2.72
C MET H 9 -48.36 -22.04 1.45
N ALA H 10 -48.90 -22.40 0.30
CA ALA H 10 -48.48 -21.69 -0.89
C ALA H 10 -49.61 -20.93 -1.54
N LEU H 11 -49.36 -19.66 -1.83
CA LEU H 11 -50.37 -18.83 -2.46
C LEU H 11 -50.18 -18.82 -3.94
N LYS H 12 -51.29 -19.02 -4.66
CA LYS H 12 -51.28 -19.04 -6.12
C LYS H 12 -51.27 -17.61 -6.70
N LEU H 13 -50.41 -17.35 -7.68
CA LEU H 13 -50.36 -16.02 -8.32
C LEU H 13 -50.88 -15.96 -9.76
N VAL H 14 -51.58 -14.87 -10.05
CA VAL H 14 -51.95 -14.53 -11.41
C VAL H 14 -50.69 -14.62 -12.25
N GLY H 15 -50.66 -15.53 -13.22
CA GLY H 15 -49.53 -15.67 -14.12
C GLY H 15 -48.62 -16.85 -13.78
N GLY H 16 -49.08 -17.74 -12.92
CA GLY H 16 -48.27 -18.83 -12.45
C GLY H 16 -47.38 -18.35 -11.34
N GLY H 17 -46.72 -19.30 -10.68
CA GLY H 17 -45.82 -18.97 -9.59
C GLY H 17 -46.57 -18.92 -8.27
N HIS H 18 -45.83 -18.67 -7.20
CA HIS H 18 -46.40 -18.68 -5.87
C HIS H 18 -45.72 -17.74 -4.89
N LEU H 19 -46.48 -17.32 -3.89
CA LEU H 19 -45.91 -16.64 -2.74
C LEU H 19 -46.17 -17.51 -1.51
N ILE H 20 -45.10 -17.92 -0.86
CA ILE H 20 -45.16 -18.75 0.34
C ILE H 20 -45.30 -17.96 1.62
N CYS H 21 -46.00 -18.53 2.58
CA CYS H 21 -45.98 -17.97 3.92
C CYS H 21 -45.92 -19.06 5.01
N ASN H 22 -45.56 -18.66 6.24
CA ASN H 22 -45.34 -19.57 7.38
C ASN H 22 -46.36 -19.30 8.48
N LEU H 23 -46.95 -20.39 8.99
CA LEU H 23 -47.94 -20.33 10.08
C LEU H 23 -47.44 -20.91 11.39
N LYS H 24 -47.24 -20.07 12.39
CA LYS H 24 -46.91 -20.53 13.73
C LYS H 24 -48.17 -20.38 14.56
N THR H 25 -48.79 -21.48 14.95
CA THR H 25 -50.04 -21.42 15.71
C THR H 25 -49.97 -22.04 17.10
N THR H 26 -50.62 -21.41 18.08
CA THR H 26 -50.70 -21.99 19.41
C THR H 26 -52.17 -22.26 19.72
N TYR H 27 -52.51 -23.51 20.02
CA TYR H 27 -53.91 -23.86 20.31
C TYR H 27 -54.06 -24.10 21.81
N ARG H 28 -54.93 -23.33 22.46
CA ARG H 28 -55.03 -23.44 23.92
C ARG H 28 -56.37 -23.96 24.34
N SER H 29 -56.39 -24.85 25.32
CA SER H 29 -57.67 -25.39 25.77
C SER H 29 -58.23 -24.63 26.97
N LYS H 30 -59.55 -24.57 27.05
CA LYS H 30 -60.24 -23.96 28.19
C LYS H 30 -60.67 -25.05 29.17
N LYS H 31 -60.78 -26.27 28.67
CA LYS H 31 -60.97 -27.39 29.56
C LYS H 31 -59.63 -27.58 30.28
N PRO H 32 -59.69 -27.92 31.58
CA PRO H 32 -58.56 -28.19 32.46
C PRO H 32 -57.64 -29.29 31.94
N ALA H 33 -56.34 -29.10 32.15
CA ALA H 33 -55.32 -30.03 31.67
C ALA H 33 -55.60 -31.51 32.03
N LYS H 34 -56.00 -31.77 33.27
CA LYS H 34 -56.21 -33.15 33.70
C LYS H 34 -57.26 -33.89 32.87
N ASN H 35 -58.26 -33.16 32.37
CA ASN H 35 -59.37 -33.83 31.67
C ASN H 35 -59.15 -33.95 30.17
N LEU H 36 -57.89 -33.91 29.75
CA LEU H 36 -57.56 -34.05 28.34
C LEU H 36 -56.67 -35.26 28.06
N LYS H 37 -56.95 -35.95 26.95
CA LYS H 37 -56.06 -37.02 26.50
C LYS H 37 -55.17 -36.53 25.40
N MET H 38 -54.04 -35.93 25.77
CA MET H 38 -53.11 -35.37 24.79
C MET H 38 -52.62 -36.36 23.74
N PRO H 39 -52.62 -35.90 22.48
CA PRO H 39 -52.04 -36.66 21.36
C PRO H 39 -50.51 -36.63 21.39
N GLY H 40 -49.92 -37.36 20.46
CA GLY H 40 -48.51 -37.19 20.18
C GLY H 40 -48.38 -36.34 18.96
N VAL H 41 -47.16 -36.26 18.43
CA VAL H 41 -46.94 -35.57 17.17
C VAL H 41 -47.84 -36.14 16.09
N TYR H 42 -48.44 -35.25 15.30
CA TYR H 42 -49.23 -35.70 14.18
C TYR H 42 -49.40 -34.61 13.11
N TYR H 43 -50.05 -34.97 12.01
CA TYR H 43 -50.17 -34.08 10.87
C TYR H 43 -51.60 -33.89 10.40
N VAL H 44 -51.91 -32.71 9.87
CA VAL H 44 -53.23 -32.49 9.29
C VAL H 44 -53.08 -32.06 7.87
N ASP H 45 -53.71 -32.78 6.94
CA ASP H 45 -53.70 -32.42 5.53
C ASP H 45 -55.01 -31.68 5.28
N ARG H 46 -54.90 -30.47 4.78
CA ARG H 46 -56.06 -29.70 4.44
C ARG H 46 -56.15 -29.42 2.96
N ARG H 47 -57.35 -29.10 2.49
CA ARG H 47 -57.49 -28.43 1.22
C ARG H 47 -58.59 -27.39 1.35
N LEU H 48 -58.20 -26.11 1.23
CA LEU H 48 -59.12 -24.99 1.38
C LEU H 48 -59.37 -24.31 0.03
N GLU H 49 -60.62 -24.22 -0.38
CA GLU H 49 -60.94 -23.78 -1.75
C GLU H 49 -62.06 -22.72 -1.81
N ARG H 50 -61.89 -21.69 -2.63
CA ARG H 50 -62.96 -20.70 -2.78
C ARG H 50 -64.06 -21.21 -3.74
N ILE H 51 -65.23 -21.56 -3.21
CA ILE H 51 -66.35 -22.01 -4.04
C ILE H 51 -66.87 -20.84 -4.89
N LYS H 52 -67.49 -19.88 -4.21
CA LYS H 52 -68.16 -18.78 -4.88
C LYS H 52 -67.56 -17.42 -4.43
N GLU H 53 -67.63 -16.41 -5.30
CA GLU H 53 -67.24 -15.06 -4.90
C GLU H 53 -68.05 -14.03 -5.67
N ALA H 54 -68.57 -13.03 -4.97
CA ALA H 54 -69.37 -11.98 -5.60
C ALA H 54 -69.03 -10.61 -5.00
N ASP H 55 -69.33 -9.55 -5.74
CA ASP H 55 -69.16 -8.18 -5.26
C ASP H 55 -67.72 -7.81 -4.84
N LYS H 56 -66.75 -8.01 -5.73
CA LYS H 56 -65.34 -7.66 -5.46
C LYS H 56 -64.84 -8.29 -4.17
N GLU H 57 -65.27 -9.53 -3.93
CA GLU H 57 -64.84 -10.30 -2.77
C GLU H 57 -65.54 -9.92 -1.45
N THR H 58 -66.67 -9.22 -1.54
CA THR H 58 -67.38 -8.82 -0.31
C THR H 58 -68.32 -9.93 0.11
N TYR H 59 -68.43 -10.94 -0.76
CA TYR H 59 -69.06 -12.21 -0.44
C TYR H 59 -68.18 -13.35 -0.92
N VAL H 60 -67.81 -14.25 -0.01
CA VAL H 60 -66.97 -15.36 -0.39
C VAL H 60 -67.47 -16.59 0.33
N GLU H 61 -67.57 -17.70 -0.40
CA GLU H 61 -67.98 -18.97 0.17
C GLU H 61 -66.86 -20.00 0.07
N GLN H 62 -66.48 -20.53 1.22
CA GLN H 62 -65.35 -21.42 1.37
C GLN H 62 -65.68 -22.86 1.77
N HIS H 63 -64.99 -23.80 1.16
CA HIS H 63 -65.07 -25.20 1.59
C HIS H 63 -63.71 -25.70 2.10
N GLU H 64 -63.73 -26.54 3.13
CA GLU H 64 -62.50 -27.14 3.66
C GLU H 64 -62.68 -28.63 3.97
N VAL H 65 -61.67 -29.40 3.60
CA VAL H 65 -61.55 -30.79 4.02
C VAL H 65 -60.25 -30.96 4.81
N ALA H 66 -60.35 -31.28 6.08
CA ALA H 66 -59.17 -31.49 6.93
C ALA H 66 -59.12 -32.93 7.44
N VAL H 67 -58.02 -33.63 7.21
CA VAL H 67 -57.83 -34.97 7.74
C VAL H 67 -56.48 -35.21 8.45
N ALA H 68 -56.55 -35.47 9.76
CA ALA H 68 -55.39 -35.81 10.61
C ALA H 68 -54.93 -37.28 10.59
N ARG H 69 -53.64 -37.49 10.81
CA ARG H 69 -53.04 -38.82 10.72
C ARG H 69 -51.80 -38.85 11.60
N TYR H 70 -51.22 -40.02 11.77
CA TYR H 70 -49.86 -40.13 12.24
C TYR H 70 -49.05 -40.55 11.05
N CYS H 71 -47.75 -40.60 11.22
CA CYS H 71 -46.96 -41.02 10.09
C CYS H 71 -47.34 -42.47 9.77
N ASP H 72 -47.83 -42.71 8.55
CA ASP H 72 -48.18 -44.06 8.09
C ASP H 72 -46.94 -44.90 7.92
N LEU H 73 -45.86 -44.23 7.52
CA LEU H 73 -44.59 -44.85 7.16
C LEU H 73 -43.99 -45.65 8.28
N PRO H 74 -43.37 -46.78 7.92
CA PRO H 74 -42.77 -47.69 8.88
C PRO H 74 -41.58 -47.01 9.56
N SER H 75 -41.36 -47.30 10.83
CA SER H 75 -40.24 -46.69 11.53
C SER H 75 -39.27 -47.78 11.97
N LYS H 76 -37.99 -47.61 11.66
CA LYS H 76 -36.93 -48.56 12.01
C LYS H 76 -36.89 -48.65 13.52
N LEU H 77 -37.13 -47.53 14.20
CA LEU H 77 -37.20 -47.55 15.65
C LEU H 77 -38.63 -47.97 16.09
N GLY H 78 -38.90 -47.89 17.39
CA GLY H 78 -40.15 -48.36 17.95
C GLY H 78 -41.17 -47.29 18.33
N HIS H 79 -41.16 -46.14 17.62
CA HIS H 79 -42.00 -44.98 17.98
C HIS H 79 -43.52 -45.30 18.03
N LYS H 80 -44.04 -46.11 17.10
CA LYS H 80 -45.47 -46.46 17.20
C LYS H 80 -46.15 -45.09 17.40
N GLY H 81 -46.95 -44.91 18.45
CA GLY H 81 -47.56 -43.61 18.73
C GLY H 81 -48.30 -43.03 17.55
N GLY H 82 -49.24 -43.81 17.01
CA GLY H 82 -49.68 -45.02 17.69
C GLY H 82 -50.62 -44.56 18.80
N THR H 83 -50.83 -45.38 19.84
CA THR H 83 -51.68 -44.96 20.96
C THR H 83 -53.09 -44.66 20.44
N GLY H 84 -53.63 -43.49 20.77
CA GLY H 84 -54.94 -43.11 20.30
C GLY H 84 -56.19 -43.46 21.08
N GLY H 85 -57.33 -43.05 20.53
CA GLY H 85 -58.63 -43.31 21.11
C GLY H 85 -59.16 -42.11 21.87
N SER H 86 -60.14 -41.42 21.28
CA SER H 86 -60.81 -40.33 21.97
C SER H 86 -62.30 -40.28 21.58
N MET H 87 -63.16 -39.90 22.53
CA MET H 87 -64.61 -39.75 22.29
C MET H 87 -65.08 -38.40 22.83
N SER H 88 -65.88 -37.67 22.05
CA SER H 88 -66.26 -36.28 22.37
C SER H 88 -67.76 -36.00 22.10
N GLU H 89 -68.62 -36.22 23.10
CA GLU H 89 -70.07 -36.32 22.84
C GLU H 89 -70.79 -35.04 22.42
N LEU H 90 -70.41 -33.90 22.98
CA LEU H 90 -71.15 -32.66 22.79
C LEU H 90 -71.29 -32.29 21.31
N ILE H 91 -70.29 -32.67 20.53
CA ILE H 91 -70.25 -32.49 19.08
C ILE H 91 -70.95 -33.63 18.34
N THR H 92 -72.14 -33.34 17.85
CA THR H 92 -72.86 -34.25 16.96
C THR H 92 -72.06 -34.36 15.64
N GLU H 93 -72.53 -35.17 14.70
CA GLU H 93 -71.82 -35.33 13.43
C GLU H 93 -72.39 -34.41 12.34
N ASN H 94 -73.34 -33.56 12.73
CA ASN H 94 -73.75 -32.41 11.92
C ASN H 94 -73.81 -31.11 12.75
N MET H 95 -72.88 -30.19 12.50
CA MET H 95 -72.77 -28.95 13.29
C MET H 95 -72.92 -27.64 12.51
N HIS H 96 -73.49 -26.64 13.18
CA HIS H 96 -73.66 -25.32 12.59
C HIS H 96 -72.72 -24.31 13.30
N MET H 97 -72.25 -23.29 12.58
CA MET H 97 -71.33 -22.30 13.14
CA MET H 97 -71.37 -22.29 13.19
C MET H 97 -71.72 -20.85 12.80
N LYS H 98 -71.43 -19.91 13.70
CA LYS H 98 -71.69 -18.47 13.47
C LYS H 98 -70.43 -17.69 13.81
N LEU H 99 -70.07 -16.71 12.98
CA LEU H 99 -68.79 -16.02 13.22
C LEU H 99 -68.78 -14.51 13.06
N TYR H 100 -68.01 -13.84 13.93
CA TYR H 100 -67.74 -12.42 13.80
C TYR H 100 -66.22 -12.16 13.77
N MET H 101 -65.79 -11.31 12.83
CA MET H 101 -64.37 -10.97 12.67
C MET H 101 -64.18 -9.45 12.55
N GLU H 102 -63.10 -8.94 13.15
CA GLU H 102 -62.78 -7.52 13.13
C GLU H 102 -61.26 -7.36 13.20
N GLY H 103 -60.71 -6.46 12.40
CA GLY H 103 -59.28 -6.22 12.43
C GLY H 103 -58.78 -5.28 11.36
N THR H 104 -57.46 -5.11 11.29
CA THR H 104 -56.86 -4.11 10.42
C THR H 104 -55.78 -4.75 9.52
N VAL H 105 -55.69 -4.32 8.28
CA VAL H 105 -54.63 -4.81 7.41
C VAL H 105 -54.05 -3.58 6.72
N ASN H 106 -52.84 -3.21 7.13
CA ASN H 106 -52.18 -2.02 6.59
C ASN H 106 -53.02 -0.74 6.75
N ASN H 107 -53.45 -0.50 8.00
CA ASN H 107 -54.23 0.70 8.41
C ASN H 107 -55.69 0.73 7.90
N HIS H 108 -56.09 -0.27 7.12
CA HIS H 108 -57.47 -0.32 6.61
C HIS H 108 -58.26 -1.27 7.50
N HIS H 109 -59.30 -0.74 8.13
CA HIS H 109 -60.15 -1.47 9.08
C HIS H 109 -61.35 -2.14 8.40
N PHE H 110 -61.86 -3.23 8.97
CA PHE H 110 -62.98 -3.96 8.35
C PHE H 110 -63.65 -4.95 9.32
N LYS H 111 -64.89 -5.33 9.00
CA LYS H 111 -65.63 -6.33 9.78
C LYS H 111 -66.31 -7.38 8.90
N CYS H 112 -66.34 -8.61 9.42
CA CYS H 112 -66.92 -9.75 8.72
C CYS H 112 -67.79 -10.60 9.64
N THR H 113 -68.89 -11.11 9.09
CA THR H 113 -69.69 -12.13 9.75
C THR H 113 -69.82 -13.32 8.80
N SER H 114 -70.05 -14.51 9.34
CA SER H 114 -70.25 -15.70 8.50
C SER H 114 -71.06 -16.74 9.25
N GLU H 115 -71.69 -17.62 8.50
CA GLU H 115 -72.39 -18.75 9.05
C GLU H 115 -72.12 -19.96 8.17
N GLY H 116 -72.08 -21.14 8.76
CA GLY H 116 -71.80 -22.35 7.99
C GLY H 116 -72.17 -23.64 8.66
N GLU H 117 -72.01 -24.74 7.92
CA GLU H 117 -72.28 -26.07 8.43
C GLU H 117 -71.29 -27.07 7.85
N GLY H 118 -70.96 -28.11 8.61
CA GLY H 118 -70.09 -29.16 8.12
C GLY H 118 -70.14 -30.43 8.97
N LYS H 119 -69.35 -31.42 8.57
CA LYS H 119 -69.34 -32.73 9.23
C LYS H 119 -68.02 -33.01 9.95
N PRO H 120 -67.97 -32.72 11.26
CA PRO H 120 -66.74 -32.72 12.07
C PRO H 120 -65.86 -33.98 11.95
N TYR H 121 -66.50 -35.13 12.10
CA TYR H 121 -65.80 -36.39 12.13
C TYR H 121 -65.32 -36.82 10.74
N GLU H 122 -65.99 -36.30 9.72
CA GLU H 122 -65.65 -36.50 8.31
C GLU H 122 -64.60 -35.48 7.83
N GLY H 123 -64.41 -34.39 8.57
CA GLY H 123 -63.46 -33.39 8.18
C GLY H 123 -63.89 -32.38 7.14
N THR H 124 -65.19 -32.22 6.93
CA THR H 124 -65.62 -31.28 5.92
C THR H 124 -66.39 -30.12 6.51
N GLN H 125 -66.42 -28.99 5.81
CA GLN H 125 -67.19 -27.84 6.30
C GLN H 125 -67.35 -26.81 5.20
N THR H 126 -68.36 -25.97 5.33
CA THR H 126 -68.54 -24.83 4.44
C THR H 126 -68.83 -23.54 5.22
N MET H 127 -68.38 -22.41 4.68
CA MET H 127 -68.52 -21.11 5.31
C MET H 127 -69.02 -20.09 4.31
N ARG H 128 -70.11 -19.43 4.65
CA ARG H 128 -70.68 -18.36 3.84
C ARG H 128 -70.38 -16.99 4.47
N ILE H 129 -69.60 -16.18 3.77
CA ILE H 129 -68.93 -15.04 4.40
C ILE H 129 -69.33 -13.71 3.77
N LYS H 130 -69.65 -12.75 4.64
CA LYS H 130 -70.06 -11.42 4.23
C LYS H 130 -69.09 -10.34 4.77
N VAL H 131 -68.63 -9.45 3.90
CA VAL H 131 -67.97 -8.22 4.37
C VAL H 131 -68.99 -7.12 4.76
N VAL H 132 -69.15 -6.87 6.05
CA VAL H 132 -70.23 -5.99 6.47
C VAL H 132 -69.76 -4.56 6.66
N GLU H 133 -68.46 -4.36 6.57
CA GLU H 133 -67.86 -3.05 6.76
C GLU H 133 -66.49 -2.86 6.13
N GLY H 134 -66.35 -1.77 5.39
CA GLY H 134 -65.04 -1.38 4.88
C GLY H 134 -64.74 -2.18 3.65
N GLY H 135 -65.80 -2.67 3.01
CA GLY H 135 -65.70 -3.23 1.69
C GLY H 135 -66.00 -2.18 0.66
N PRO H 136 -65.39 -2.29 -0.53
CA PRO H 136 -64.48 -3.39 -0.90
C PRO H 136 -63.08 -3.25 -0.31
N LEU H 137 -62.56 -4.37 0.18
CA LEU H 137 -61.20 -4.50 0.67
C LEU H 137 -60.18 -4.27 -0.43
N PRO H 138 -59.10 -3.51 -0.14
CA PRO H 138 -58.06 -3.22 -1.13
C PRO H 138 -56.99 -4.33 -1.17
N PHE H 139 -57.21 -5.38 -0.38
CA PHE H 139 -56.30 -6.53 -0.33
C PHE H 139 -56.97 -7.88 -0.65
N ALA H 140 -56.17 -8.78 -1.19
CA ALA H 140 -56.61 -10.12 -1.53
C ALA H 140 -57.28 -10.86 -0.37
N PHE H 141 -58.54 -11.28 -0.54
CA PHE H 141 -59.28 -11.90 0.55
C PHE H 141 -58.55 -13.13 1.11
N ASP H 142 -57.92 -13.90 0.21
CA ASP H 142 -57.14 -15.10 0.58
C ASP H 142 -56.44 -15.01 1.94
N ILE H 143 -55.80 -13.88 2.22
CA ILE H 143 -55.00 -13.78 3.44
C ILE H 143 -55.84 -13.89 4.73
N LEU H 144 -57.16 -13.96 4.56
CA LEU H 144 -58.07 -14.04 5.69
C LEU H 144 -58.63 -15.45 5.79
N ALA H 145 -58.53 -16.19 4.69
CA ALA H 145 -59.12 -17.52 4.56
C ALA H 145 -58.87 -18.42 5.78
N THR H 146 -57.60 -18.54 6.15
CA THR H 146 -57.15 -19.30 7.31
C THR H 146 -57.56 -18.76 8.67
N SER H 147 -58.50 -17.84 8.73
CA SER H 147 -58.74 -17.21 10.01
C SER H 147 -60.19 -17.45 10.39
N PHE H 148 -60.91 -18.04 9.44
CA PHE H 148 -62.30 -18.37 9.65
C PHE H 148 -62.38 -19.73 10.35
N SER H 150 -61.52 -23.20 11.95
CA SER H 150 -62.47 -24.13 12.54
C SER H 150 -61.85 -25.48 12.85
N LYS H 151 -61.17 -25.54 13.99
CA LYS H 151 -60.32 -26.69 14.30
C LYS H 151 -61.11 -27.97 14.62
N THR H 152 -62.38 -27.79 14.95
CA THR H 152 -63.29 -28.89 15.27
C THR H 152 -63.61 -29.84 14.08
N PHE H 153 -63.58 -29.33 12.85
CA PHE H 153 -63.93 -30.16 11.68
C PHE H 153 -62.71 -30.83 11.06
N ILE H 154 -61.88 -31.38 11.94
CA ILE H 154 -60.80 -32.26 11.53
C ILE H 154 -61.18 -33.71 11.83
N ASN H 155 -61.24 -34.50 10.77
CA ASN H 155 -61.46 -35.94 10.90
C ASN H 155 -60.32 -36.64 11.61
N HIS H 156 -60.42 -36.85 12.92
CA HIS H 156 -59.37 -37.64 13.52
C HIS H 156 -59.75 -39.09 13.32
N THR H 157 -59.13 -39.70 12.30
CA THR H 157 -59.25 -41.12 12.04
C THR H 157 -58.12 -41.79 12.77
N GLN H 158 -58.24 -43.10 12.92
CA GLN H 158 -57.21 -43.86 13.57
C GLN H 158 -57.60 -43.60 15.02
N GLY H 159 -56.68 -43.73 15.95
CA GLY H 159 -57.03 -43.47 17.33
C GLY H 159 -56.55 -42.12 17.78
N ILE H 160 -56.06 -41.28 16.89
CA ILE H 160 -55.56 -40.01 17.38
C ILE H 160 -56.65 -39.23 18.12
N PRO H 161 -56.30 -38.75 19.33
CA PRO H 161 -57.09 -37.92 20.25
C PRO H 161 -57.41 -36.54 19.69
N ASP H 162 -58.69 -36.20 19.64
CA ASP H 162 -59.18 -34.93 19.13
C ASP H 162 -59.18 -33.85 20.23
N PHE H 163 -58.14 -33.03 20.23
CA PHE H 163 -57.88 -32.04 21.30
C PHE H 163 -58.95 -30.95 21.30
N PHE H 164 -59.61 -30.80 20.16
CA PHE H 164 -60.58 -29.73 20.01
C PHE H 164 -61.96 -30.17 20.43
N LYS H 165 -62.32 -31.39 20.07
CA LYS H 165 -63.62 -31.89 20.46
C LYS H 165 -63.71 -32.27 21.93
N GLN H 166 -62.59 -32.71 22.48
CA GLN H 166 -62.56 -33.00 23.89
C GLN H 166 -62.84 -31.75 24.70
N SER H 167 -62.28 -30.64 24.20
CA SER H 167 -62.34 -29.33 24.87
C SER H 167 -63.73 -28.85 25.28
N PHE H 168 -64.74 -29.17 24.48
CA PHE H 168 -66.14 -28.75 24.69
C PHE H 168 -66.78 -29.35 25.93
N PRO H 169 -67.63 -28.56 26.63
CA PRO H 169 -68.24 -27.27 26.21
C PRO H 169 -67.44 -25.95 26.44
N GLU H 170 -66.54 -25.94 27.41
CA GLU H 170 -65.79 -24.72 27.70
C GLU H 170 -65.35 -24.04 26.39
N GLY H 171 -64.75 -24.80 25.48
CA GLY H 171 -64.24 -24.24 24.24
C GLY H 171 -62.73 -24.14 24.19
N PHE H 172 -62.20 -23.55 23.12
CA PHE H 172 -60.75 -23.33 23.00
C PHE H 172 -60.41 -22.06 22.22
N THR H 173 -59.23 -21.51 22.46
CA THR H 173 -58.73 -20.45 21.59
C THR H 173 -57.54 -20.81 20.71
N TRP H 174 -57.35 -20.01 19.67
CA TRP H 174 -56.07 -19.99 18.98
C TRP H 174 -55.51 -18.58 18.68
N GLU H 175 -54.22 -18.53 18.41
CA GLU H 175 -53.51 -17.31 18.09
C GLU H 175 -52.31 -17.71 17.19
N ARG H 176 -52.19 -16.97 16.10
CA ARG H 176 -51.35 -17.37 14.99
C ARG H 176 -50.59 -16.20 14.40
N VAL H 177 -49.38 -16.47 13.92
CA VAL H 177 -48.61 -15.46 13.22
C VAL H 177 -48.25 -15.99 11.84
N THR H 178 -48.90 -15.45 10.81
CA THR H 178 -48.65 -15.88 9.45
C THR H 178 -47.61 -14.98 8.85
N THR H 179 -46.55 -15.55 8.32
CA THR H 179 -45.42 -14.73 7.93
C THR H 179 -45.08 -14.91 6.47
N TYR H 180 -45.54 -13.97 5.63
CA TYR H 180 -45.20 -13.98 4.23
C TYR H 180 -43.77 -13.70 3.93
N GLU H 181 -43.29 -14.30 2.85
CA GLU H 181 -41.89 -14.20 2.48
C GLU H 181 -41.62 -12.90 1.74
N ASP H 182 -42.67 -12.12 1.45
CA ASP H 182 -42.47 -10.84 0.77
C ASP H 182 -42.43 -9.69 1.80
N GLY H 183 -42.91 -9.97 3.02
CA GLY H 183 -42.70 -9.10 4.15
C GLY H 183 -43.92 -8.98 5.05
N GLY H 184 -45.08 -9.25 4.48
CA GLY H 184 -46.32 -9.13 5.21
C GLY H 184 -46.33 -10.00 6.44
N VAL H 185 -47.15 -9.65 7.43
CA VAL H 185 -47.24 -10.41 8.67
C VAL H 185 -48.71 -10.24 9.10
N LEU H 186 -49.38 -11.32 9.43
CA LEU H 186 -50.78 -11.26 9.82
C LEU H 186 -50.95 -12.16 11.01
N THR H 187 -51.23 -11.54 12.15
CA THR H 187 -51.51 -12.29 13.36
C THR H 187 -53.01 -12.37 13.55
N ALA H 188 -53.45 -13.38 14.29
CA ALA H 188 -54.88 -13.54 14.54
C ALA H 188 -55.11 -14.23 15.86
N THR H 189 -56.02 -13.67 16.66
CA THR H 189 -56.41 -14.31 17.91
C THR H 189 -57.87 -14.70 17.73
N GLN H 190 -58.30 -15.79 18.37
CA GLN H 190 -59.61 -16.38 18.06
C GLN H 190 -60.18 -17.07 19.28
N ASP H 191 -61.50 -17.01 19.45
CA ASP H 191 -62.15 -17.72 20.55
C ASP H 191 -63.22 -18.66 20.01
N THR H 192 -63.11 -19.94 20.37
CA THR H 192 -64.15 -20.88 20.02
C THR H 192 -64.98 -21.13 21.28
N SER H 193 -66.24 -21.46 21.10
CA SER H 193 -67.13 -21.68 22.24
C SER H 193 -68.37 -22.33 21.71
N LEU H 194 -69.16 -22.86 22.65
CA LEU H 194 -70.39 -23.58 22.34
C LEU H 194 -71.59 -22.97 23.09
N GLN H 195 -72.62 -22.53 22.37
CA GLN H 195 -73.81 -21.91 22.97
C GLN H 195 -75.05 -22.45 22.25
N ASP H 196 -75.82 -23.29 22.94
CA ASP H 196 -77.07 -23.83 22.41
C ASP H 196 -76.87 -24.76 21.20
N GLY H 197 -75.75 -25.48 21.19
CA GLY H 197 -75.47 -26.44 20.14
C GLY H 197 -74.95 -25.87 18.83
N CYS H 198 -74.66 -24.57 18.86
CA CYS H 198 -74.02 -23.90 17.74
C CYS H 198 -72.57 -23.56 18.07
N LEU H 199 -71.68 -23.75 17.10
CA LEU H 199 -70.30 -23.35 17.29
C LEU H 199 -70.11 -21.85 17.00
N ILE H 200 -69.57 -21.14 17.98
CA ILE H 200 -69.42 -19.69 17.88
C ILE H 200 -67.97 -19.22 17.80
N TYR H 201 -67.62 -18.60 16.68
CA TYR H 201 -66.28 -18.10 16.43
C TYR H 201 -66.19 -16.59 16.61
N ASN H 202 -65.16 -16.12 17.31
CA ASN H 202 -64.84 -14.69 17.44
C ASN H 202 -63.41 -14.41 17.07
N VAL H 203 -63.20 -13.77 15.92
CA VAL H 203 -61.84 -13.50 15.48
C VAL H 203 -61.36 -12.06 15.55
N LYS H 204 -60.04 -11.86 15.57
CA LYS H 204 -59.47 -10.53 15.45
C LYS H 204 -58.17 -10.63 14.63
N ILE H 205 -58.05 -9.71 13.68
CA ILE H 205 -56.94 -9.70 12.73
C ILE H 205 -56.14 -8.44 12.95
N ARG H 206 -54.82 -8.55 12.81
CA ARG H 206 -54.00 -7.36 12.73
C ARG H 206 -52.78 -7.62 11.86
N GLY H 207 -52.88 -7.29 10.57
CA GLY H 207 -51.81 -7.56 9.62
C GLY H 207 -51.10 -6.28 9.21
N VAL H 208 -49.79 -6.35 9.01
CA VAL H 208 -48.99 -5.17 8.69
C VAL H 208 -47.83 -5.45 7.72
N ASN H 209 -47.29 -4.39 7.14
CA ASN H 209 -46.07 -4.48 6.35
CA ASN H 209 -46.08 -4.48 6.35
C ASN H 209 -46.20 -5.23 5.02
N PHE H 210 -47.43 -5.45 4.56
CA PHE H 210 -47.67 -6.00 3.23
C PHE H 210 -47.26 -5.02 2.15
N PRO H 211 -46.31 -5.44 1.28
CA PRO H 211 -45.81 -4.56 0.23
C PRO H 211 -46.95 -3.97 -0.58
N SER H 212 -46.95 -2.66 -0.82
CA SER H 212 -48.06 -2.02 -1.54
C SER H 212 -48.10 -2.42 -3.03
N ASN H 213 -46.92 -2.62 -3.62
CA ASN H 213 -46.75 -3.02 -5.02
C ASN H 213 -46.39 -4.51 -5.17
N GLY H 214 -46.93 -5.33 -4.28
CA GLY H 214 -46.70 -6.76 -4.30
C GLY H 214 -48.04 -7.41 -4.54
N PRO H 215 -48.04 -8.73 -4.80
CA PRO H 215 -49.26 -9.46 -5.17
C PRO H 215 -50.42 -9.24 -4.21
N VAL H 216 -50.18 -9.24 -2.91
CA VAL H 216 -51.27 -9.16 -1.96
C VAL H 216 -52.12 -7.87 -2.01
N MET H 217 -51.50 -6.72 -2.23
CA MET H 217 -52.22 -5.45 -2.23
C MET H 217 -52.86 -5.20 -3.58
N GLN H 218 -52.20 -5.71 -4.61
CA GLN H 218 -52.71 -5.56 -5.96
C GLN H 218 -53.76 -6.62 -6.30
N LYS H 219 -53.94 -7.60 -5.43
CA LYS H 219 -54.99 -8.60 -5.60
C LYS H 219 -54.72 -9.59 -6.69
N LYS H 220 -53.48 -9.68 -7.13
CA LYS H 220 -53.10 -10.68 -8.10
C LYS H 220 -52.90 -12.10 -7.57
N THR H 221 -53.80 -12.54 -6.70
CA THR H 221 -53.77 -13.90 -6.14
C THR H 221 -54.98 -14.78 -6.53
N LEU H 222 -54.82 -16.09 -6.43
CA LEU H 222 -55.84 -17.03 -6.88
C LEU H 222 -56.00 -18.25 -5.98
N GLY H 223 -56.44 -18.06 -4.73
CA GLY H 223 -56.60 -19.14 -3.76
C GLY H 223 -55.34 -19.86 -3.32
N TRP H 224 -55.46 -20.70 -2.28
CA TRP H 224 -54.36 -21.56 -1.81
C TRP H 224 -54.21 -22.97 -2.39
N GLU H 225 -52.99 -23.50 -2.32
CA GLU H 225 -52.76 -24.91 -2.55
C GLU H 225 -53.09 -25.62 -1.26
N ALA H 226 -53.19 -26.94 -1.30
CA ALA H 226 -53.40 -27.70 -0.08
C ALA H 226 -52.14 -27.57 0.76
N SER H 227 -52.23 -28.00 2.01
CA SER H 227 -51.12 -27.82 2.92
C SER H 227 -51.04 -28.89 3.98
N THR H 228 -49.92 -28.96 4.66
CA THR H 228 -49.84 -29.87 5.77
C THR H 228 -49.47 -29.10 7.03
N GLU H 229 -50.29 -29.24 8.06
CA GLU H 229 -49.94 -28.71 9.37
C GLU H 229 -49.35 -29.81 10.24
N MET H 230 -48.23 -29.51 10.89
CA MET H 230 -47.66 -30.40 11.89
C MET H 230 -48.11 -29.96 13.27
N LEU H 231 -48.73 -30.84 14.04
CA LEU H 231 -49.24 -30.48 15.38
C LEU H 231 -48.49 -31.21 16.51
N TYR H 232 -48.15 -30.46 17.56
CA TYR H 232 -47.36 -31.00 18.65
C TYR H 232 -47.64 -30.36 20.01
N PRO H 233 -47.65 -31.18 21.07
CA PRO H 233 -47.97 -30.80 22.46
C PRO H 233 -46.79 -30.07 23.08
N ALA H 234 -47.05 -29.07 23.92
CA ALA H 234 -46.03 -28.44 24.76
C ALA H 234 -46.63 -27.91 26.08
N ASP H 235 -45.76 -27.61 27.05
CA ASP H 235 -46.16 -27.04 28.35
C ASP H 235 -47.63 -27.26 28.77
#